data_9UOS
#
_entry.id   9UOS
#
_cell.length_a   122.820
_cell.length_b   122.820
_cell.length_c   290.907
_cell.angle_alpha   90.00
_cell.angle_beta   90.00
_cell.angle_gamma   120.00
#
_symmetry.space_group_name_H-M   'P 61'
#
loop_
_entity.id
_entity.type
_entity.pdbx_description
1 polymer '3C-like protease'
2 non-polymer (2~{S})-2-[[(2~{S})-3,3-dimethyl-2-[2,2,2-tris(fluoranyl)ethanoylamino]butanoyl]amino]-4-methyl-~{N}-[(2~{S})-1-oxidanylidene-3-[(3~{S})-2-oxidanylidenepyrrolidin-3-yl]propan-2-yl]pentanamide
3 water water
#
_entity_poly.entity_id   1
_entity_poly.type   'polypeptide(L)'
_entity_poly.pdbx_seq_one_letter_code
;AGIKILLHPSGVVERCMVSVVYNGSALNGIWLKNVVYCPRHVIGKFRGDQWTHMVSIADCRDFIVKCPIQGIQLNVQSVK
MVGALLQLTVHTNNTATPDYKFERLQPGSSMTIACAYDGIVRHVYHVVLQLNNLIYASFLNGACGSVGYTLKGKTLYLHY
MHHIEFNNKTHSGTDLEGNFYGPYVDEEVIQQQTAFQYYTDNVVAQLYAHLLTVDARPKWLAQSQISIEDFNSWAANNSF
ANFPCEQTNMSYIMGLSQTARVPVERILNTIIQLTTNRDGACIMGSYDFECDWTPEMVYNQ
;
_entity_poly.pdbx_strand_id   A,B,C,D,E,F
#
# COMPACT_ATOMS: atom_id res chain seq x y z
N GLY A 2 30.99 2.37 -5.07
CA GLY A 2 30.38 2.16 -3.77
C GLY A 2 30.42 3.43 -2.97
N ILE A 3 29.73 3.46 -1.83
CA ILE A 3 29.67 4.64 -0.96
C ILE A 3 30.06 4.19 0.44
N LYS A 4 31.24 4.62 0.90
CA LYS A 4 31.80 4.15 2.15
C LYS A 4 32.01 5.33 3.10
N ILE A 5 32.12 5.00 4.39
CA ILE A 5 32.57 5.95 5.40
C ILE A 5 34.07 6.14 5.19
N LEU A 6 34.47 7.31 4.68
CA LEU A 6 35.86 7.58 4.35
C LEU A 6 36.54 8.31 5.49
N LEU A 7 37.70 7.78 5.92
CA LEU A 7 38.53 8.42 6.92
C LEU A 7 39.72 9.12 6.27
N HIS A 8 40.23 10.12 6.97
CA HIS A 8 41.40 10.75 6.36
C HIS A 8 42.68 10.05 6.80
N PRO A 9 43.64 9.91 5.89
CA PRO A 9 44.91 9.24 6.25
C PRO A 9 45.54 9.86 7.48
N SER A 10 45.93 8.99 8.42
CA SER A 10 46.37 9.40 9.76
C SER A 10 47.87 9.65 9.86
N GLY A 11 48.65 9.34 8.83
CA GLY A 11 50.10 9.46 8.93
C GLY A 11 50.58 10.84 9.34
N VAL A 12 49.89 11.88 8.88
CA VAL A 12 50.27 13.24 9.28
C VAL A 12 50.11 13.42 10.78
N VAL A 13 49.11 12.79 11.38
CA VAL A 13 48.85 12.98 12.81
C VAL A 13 49.79 12.13 13.65
N GLU A 14 50.14 10.93 13.17
CA GLU A 14 51.04 10.06 13.91
C GLU A 14 52.42 10.71 14.08
N ARG A 15 52.90 11.37 13.04
CA ARG A 15 54.23 11.96 13.12
C ARG A 15 54.29 13.14 14.09
N CYS A 16 53.15 13.63 14.57
CA CYS A 16 53.08 14.76 15.49
C CYS A 16 52.57 14.39 16.87
N MET A 17 52.18 13.15 17.08
CA MET A 17 51.67 12.73 18.38
C MET A 17 52.82 12.55 19.37
N VAL A 18 52.56 12.88 20.63
CA VAL A 18 53.51 12.74 21.72
C VAL A 18 52.72 12.31 22.95
N SER A 19 53.45 11.86 23.97
CA SER A 19 52.88 11.47 25.24
C SER A 19 53.30 12.47 26.32
N VAL A 20 52.37 12.82 27.19
CA VAL A 20 52.61 13.77 28.28
C VAL A 20 52.30 13.07 29.58
N VAL A 21 53.27 13.02 30.49
CA VAL A 21 53.11 12.39 31.80
C VAL A 21 53.46 13.41 32.88
N TYR A 22 52.58 13.55 33.87
CA TYR A 22 52.76 14.53 34.94
C TYR A 22 52.35 13.88 36.26
N ASN A 23 53.34 13.53 37.07
CA ASN A 23 53.13 13.01 38.43
C ASN A 23 52.12 11.87 38.44
N GLY A 24 52.38 10.85 37.62
CA GLY A 24 51.57 9.66 37.56
C GLY A 24 50.38 9.73 36.63
N SER A 25 50.02 10.91 36.16
CA SER A 25 48.94 11.07 35.20
C SER A 25 49.53 11.09 33.79
N ALA A 26 48.97 10.27 32.90
CA ALA A 26 49.49 10.14 31.55
C ALA A 26 48.38 10.29 30.53
N LEU A 27 48.62 11.11 29.50
CA LEU A 27 47.71 11.25 28.39
C LEU A 27 48.53 11.63 27.16
N ASN A 28 47.84 11.91 26.06
CA ASN A 28 48.50 12.20 24.79
C ASN A 28 48.59 13.70 24.54
N GLY A 29 49.30 14.05 23.48
CA GLY A 29 49.43 15.43 23.04
C GLY A 29 49.88 15.48 21.60
N ILE A 30 49.59 16.61 20.96
CA ILE A 30 50.02 16.87 19.59
C ILE A 30 51.07 17.97 19.60
N TRP A 31 52.05 17.85 18.71
CA TRP A 31 53.28 18.65 18.70
C TRP A 31 53.40 19.33 17.33
N LEU A 32 53.03 20.60 17.26
CA LEU A 32 53.13 21.38 16.03
C LEU A 32 54.01 22.60 16.29
N LYS A 33 54.95 22.85 15.40
CA LYS A 33 55.97 23.92 15.56
C LYS A 33 56.73 23.60 16.85
N ASN A 34 56.86 24.55 17.78
CA ASN A 34 57.60 24.31 19.02
C ASN A 34 56.69 24.30 20.25
N VAL A 35 55.41 23.97 20.07
CA VAL A 35 54.47 23.95 21.18
C VAL A 35 53.73 22.61 21.18
N VAL A 36 53.52 22.06 22.37
CA VAL A 36 52.74 20.84 22.57
C VAL A 36 51.39 21.22 23.16
N TYR A 37 50.31 20.69 22.58
CA TYR A 37 48.96 20.88 23.08
C TYR A 37 48.47 19.59 23.71
N CYS A 38 47.92 19.70 24.92
CA CYS A 38 47.38 18.53 25.62
C CYS A 38 46.34 19.03 26.62
N PRO A 39 45.40 18.16 27.02
CA PRO A 39 44.37 18.58 27.99
C PRO A 39 44.98 19.02 29.31
N ARG A 40 44.31 19.98 29.96
CA ARG A 40 44.88 20.59 31.15
C ARG A 40 44.78 19.71 32.38
N HIS A 41 43.86 18.74 32.41
CA HIS A 41 43.70 17.91 33.61
C HIS A 41 44.82 16.89 33.77
N VAL A 42 45.88 16.96 32.97
CA VAL A 42 47.05 16.15 33.21
C VAL A 42 47.77 16.57 34.49
N ILE A 43 47.57 17.81 34.96
CA ILE A 43 48.22 18.25 36.20
C ILE A 43 47.36 18.00 37.43
N GLY A 44 46.17 17.50 37.27
CA GLY A 44 45.28 17.25 38.39
C GLY A 44 43.84 17.33 37.96
N LYS A 45 42.94 17.03 38.90
CA LYS A 45 41.51 17.05 38.67
C LYS A 45 40.92 18.23 39.46
N PHE A 46 41.07 19.43 38.93
CA PHE A 46 40.63 20.63 39.62
C PHE A 46 39.32 21.13 39.04
N ARG A 47 38.69 22.07 39.75
CA ARG A 47 37.35 22.54 39.43
C ARG A 47 37.36 24.05 39.24
N GLY A 48 36.39 24.52 38.46
CA GLY A 48 36.08 25.95 38.41
C GLY A 48 37.25 26.81 37.95
N ASP A 49 37.65 27.76 38.79
CA ASP A 49 38.72 28.70 38.47
C ASP A 49 40.02 28.39 39.21
N GLN A 50 40.19 27.15 39.66
CA GLN A 50 41.46 26.75 40.28
C GLN A 50 42.57 26.53 39.26
N TRP A 51 42.24 26.51 37.96
CA TRP A 51 43.21 26.05 36.97
C TRP A 51 44.36 27.05 36.82
N THR A 52 44.05 28.34 36.71
CA THR A 52 45.09 29.32 36.39
C THR A 52 46.16 29.38 37.46
N HIS A 53 45.78 29.21 38.73
CA HIS A 53 46.79 29.21 39.79
C HIS A 53 47.60 27.92 39.79
N MET A 54 46.93 26.77 39.64
CA MET A 54 47.63 25.50 39.68
C MET A 54 48.60 25.36 38.51
N VAL A 55 48.23 25.87 37.34
CA VAL A 55 49.13 25.80 36.19
C VAL A 55 50.35 26.67 36.40
N SER A 56 50.16 27.85 37.00
CA SER A 56 51.26 28.81 37.14
C SER A 56 52.32 28.31 38.13
N ILE A 57 51.95 27.39 39.02
CA ILE A 57 52.91 26.79 39.97
C ILE A 57 53.40 25.42 39.51
N ALA A 58 52.95 24.95 38.35
CA ALA A 58 53.37 23.64 37.85
C ALA A 58 54.79 23.72 37.31
N ASP A 59 55.67 22.89 37.86
CA ASP A 59 57.07 22.89 37.46
C ASP A 59 57.23 22.28 36.08
N CYS A 60 57.90 23.00 35.17
CA CYS A 60 58.12 22.49 33.83
C CYS A 60 59.00 21.25 33.82
N ARG A 61 59.81 21.04 34.86
CA ARG A 61 60.64 19.85 34.96
C ARG A 61 59.82 18.59 35.22
N ASP A 62 58.56 18.72 35.63
CA ASP A 62 57.70 17.58 35.90
C ASP A 62 56.94 17.10 34.68
N PHE A 63 57.05 17.81 33.55
CA PHE A 63 56.39 17.41 32.30
C PHE A 63 57.34 16.52 31.51
N ILE A 64 57.04 15.23 31.47
CA ILE A 64 57.83 14.25 30.73
C ILE A 64 57.16 14.06 29.37
N VAL A 65 57.70 14.71 28.35
CA VAL A 65 57.11 14.71 27.01
C VAL A 65 58.04 13.95 26.08
N LYS A 66 57.52 12.88 25.45
CA LYS A 66 58.25 12.05 24.50
C LYS A 66 57.45 11.85 23.23
N CYS A 67 58.14 11.88 22.09
CA CYS A 67 57.58 11.61 20.78
C CYS A 67 58.08 10.25 20.29
N PRO A 68 57.31 9.16 20.45
CA PRO A 68 57.90 7.84 20.21
C PRO A 68 58.19 7.56 18.74
N ILE A 69 57.44 8.15 17.80
CA ILE A 69 57.65 7.89 16.39
C ILE A 69 58.93 8.53 15.86
N GLN A 70 59.51 9.47 16.60
CA GLN A 70 60.76 10.11 16.21
C GLN A 70 61.89 9.85 17.19
N GLY A 71 61.66 9.07 18.26
CA GLY A 71 62.69 8.78 19.22
C GLY A 71 63.19 9.99 19.97
N ILE A 72 62.39 11.04 20.07
CA ILE A 72 62.78 12.30 20.68
C ILE A 72 62.09 12.45 22.02
N GLN A 73 62.84 12.83 23.05
CA GLN A 73 62.26 13.27 24.31
C GLN A 73 62.34 14.79 24.37
N LEU A 74 61.22 15.42 24.64
CA LEU A 74 61.14 16.88 24.60
C LEU A 74 61.33 17.47 25.99
N ASN A 75 61.85 18.69 26.02
CA ASN A 75 62.02 19.46 27.24
C ASN A 75 61.16 20.70 27.17
N VAL A 76 60.42 20.98 28.24
CA VAL A 76 59.42 22.04 28.25
C VAL A 76 60.06 23.32 28.80
N GLN A 77 59.97 24.40 28.01
CA GLN A 77 60.49 25.69 28.46
C GLN A 77 59.46 26.42 29.32
N SER A 78 58.32 26.76 28.73
CA SER A 78 57.26 27.46 29.44
C SER A 78 55.94 26.72 29.24
N VAL A 79 55.01 26.97 30.15
CA VAL A 79 53.67 26.39 30.09
C VAL A 79 52.66 27.51 30.28
N LYS A 80 51.66 27.55 29.40
CA LYS A 80 50.57 28.50 29.51
C LYS A 80 49.28 27.78 29.17
N MET A 81 48.21 28.11 29.90
CA MET A 81 46.90 27.51 29.68
C MET A 81 46.10 28.38 28.74
N VAL A 82 45.67 27.81 27.62
CA VAL A 82 44.78 28.48 26.69
C VAL A 82 43.48 27.69 26.66
N GLY A 83 42.41 28.31 27.16
CA GLY A 83 41.17 27.57 27.31
C GLY A 83 41.34 26.45 28.30
N ALA A 84 40.80 25.28 27.96
CA ALA A 84 40.98 24.08 28.76
C ALA A 84 42.18 23.27 28.32
N LEU A 85 43.10 23.86 27.56
CA LEU A 85 44.24 23.16 27.03
C LEU A 85 45.52 23.76 27.61
N LEU A 86 46.57 22.94 27.62
CA LEU A 86 47.90 23.37 28.00
C LEU A 86 48.76 23.49 26.76
N GLN A 87 49.37 24.65 26.57
CA GLN A 87 50.33 24.89 25.49
C GLN A 87 51.73 24.84 26.11
N LEU A 88 52.44 23.75 25.85
CA LEU A 88 53.76 23.51 26.42
C LEU A 88 54.82 23.84 25.39
N THR A 89 55.53 24.95 25.59
CA THR A 89 56.58 25.37 24.68
C THR A 89 57.82 24.49 24.87
N VAL A 90 58.29 23.90 23.77
CA VAL A 90 59.49 23.07 23.81
C VAL A 90 60.62 23.77 23.05
N HIS A 91 61.84 23.28 23.26
CA HIS A 91 63.00 23.90 22.65
C HIS A 91 63.24 23.43 21.23
N THR A 92 62.52 22.41 20.77
CA THR A 92 62.77 21.78 19.49
C THR A 92 61.56 21.94 18.59
N ASN A 93 61.81 22.39 17.36
CA ASN A 93 60.75 22.56 16.37
C ASN A 93 60.44 21.22 15.74
N ASN A 94 59.16 20.90 15.63
CA ASN A 94 58.75 19.65 15.00
C ASN A 94 59.01 19.75 13.50
N THR A 95 59.94 18.94 13.00
CA THR A 95 60.27 18.98 11.58
C THR A 95 59.12 18.48 10.72
N ALA A 96 58.27 17.62 11.26
CA ALA A 96 57.14 17.06 10.53
C ALA A 96 55.89 17.93 10.61
N THR A 97 55.99 19.14 11.14
CA THR A 97 54.83 20.02 11.25
C THR A 97 54.30 20.38 9.88
N PRO A 98 53.06 20.01 9.54
CA PRO A 98 52.51 20.42 8.24
C PRO A 98 51.84 21.78 8.31
N ASP A 99 51.36 22.28 7.18
CA ASP A 99 50.47 23.42 7.20
C ASP A 99 49.16 23.01 7.87
N TYR A 100 48.84 23.64 9.00
CA TYR A 100 47.67 23.26 9.76
C TYR A 100 46.79 24.48 10.03
N LYS A 101 45.60 24.20 10.56
CA LYS A 101 44.62 25.24 10.87
C LYS A 101 43.68 24.71 11.94
N PHE A 102 43.42 25.52 12.96
CA PHE A 102 42.48 25.15 14.02
C PHE A 102 41.09 25.56 13.56
N GLU A 103 40.28 24.59 13.15
CA GLU A 103 38.94 24.86 12.63
C GLU A 103 37.92 24.21 13.54
N ARG A 104 37.01 25.04 14.08
CA ARG A 104 35.96 24.54 14.94
C ARG A 104 34.82 23.95 14.10
N LEU A 105 34.39 22.75 14.47
CA LEU A 105 33.31 22.08 13.75
C LEU A 105 31.95 22.64 14.18
N GLN A 106 30.97 22.53 13.28
CA GLN A 106 29.58 22.72 13.62
C GLN A 106 28.88 21.36 13.72
N PRO A 107 27.79 21.25 14.48
CA PRO A 107 27.12 19.95 14.57
C PRO A 107 26.65 19.48 13.19
N GLY A 108 26.71 18.16 12.99
CA GLY A 108 26.39 17.55 11.72
C GLY A 108 27.58 17.25 10.84
N SER A 109 28.74 17.81 11.15
CA SER A 109 29.93 17.58 10.35
C SER A 109 30.75 16.42 10.92
N SER A 110 31.52 15.78 10.04
CA SER A 110 32.30 14.61 10.41
C SER A 110 33.76 14.98 10.61
N MET A 111 34.50 14.04 11.20
CA MET A 111 35.93 14.16 11.41
C MET A 111 36.48 12.78 11.71
N THR A 112 37.77 12.59 11.44
CA THR A 112 38.44 11.34 11.74
C THR A 112 39.12 11.44 13.10
N ILE A 113 38.81 10.49 13.98
CA ILE A 113 39.44 10.43 15.31
C ILE A 113 40.67 9.55 15.24
N ALA A 114 41.81 10.08 15.66
CA ALA A 114 43.04 9.31 15.81
C ALA A 114 43.23 9.06 17.31
N CYS A 115 42.67 7.94 17.76
CA CYS A 115 42.69 7.50 19.15
C CYS A 115 44.08 6.98 19.53
N ALA A 116 44.78 7.70 20.39
CA ALA A 116 46.15 7.33 20.73
C ALA A 116 46.30 6.94 22.20
N TYR A 117 47.32 6.13 22.48
CA TYR A 117 47.74 5.82 23.83
C TYR A 117 49.26 5.91 23.90
N ASP A 118 49.77 6.56 24.93
CA ASP A 118 51.22 6.67 25.16
C ASP A 118 51.93 7.25 23.93
N GLY A 119 51.30 8.23 23.29
CA GLY A 119 51.89 8.91 22.16
C GLY A 119 51.77 8.20 20.84
N ILE A 120 51.21 6.99 20.80
CA ILE A 120 51.07 6.23 19.58
C ILE A 120 49.59 6.02 19.31
N VAL A 121 49.17 6.28 18.07
CA VAL A 121 47.78 6.07 17.71
C VAL A 121 47.54 4.59 17.46
N ARG A 122 46.52 4.04 18.10
CA ARG A 122 46.15 2.63 18.03
C ARG A 122 44.97 2.38 17.10
N HIS A 123 43.95 3.25 17.12
CA HIS A 123 42.78 3.08 16.27
C HIS A 123 42.38 4.41 15.65
N VAL A 124 41.91 4.36 14.41
CA VAL A 124 41.29 5.52 13.78
C VAL A 124 39.86 5.14 13.44
N TYR A 125 38.94 6.08 13.65
CA TYR A 125 37.54 5.83 13.34
C TYR A 125 36.85 7.16 13.08
N HIS A 126 35.59 7.08 12.66
CA HIS A 126 34.85 8.20 12.12
C HIS A 126 33.71 8.56 13.08
N VAL A 127 33.58 9.86 13.38
CA VAL A 127 32.51 10.37 14.24
C VAL A 127 31.94 11.64 13.63
N VAL A 128 30.75 11.98 14.10
CA VAL A 128 30.03 13.18 13.68
C VAL A 128 29.62 13.94 14.92
N LEU A 129 29.93 15.23 14.97
CA LEU A 129 29.52 16.07 16.09
C LEU A 129 28.00 16.16 16.13
N GLN A 130 27.41 15.75 17.25
CA GLN A 130 25.96 15.73 17.34
C GLN A 130 25.43 17.08 17.83
N LEU A 131 24.12 17.24 17.74
CA LEU A 131 23.48 18.48 18.16
C LEU A 131 23.59 18.70 19.66
N ASN A 132 23.85 17.65 20.44
CA ASN A 132 24.16 17.82 21.85
C ASN A 132 25.62 18.16 22.10
N ASN A 133 26.36 18.51 21.04
CA ASN A 133 27.77 18.85 21.13
C ASN A 133 28.58 17.73 21.76
N LEU A 134 28.16 16.50 21.50
CA LEU A 134 28.87 15.31 21.93
C LEU A 134 29.19 14.46 20.72
N ILE A 135 30.23 13.65 20.83
CA ILE A 135 30.54 12.64 19.83
C ILE A 135 30.36 11.28 20.44
N TYR A 136 29.89 10.33 19.63
CA TYR A 136 29.72 8.94 20.07
C TYR A 136 30.98 8.17 19.61
N ALA A 137 31.96 8.08 20.50
CA ALA A 137 33.25 7.50 20.15
C ALA A 137 33.61 6.33 21.05
N SER A 138 34.90 6.00 21.13
CA SER A 138 35.37 4.87 21.93
C SER A 138 36.74 5.24 22.49
N PHE A 139 36.81 5.45 23.80
CA PHE A 139 38.05 5.85 24.44
C PHE A 139 38.21 5.15 25.77
N LEU A 140 39.45 4.87 26.14
CA LEU A 140 39.79 4.30 27.44
C LEU A 140 40.71 5.29 28.17
N ASN A 141 41.19 4.86 29.34
CA ASN A 141 42.11 5.70 30.10
C ASN A 141 43.40 5.91 29.31
N GLY A 142 43.96 7.11 29.43
CA GLY A 142 45.17 7.45 28.70
C GLY A 142 44.95 7.85 27.26
N ALA A 143 43.70 7.99 26.81
CA ALA A 143 43.40 8.37 25.44
C ALA A 143 43.19 9.86 25.27
N CYS A 144 42.95 10.59 26.35
CA CYS A 144 42.85 12.05 26.27
C CYS A 144 44.06 12.63 25.57
N GLY A 145 43.82 13.68 24.79
CA GLY A 145 44.81 14.22 23.90
C GLY A 145 44.66 13.75 22.47
N SER A 146 43.98 12.64 22.24
CA SER A 146 43.70 12.21 20.88
C SER A 146 42.89 13.28 20.17
N VAL A 147 43.14 13.44 18.89
CA VAL A 147 42.56 14.54 18.13
C VAL A 147 41.60 13.98 17.09
N GLY A 148 40.63 14.81 16.72
CA GLY A 148 39.84 14.59 15.52
C GLY A 148 40.28 15.60 14.48
N TYR A 149 40.34 15.15 13.23
CA TYR A 149 40.97 15.95 12.19
C TYR A 149 40.27 15.70 10.87
N THR A 150 40.48 16.62 9.93
CA THR A 150 40.15 16.41 8.53
C THR A 150 41.33 16.87 7.69
N LEU A 151 41.32 16.50 6.41
CA LEU A 151 42.39 16.87 5.49
C LEU A 151 41.80 17.46 4.22
N LYS A 152 42.27 18.64 3.83
CA LYS A 152 41.91 19.25 2.55
C LYS A 152 43.21 19.36 1.76
N GLY A 153 43.55 18.29 1.04
CA GLY A 153 44.79 18.23 0.30
C GLY A 153 46.01 18.22 1.21
N LYS A 154 46.67 19.38 1.29
CA LYS A 154 47.91 19.50 2.03
C LYS A 154 47.71 20.00 3.46
N THR A 155 46.67 20.79 3.71
CA THR A 155 46.47 21.38 5.03
C THR A 155 45.79 20.40 5.98
N LEU A 156 46.33 20.28 7.19
CA LEU A 156 45.73 19.47 8.25
C LEU A 156 44.79 20.34 9.07
N TYR A 157 43.52 19.93 9.18
CA TYR A 157 42.50 20.68 9.90
C TYR A 157 42.18 19.96 11.21
N LEU A 158 42.61 20.54 12.32
CA LEU A 158 42.34 19.96 13.62
C LEU A 158 41.05 20.53 14.18
N HIS A 159 40.19 19.65 14.71
CA HIS A 159 38.86 20.04 15.15
C HIS A 159 38.57 19.76 16.61
N TYR A 160 39.30 18.85 17.25
CA TYR A 160 38.82 18.28 18.50
C TYR A 160 39.98 17.61 19.22
N MET A 161 39.98 17.71 20.54
CA MET A 161 40.91 16.97 21.39
C MET A 161 40.12 16.39 22.55
N HIS A 162 40.30 15.09 22.79
CA HIS A 162 39.42 14.38 23.70
C HIS A 162 39.76 14.66 25.17
N HIS A 163 38.73 14.85 26.01
CA HIS A 163 38.94 15.14 27.44
C HIS A 163 38.13 14.27 28.40
N ILE A 164 36.91 13.87 28.10
CA ILE A 164 36.07 13.27 29.14
C ILE A 164 35.05 12.34 28.50
N GLU A 165 34.64 11.33 29.27
CA GLU A 165 33.64 10.35 28.85
C GLU A 165 32.50 10.31 29.86
N PHE A 166 31.28 10.40 29.35
CA PHE A 166 30.09 10.42 30.20
C PHE A 166 29.48 9.02 30.28
N ASN A 167 28.51 8.89 31.18
CA ASN A 167 27.99 7.56 31.51
C ASN A 167 27.35 6.88 30.30
N ASN A 168 26.69 7.64 29.42
CA ASN A 168 25.96 7.05 28.30
C ASN A 168 26.84 6.84 27.07
N LYS A 169 28.11 6.46 27.27
CA LYS A 169 29.05 6.18 26.19
C LYS A 169 29.17 7.37 25.21
N THR A 170 29.10 8.59 25.75
CA THR A 170 29.30 9.80 24.97
C THR A 170 30.56 10.53 25.45
N HIS A 171 31.22 11.21 24.52
CA HIS A 171 32.50 11.84 24.79
C HIS A 171 32.48 13.33 24.43
N SER A 172 33.23 14.12 25.19
CA SER A 172 33.31 15.55 24.96
C SER A 172 34.75 16.02 25.06
N GLY A 173 35.04 17.14 24.42
CA GLY A 173 36.35 17.75 24.47
C GLY A 173 36.31 19.16 23.94
N THR A 174 37.49 19.71 23.72
CA THR A 174 37.62 21.07 23.20
C THR A 174 38.14 21.05 21.77
N ASP A 175 37.89 22.14 21.05
CA ASP A 175 38.62 22.36 19.82
C ASP A 175 40.07 22.68 20.15
N LEU A 176 40.89 22.81 19.13
CA LEU A 176 42.30 23.05 19.42
C LEU A 176 42.56 24.45 19.96
N GLU A 177 41.55 25.30 20.08
CA GLU A 177 41.70 26.61 20.72
C GLU A 177 41.39 26.58 22.21
N GLY A 178 41.01 25.43 22.77
CA GLY A 178 40.81 25.29 24.19
C GLY A 178 39.38 25.39 24.68
N ASN A 179 38.41 25.54 23.78
CA ASN A 179 37.02 25.74 24.18
C ASN A 179 36.20 24.49 23.88
N PHE A 180 35.42 24.07 24.88
CA PHE A 180 34.65 22.85 24.73
C PHE A 180 33.59 23.01 23.63
N TYR A 181 33.07 21.87 23.20
CA TYR A 181 31.86 21.83 22.39
C TYR A 181 30.69 21.62 23.35
N GLY A 182 29.91 22.67 23.58
CA GLY A 182 28.76 22.57 24.44
C GLY A 182 29.05 23.01 25.85
N PRO A 183 28.08 22.85 26.75
CA PRO A 183 28.25 23.33 28.12
C PRO A 183 28.97 22.34 29.03
N TYR A 184 29.83 21.51 28.45
CA TYR A 184 30.53 20.48 29.21
C TYR A 184 31.92 20.98 29.61
N VAL A 185 32.38 20.53 30.77
CA VAL A 185 33.68 20.90 31.28
C VAL A 185 34.41 19.64 31.74
N ASP A 186 35.70 19.80 32.03
CA ASP A 186 36.55 18.68 32.42
C ASP A 186 36.51 18.51 33.94
N GLU A 187 35.33 18.08 34.42
CA GLU A 187 35.12 17.80 35.82
C GLU A 187 34.35 16.51 35.98
N GLU A 188 34.70 15.72 37.00
CA GLU A 188 34.09 14.41 37.22
C GLU A 188 32.83 14.52 38.09
N VAL A 189 31.84 15.23 37.56
CA VAL A 189 30.51 15.32 38.18
C VAL A 189 29.45 15.24 37.08
N ILE A 190 28.22 14.99 37.50
CA ILE A 190 27.11 14.79 36.55
C ILE A 190 26.73 16.14 35.93
N GLN A 191 26.79 16.22 34.60
CA GLN A 191 26.51 17.44 33.88
C GLN A 191 25.30 17.23 32.96
N GLN A 192 24.33 18.13 33.05
CA GLN A 192 23.10 17.96 32.29
C GLN A 192 23.40 18.01 30.80
N GLN A 193 22.89 17.03 30.06
CA GLN A 193 22.99 17.03 28.61
C GLN A 193 21.65 17.38 28.00
N THR A 194 21.68 18.14 26.91
CA THR A 194 20.45 18.43 26.18
C THR A 194 19.92 17.18 25.50
N ALA A 195 18.62 17.16 25.26
CA ALA A 195 17.99 15.98 24.68
C ALA A 195 18.56 15.69 23.29
N PHE A 196 18.66 14.40 22.97
CA PHE A 196 19.21 14.02 21.69
C PHE A 196 18.28 14.43 20.54
N GLN A 197 18.89 14.81 19.43
CA GLN A 197 18.15 15.26 18.25
C GLN A 197 18.86 14.80 17.00
N TYR A 198 18.11 14.20 16.07
CA TYR A 198 18.72 13.69 14.86
C TYR A 198 19.09 14.83 13.92
N TYR A 199 20.30 14.76 13.37
CA TYR A 199 20.72 15.70 12.34
C TYR A 199 20.06 15.26 11.04
N THR A 200 18.98 15.96 10.68
CA THR A 200 18.09 15.47 9.63
C THR A 200 18.81 15.35 8.29
N ASP A 201 19.68 16.30 7.96
CA ASP A 201 20.40 16.22 6.69
C ASP A 201 21.21 14.92 6.60
N ASN A 202 21.76 14.45 7.72
CA ASN A 202 22.60 13.27 7.69
C ASN A 202 21.77 11.99 7.63
N VAL A 203 20.61 11.97 8.28
CA VAL A 203 19.71 10.83 8.14
C VAL A 203 19.19 10.75 6.71
N VAL A 204 18.93 11.91 6.08
CA VAL A 204 18.54 11.93 4.68
C VAL A 204 19.65 11.34 3.81
N ALA A 205 20.91 11.67 4.16
CA ALA A 205 22.03 11.16 3.38
C ALA A 205 22.23 9.67 3.57
N GLN A 206 21.83 9.14 4.74
CA GLN A 206 21.94 7.70 4.97
C GLN A 206 21.01 6.92 4.06
N LEU A 207 19.73 7.33 4.02
CA LEU A 207 18.77 6.63 3.18
C LEU A 207 19.11 6.78 1.70
N TYR A 208 19.67 7.93 1.31
CA TYR A 208 20.09 8.09 -0.07
C TYR A 208 21.27 7.18 -0.37
N ALA A 209 22.17 7.00 0.60
CA ALA A 209 23.28 6.08 0.41
C ALA A 209 22.78 4.65 0.21
N HIS A 210 21.73 4.28 0.94
CA HIS A 210 21.14 2.95 0.77
C HIS A 210 20.54 2.77 -0.61
N LEU A 211 19.86 3.80 -1.11
CA LEU A 211 19.23 3.70 -2.42
C LEU A 211 20.25 3.66 -3.55
N LEU A 212 21.48 4.10 -3.31
CA LEU A 212 22.45 4.20 -4.39
C LEU A 212 23.42 3.04 -4.45
N THR A 213 23.57 2.25 -3.39
CA THR A 213 24.47 1.11 -3.41
C THR A 213 23.86 -0.21 -2.97
N VAL A 214 22.77 -0.21 -2.21
CA VAL A 214 22.21 -1.45 -1.72
C VAL A 214 20.98 -1.84 -2.55
N ASP A 215 19.91 -1.06 -2.43
CA ASP A 215 18.64 -1.37 -3.06
C ASP A 215 18.02 -0.07 -3.55
N ALA A 216 17.75 0.02 -4.86
CA ALA A 216 17.20 1.23 -5.43
C ALA A 216 15.75 1.45 -5.03
N ARG A 217 14.98 0.37 -4.87
CA ARG A 217 13.56 0.45 -4.55
C ARG A 217 13.22 -0.55 -3.45
N PRO A 218 13.66 -0.28 -2.22
CA PRO A 218 13.35 -1.19 -1.11
C PRO A 218 11.88 -1.11 -0.72
N LYS A 219 11.46 -2.08 0.09
CA LYS A 219 10.05 -2.17 0.47
C LYS A 219 9.64 -1.11 1.49
N TRP A 220 10.58 -0.50 2.20
CA TRP A 220 10.25 0.51 3.20
C TRP A 220 10.28 1.92 2.66
N LEU A 221 10.78 2.13 1.44
CA LEU A 221 10.76 3.45 0.82
C LEU A 221 9.31 3.88 0.59
N ALA A 222 8.94 5.02 1.16
CA ALA A 222 7.55 5.46 1.07
C ALA A 222 7.16 5.73 -0.37
N GLN A 223 5.90 5.42 -0.70
CA GLN A 223 5.39 5.68 -2.04
C GLN A 223 4.87 7.11 -2.19
N SER A 224 4.33 7.67 -1.12
CA SER A 224 3.81 9.02 -1.10
C SER A 224 4.85 9.99 -0.55
N GLN A 225 4.64 11.27 -0.83
CA GLN A 225 5.55 12.33 -0.40
C GLN A 225 4.93 13.14 0.74
N ILE A 226 5.79 13.82 1.47
CA ILE A 226 5.40 14.84 2.43
C ILE A 226 6.26 16.06 2.16
N SER A 227 5.66 17.24 2.30
CA SER A 227 6.39 18.45 1.99
C SER A 227 7.38 18.76 3.11
N ILE A 228 8.39 19.55 2.76
CA ILE A 228 9.41 19.92 3.72
C ILE A 228 8.79 20.60 4.94
N GLU A 229 7.76 21.42 4.71
CA GLU A 229 7.13 22.16 5.80
C GLU A 229 6.29 21.25 6.67
N ASP A 230 5.49 20.37 6.06
CA ASP A 230 4.76 19.38 6.82
C ASP A 230 5.68 18.44 7.57
N PHE A 231 6.89 18.20 7.04
CA PHE A 231 7.86 17.41 7.79
C PHE A 231 8.37 18.18 9.00
N ASN A 232 8.76 19.44 8.80
CA ASN A 232 9.33 20.23 9.88
C ASN A 232 8.35 20.40 11.04
N SER A 233 7.04 20.44 10.73
CA SER A 233 6.05 20.41 11.80
C SER A 233 6.11 19.10 12.57
N TRP A 234 6.22 17.98 11.86
CA TRP A 234 6.40 16.71 12.55
C TRP A 234 7.75 16.63 13.23
N ALA A 235 8.79 17.25 12.65
CA ALA A 235 10.14 17.16 13.19
C ALA A 235 10.24 17.77 14.58
N ALA A 236 9.50 18.84 14.84
CA ALA A 236 9.58 19.52 16.13
C ALA A 236 9.06 18.67 17.28
N ASN A 237 8.30 17.61 16.99
CA ASN A 237 7.73 16.74 18.01
C ASN A 237 8.33 15.35 18.01
N ASN A 238 9.34 15.09 17.17
CA ASN A 238 9.91 13.76 17.09
C ASN A 238 11.43 13.81 17.08
N SER A 239 12.02 14.80 17.74
CA SER A 239 13.46 14.87 17.95
C SER A 239 14.25 14.89 16.64
N PHE A 240 13.69 15.49 15.60
CA PHE A 240 14.40 15.71 14.34
C PHE A 240 14.60 17.20 14.12
N ALA A 241 15.79 17.56 13.66
CA ALA A 241 16.10 18.97 13.42
C ALA A 241 15.29 19.51 12.24
N ASN A 242 15.20 20.83 12.18
CA ASN A 242 14.49 21.48 11.09
C ASN A 242 15.25 21.28 9.78
N PHE A 243 14.53 20.87 8.74
CA PHE A 243 15.16 20.59 7.46
C PHE A 243 15.11 21.82 6.58
N PRO A 244 16.23 22.21 5.94
CA PRO A 244 17.52 21.55 6.09
C PRO A 244 18.31 22.13 7.25
N CYS A 245 19.19 21.33 7.83
CA CYS A 245 20.04 21.83 8.92
C CYS A 245 21.05 22.84 8.38
N GLU A 246 21.57 22.60 7.19
CA GLU A 246 22.47 23.52 6.52
C GLU A 246 21.97 23.76 5.11
N GLN A 247 21.88 25.03 4.71
CA GLN A 247 21.43 25.32 3.36
C GLN A 247 22.41 24.78 2.33
N THR A 248 23.69 24.69 2.68
CA THR A 248 24.70 24.17 1.76
C THR A 248 24.53 22.67 1.49
N ASN A 249 23.74 21.95 2.29
CA ASN A 249 23.51 20.54 2.02
C ASN A 249 22.48 20.30 0.93
N MET A 250 21.72 21.31 0.52
CA MET A 250 20.70 21.11 -0.49
C MET A 250 21.32 20.83 -1.86
N SER A 251 22.43 21.50 -2.17
CA SER A 251 23.10 21.22 -3.45
C SER A 251 23.50 19.76 -3.53
N TYR A 252 23.95 19.17 -2.40
CA TYR A 252 24.26 17.75 -2.39
C TYR A 252 23.01 16.89 -2.41
N ILE A 253 22.02 17.25 -1.59
CA ILE A 253 20.81 16.45 -1.50
C ILE A 253 20.04 16.47 -2.82
N MET A 254 19.96 17.64 -3.45
CA MET A 254 19.30 17.71 -4.76
C MET A 254 20.06 16.89 -5.80
N GLY A 255 21.38 16.77 -5.65
CA GLY A 255 22.14 15.91 -6.53
C GLY A 255 21.81 14.45 -6.30
N LEU A 256 21.80 14.02 -5.03
CA LEU A 256 21.41 12.65 -4.71
C LEU A 256 19.99 12.35 -5.14
N SER A 257 19.09 13.34 -5.05
CA SER A 257 17.73 13.11 -5.53
C SER A 257 17.74 12.72 -7.00
N GLN A 258 18.57 13.39 -7.81
CA GLN A 258 18.50 13.21 -9.25
C GLN A 258 19.02 11.83 -9.67
N THR A 259 20.21 11.45 -9.18
CA THR A 259 20.79 10.18 -9.58
C THR A 259 20.07 8.98 -8.97
N ALA A 260 19.32 9.19 -7.89
CA ALA A 260 18.50 8.14 -7.32
C ALA A 260 17.06 8.16 -7.82
N ARG A 261 16.70 9.19 -8.60
CA ARG A 261 15.34 9.35 -9.14
C ARG A 261 14.28 9.31 -8.03
N VAL A 262 14.66 9.75 -6.83
CA VAL A 262 13.76 9.82 -5.69
C VAL A 262 13.88 11.21 -5.06
N PRO A 263 12.85 12.05 -5.15
CA PRO A 263 12.94 13.38 -4.53
C PRO A 263 13.02 13.29 -3.02
N VAL A 264 13.51 14.38 -2.42
CA VAL A 264 13.74 14.43 -0.98
C VAL A 264 12.44 14.30 -0.19
N GLU A 265 11.31 14.64 -0.82
CA GLU A 265 10.02 14.53 -0.15
C GLU A 265 9.70 13.08 0.21
N ARG A 266 10.07 12.13 -0.66
CA ARG A 266 9.85 10.73 -0.34
C ARG A 266 10.80 10.25 0.76
N ILE A 267 12.03 10.77 0.77
CA ILE A 267 12.98 10.42 1.83
C ILE A 267 12.46 10.91 3.18
N LEU A 268 11.93 12.14 3.22
CA LEU A 268 11.44 12.69 4.48
C LEU A 268 10.20 11.93 4.96
N ASN A 269 9.28 11.61 4.06
CA ASN A 269 8.13 10.82 4.44
C ASN A 269 8.54 9.41 4.85
N THR A 270 9.60 8.87 4.24
CA THR A 270 10.12 7.59 4.69
C THR A 270 10.64 7.67 6.12
N ILE A 271 11.35 8.75 6.46
CA ILE A 271 11.84 8.93 7.82
C ILE A 271 10.67 8.89 8.81
N ILE A 272 9.57 9.56 8.48
CA ILE A 272 8.42 9.59 9.38
C ILE A 272 7.79 8.21 9.51
N GLN A 273 7.61 7.51 8.38
CA GLN A 273 7.03 6.17 8.47
C GLN A 273 7.94 5.22 9.24
N LEU A 274 9.25 5.30 9.01
CA LEU A 274 10.18 4.40 9.67
C LEU A 274 10.10 4.51 11.20
N THR A 275 9.74 5.67 11.73
CA THR A 275 9.67 5.82 13.18
C THR A 275 8.53 5.02 13.78
N THR A 276 7.60 4.52 12.97
CA THR A 276 6.50 3.70 13.45
C THR A 276 6.43 2.32 12.84
N ASN A 277 6.95 2.13 11.62
CA ASN A 277 6.90 0.84 10.93
C ASN A 277 8.27 0.47 10.36
N ARG A 278 9.28 0.46 11.23
CA ARG A 278 10.59 -0.05 10.84
C ARG A 278 10.71 -1.55 11.11
N ASP A 279 10.45 -1.95 12.36
CA ASP A 279 10.38 -3.35 12.75
C ASP A 279 11.67 -4.09 12.43
N GLY A 280 12.80 -3.41 12.56
CA GLY A 280 14.10 -4.02 12.38
C GLY A 280 14.70 -3.91 10.99
N ALA A 281 14.29 -2.93 10.20
CA ALA A 281 14.93 -2.72 8.90
C ALA A 281 16.37 -2.24 9.11
N CYS A 282 17.27 -2.75 8.26
CA CYS A 282 18.70 -2.48 8.34
C CYS A 282 19.07 -1.58 7.15
N ILE A 283 19.21 -0.27 7.41
CA ILE A 283 19.52 0.74 6.40
C ILE A 283 21.01 1.01 6.43
N MET A 284 21.68 0.81 5.28
CA MET A 284 23.11 1.05 5.15
C MET A 284 23.91 0.29 6.22
N GLY A 285 23.50 -0.93 6.51
CA GLY A 285 24.22 -1.69 7.51
C GLY A 285 23.93 -1.31 8.94
N SER A 286 22.87 -0.54 9.17
CA SER A 286 22.52 -0.05 10.49
C SER A 286 21.06 -0.34 10.80
N TYR A 287 20.81 -0.84 12.00
CA TYR A 287 19.45 -1.01 12.50
C TYR A 287 18.93 0.24 13.18
N ASP A 288 19.59 1.37 12.93
CA ASP A 288 19.35 2.60 13.66
C ASP A 288 19.40 3.77 12.68
N PHE A 289 18.94 4.94 13.12
CA PHE A 289 19.11 6.18 12.37
C PHE A 289 20.50 6.73 12.64
N GLU A 290 21.34 6.77 11.61
CA GLU A 290 22.73 7.19 11.77
C GLU A 290 22.91 8.62 11.29
N CYS A 291 23.62 9.42 12.07
CA CYS A 291 24.05 10.73 11.65
C CYS A 291 25.49 10.73 11.14
N ASP A 292 26.04 9.56 10.82
CA ASP A 292 27.43 9.49 10.39
C ASP A 292 27.61 9.80 8.91
N TRP A 293 26.53 9.77 8.12
CA TRP A 293 26.60 9.96 6.68
C TRP A 293 26.28 11.42 6.37
N THR A 294 27.27 12.17 5.97
CA THR A 294 26.92 13.53 5.62
C THR A 294 26.57 13.62 4.13
N PRO A 295 25.70 14.56 3.75
CA PRO A 295 25.40 14.70 2.31
C PRO A 295 26.62 14.93 1.45
N GLU A 296 27.61 15.69 1.93
CA GLU A 296 28.80 15.94 1.14
C GLU A 296 29.61 14.65 0.92
N MET A 297 29.70 13.81 1.95
CA MET A 297 30.50 12.59 1.83
C MET A 297 29.80 11.56 0.94
N VAL A 298 28.47 11.45 1.06
CA VAL A 298 27.72 10.52 0.22
C VAL A 298 27.74 10.98 -1.24
N TYR A 299 27.77 12.29 -1.48
CA TYR A 299 27.67 12.76 -2.86
C TYR A 299 29.03 12.81 -3.56
N ASN A 300 30.10 13.11 -2.80
CA ASN A 300 31.43 13.28 -3.39
C ASN A 300 32.18 11.95 -3.47
N GLN A 301 32.54 11.40 -2.30
CA GLN A 301 33.36 10.18 -2.19
C GLN A 301 34.74 10.36 -2.81
N GLY B 2 -29.08 -5.43 8.37
CA GLY B 2 -28.53 -5.45 7.02
C GLY B 2 -27.61 -4.28 6.71
N ILE B 3 -28.11 -3.36 5.88
CA ILE B 3 -27.40 -2.14 5.47
C ILE B 3 -26.09 -2.48 4.76
N LYS B 4 -26.10 -2.41 3.44
CA LYS B 4 -24.93 -2.68 2.61
C LYS B 4 -24.49 -1.39 1.93
N ILE B 5 -23.36 -1.48 1.22
CA ILE B 5 -22.93 -0.43 0.31
C ILE B 5 -23.54 -0.77 -1.05
N LEU B 6 -24.59 -0.05 -1.42
CA LEU B 6 -25.35 -0.35 -2.62
C LEU B 6 -24.79 0.43 -3.81
N LEU B 7 -24.64 -0.27 -4.93
CA LEU B 7 -24.13 0.30 -6.16
C LEU B 7 -25.23 0.36 -7.21
N HIS B 8 -25.10 1.29 -8.14
CA HIS B 8 -26.12 1.41 -9.18
C HIS B 8 -25.83 0.40 -10.30
N PRO B 9 -26.86 -0.30 -10.79
CA PRO B 9 -26.65 -1.25 -11.89
C PRO B 9 -25.94 -0.62 -13.07
N SER B 10 -24.88 -1.28 -13.53
CA SER B 10 -23.99 -0.72 -14.55
C SER B 10 -24.48 -0.93 -15.98
N GLY B 11 -25.60 -1.62 -16.17
CA GLY B 11 -26.03 -1.99 -17.51
C GLY B 11 -26.17 -0.80 -18.45
N VAL B 12 -26.70 0.31 -17.93
CA VAL B 12 -26.87 1.49 -18.77
C VAL B 12 -25.51 2.02 -19.21
N VAL B 13 -24.55 2.11 -18.29
CA VAL B 13 -23.24 2.66 -18.60
C VAL B 13 -22.48 1.75 -19.56
N GLU B 14 -22.61 0.43 -19.39
CA GLU B 14 -21.91 -0.49 -20.26
C GLU B 14 -22.30 -0.30 -21.72
N ARG B 15 -23.59 -0.07 -21.98
CA ARG B 15 -24.05 0.06 -23.36
C ARG B 15 -23.47 1.27 -24.08
N CYS B 16 -22.75 2.16 -23.38
CA CYS B 16 -22.20 3.36 -24.00
C CYS B 16 -20.68 3.50 -23.90
N MET B 17 -19.98 2.60 -23.21
CA MET B 17 -18.52 2.68 -23.12
C MET B 17 -17.88 2.29 -24.44
N VAL B 18 -16.81 2.99 -24.83
CA VAL B 18 -16.15 2.72 -26.11
C VAL B 18 -14.64 2.79 -25.93
N SER B 19 -13.93 2.22 -26.89
CA SER B 19 -12.48 2.32 -26.95
C SER B 19 -12.06 3.61 -27.66
N VAL B 20 -10.88 4.10 -27.29
CA VAL B 20 -10.24 5.24 -27.95
C VAL B 20 -8.75 4.96 -27.97
N VAL B 21 -8.17 4.85 -29.17
CA VAL B 21 -6.73 4.65 -29.36
C VAL B 21 -6.23 5.75 -30.28
N TYR B 22 -5.14 6.41 -29.89
CA TYR B 22 -4.55 7.48 -30.70
C TYR B 22 -3.04 7.33 -30.64
N ASN B 23 -2.43 6.83 -31.72
CA ASN B 23 -0.97 6.73 -31.85
C ASN B 23 -0.35 5.98 -30.67
N GLY B 24 -0.90 4.81 -30.39
CA GLY B 24 -0.35 3.92 -29.38
C GLY B 24 -0.85 4.12 -27.97
N SER B 25 -1.58 5.21 -27.70
CA SER B 25 -2.14 5.46 -26.39
C SER B 25 -3.61 5.07 -26.39
N ALA B 26 -3.99 4.16 -25.51
CA ALA B 26 -5.36 3.64 -25.47
C ALA B 26 -5.97 3.89 -24.10
N LEU B 27 -7.12 4.57 -24.09
CA LEU B 27 -7.90 4.77 -22.87
C LEU B 27 -9.36 4.46 -23.21
N ASN B 28 -10.27 4.89 -22.34
CA ASN B 28 -11.69 4.62 -22.49
C ASN B 28 -12.45 5.90 -22.79
N GLY B 29 -13.73 5.72 -23.14
CA GLY B 29 -14.61 6.85 -23.35
C GLY B 29 -16.06 6.37 -23.37
N ILE B 30 -16.96 7.32 -23.19
CA ILE B 30 -18.39 7.03 -23.17
C ILE B 30 -19.08 7.76 -24.32
N TRP B 31 -20.08 7.11 -24.91
CA TRP B 31 -20.67 7.53 -26.18
C TRP B 31 -22.14 7.88 -25.92
N LEU B 32 -22.42 9.18 -25.93
CA LEU B 32 -23.78 9.70 -25.70
C LEU B 32 -24.20 10.51 -26.90
N LYS B 33 -25.34 10.14 -27.49
CA LYS B 33 -25.88 10.78 -28.69
C LYS B 33 -24.84 10.63 -29.80
N ASN B 34 -24.43 11.70 -30.49
CA ASN B 34 -23.44 11.62 -31.55
C ASN B 34 -22.05 12.04 -31.10
N VAL B 35 -21.82 12.13 -29.78
CA VAL B 35 -20.56 12.61 -29.23
C VAL B 35 -19.96 11.52 -28.36
N VAL B 36 -18.63 11.43 -28.37
CA VAL B 36 -17.87 10.54 -27.49
C VAL B 36 -16.95 11.40 -26.64
N TYR B 37 -17.00 11.20 -25.32
CA TYR B 37 -16.20 11.97 -24.38
C TYR B 37 -15.04 11.10 -23.88
N CYS B 38 -13.85 11.68 -23.83
CA CYS B 38 -12.67 10.96 -23.36
C CYS B 38 -11.65 11.97 -22.86
N PRO B 39 -10.71 11.54 -22.02
CA PRO B 39 -9.65 12.46 -21.58
C PRO B 39 -8.81 12.95 -22.75
N ARG B 40 -8.29 14.17 -22.62
CA ARG B 40 -7.56 14.79 -23.71
C ARG B 40 -6.14 14.28 -23.84
N HIS B 41 -5.56 13.68 -22.80
CA HIS B 41 -4.18 13.23 -22.87
C HIS B 41 -4.00 11.95 -23.66
N VAL B 42 -5.02 11.50 -24.40
CA VAL B 42 -4.86 10.37 -25.30
C VAL B 42 -4.02 10.79 -26.51
N ILE B 43 -4.02 12.08 -26.85
CA ILE B 43 -3.22 12.57 -27.97
C ILE B 43 -1.79 12.86 -27.58
N GLY B 44 -1.43 12.69 -26.32
CA GLY B 44 -0.08 12.92 -25.84
C GLY B 44 -0.13 13.53 -24.45
N LYS B 45 1.03 13.48 -23.78
CA LYS B 45 1.18 14.05 -22.43
C LYS B 45 1.76 15.45 -22.58
N PHE B 46 0.87 16.45 -22.59
CA PHE B 46 1.24 17.84 -22.78
C PHE B 46 1.02 18.64 -21.49
N ARG B 47 1.51 19.87 -21.47
CA ARG B 47 1.54 20.71 -20.28
C ARG B 47 0.86 22.05 -20.56
N GLY B 48 0.57 22.79 -19.50
CA GLY B 48 0.11 24.17 -19.59
C GLY B 48 -0.92 24.46 -20.66
N ASP B 49 -0.54 25.23 -21.68
CA ASP B 49 -1.49 25.70 -22.68
C ASP B 49 -1.22 25.17 -24.09
N GLN B 50 -0.37 24.14 -24.23
CA GLN B 50 -0.18 23.58 -25.57
C GLN B 50 -1.34 22.70 -26.01
N TRP B 51 -2.30 22.43 -25.11
CA TRP B 51 -3.44 21.58 -25.49
C TRP B 51 -4.22 22.19 -26.65
N THR B 52 -4.54 23.48 -26.58
CA THR B 52 -5.41 24.09 -27.60
C THR B 52 -4.83 23.91 -28.99
N HIS B 53 -3.50 24.04 -29.14
CA HIS B 53 -2.90 23.93 -30.46
C HIS B 53 -2.75 22.47 -30.90
N MET B 54 -2.42 21.57 -29.99
CA MET B 54 -2.16 20.18 -30.38
C MET B 54 -3.43 19.49 -30.85
N VAL B 55 -4.58 19.80 -30.24
CA VAL B 55 -5.81 19.18 -30.70
C VAL B 55 -6.25 19.77 -32.04
N SER B 56 -5.93 21.04 -32.28
CA SER B 56 -6.29 21.68 -33.55
C SER B 56 -5.57 21.04 -34.73
N ILE B 57 -4.43 20.39 -34.52
CA ILE B 57 -3.70 19.70 -35.58
C ILE B 57 -3.81 18.19 -35.45
N ALA B 58 -4.71 17.71 -34.59
CA ALA B 58 -4.93 16.27 -34.43
C ALA B 58 -5.74 15.73 -35.60
N ASP B 59 -5.14 14.84 -36.38
CA ASP B 59 -5.84 14.24 -37.52
C ASP B 59 -6.86 13.22 -37.00
N CYS B 60 -8.15 13.50 -37.24
CA CYS B 60 -9.20 12.64 -36.70
C CYS B 60 -9.11 11.23 -37.26
N ARG B 61 -8.54 11.08 -38.46
CA ARG B 61 -8.32 9.76 -39.02
C ARG B 61 -7.46 8.87 -38.12
N ASP B 62 -6.76 9.43 -37.14
CA ASP B 62 -5.95 8.66 -36.20
C ASP B 62 -6.72 8.23 -34.96
N PHE B 63 -7.99 8.62 -34.81
CA PHE B 63 -8.79 8.27 -33.65
C PHE B 63 -9.51 6.95 -33.91
N ILE B 64 -8.90 5.86 -33.49
CA ILE B 64 -9.52 4.54 -33.62
C ILE B 64 -10.49 4.36 -32.47
N VAL B 65 -11.79 4.32 -32.78
CA VAL B 65 -12.86 4.29 -31.78
C VAL B 65 -13.76 3.09 -32.08
N LYS B 66 -13.90 2.19 -31.10
CA LYS B 66 -14.73 1.01 -31.21
C LYS B 66 -15.61 0.86 -29.97
N CYS B 67 -16.77 0.26 -30.17
CA CYS B 67 -17.69 -0.08 -29.07
C CYS B 67 -17.84 -1.60 -29.07
N PRO B 68 -17.10 -2.33 -28.21
CA PRO B 68 -17.18 -3.80 -28.28
C PRO B 68 -18.52 -4.35 -27.85
N ILE B 69 -19.30 -3.60 -27.06
CA ILE B 69 -20.57 -4.12 -26.57
C ILE B 69 -21.60 -4.18 -27.69
N GLN B 70 -21.44 -3.38 -28.73
CA GLN B 70 -22.34 -3.41 -29.87
C GLN B 70 -21.66 -3.86 -31.16
N GLY B 71 -20.37 -4.16 -31.13
CA GLY B 71 -19.67 -4.58 -32.33
C GLY B 71 -19.48 -3.48 -33.35
N ILE B 72 -19.44 -2.22 -32.92
CA ILE B 72 -19.39 -1.08 -33.83
C ILE B 72 -17.99 -0.47 -33.78
N GLN B 73 -17.53 0.03 -34.92
CA GLN B 73 -16.34 0.85 -35.02
C GLN B 73 -16.76 2.22 -35.57
N LEU B 74 -16.68 3.23 -34.72
CA LEU B 74 -17.10 4.58 -35.06
C LEU B 74 -15.99 5.37 -35.75
N ASN B 75 -16.40 6.28 -36.63
CA ASN B 75 -15.46 7.18 -37.30
C ASN B 75 -15.78 8.61 -36.89
N VAL B 76 -14.75 9.36 -36.57
CA VAL B 76 -14.88 10.66 -35.93
C VAL B 76 -14.89 11.76 -36.99
N GLN B 77 -15.77 12.76 -36.80
CA GLN B 77 -15.90 13.88 -37.71
C GLN B 77 -15.16 15.12 -37.18
N SER B 78 -15.69 15.81 -36.18
CA SER B 78 -15.01 16.96 -35.61
C SER B 78 -14.17 16.49 -34.43
N VAL B 79 -13.52 17.45 -33.77
CA VAL B 79 -12.90 17.21 -32.47
C VAL B 79 -12.77 18.54 -31.75
N LYS B 80 -13.35 18.64 -30.56
CA LYS B 80 -13.39 19.88 -29.81
C LYS B 80 -12.93 19.62 -28.38
N MET B 81 -12.03 20.45 -27.87
CA MET B 81 -11.54 20.32 -26.51
C MET B 81 -12.43 21.15 -25.58
N VAL B 82 -13.18 20.48 -24.72
CA VAL B 82 -14.04 21.12 -23.75
C VAL B 82 -13.40 20.91 -22.38
N GLY B 83 -12.63 21.90 -21.95
CA GLY B 83 -11.90 21.74 -20.71
C GLY B 83 -10.77 20.76 -20.90
N ALA B 84 -10.67 19.79 -19.99
CA ALA B 84 -9.64 18.76 -20.06
C ALA B 84 -10.12 17.51 -20.77
N LEU B 85 -11.30 17.54 -21.39
CA LEU B 85 -11.83 16.42 -22.15
C LEU B 85 -11.84 16.75 -23.63
N LEU B 86 -12.04 15.71 -24.43
CA LEU B 86 -12.23 15.85 -25.88
C LEU B 86 -13.62 15.37 -26.24
N GLN B 87 -14.31 16.12 -27.09
CA GLN B 87 -15.63 15.75 -27.58
C GLN B 87 -15.47 15.30 -29.03
N LEU B 88 -15.48 13.98 -29.23
CA LEU B 88 -15.34 13.38 -30.56
C LEU B 88 -16.72 13.16 -31.13
N THR B 89 -17.14 14.03 -32.03
CA THR B 89 -18.40 13.81 -32.74
C THR B 89 -18.23 12.69 -33.76
N VAL B 90 -19.25 11.84 -33.87
CA VAL B 90 -19.20 10.71 -34.79
C VAL B 90 -20.47 10.72 -35.63
N HIS B 91 -20.40 10.04 -36.78
CA HIS B 91 -21.52 10.04 -37.71
C HIS B 91 -22.72 9.24 -37.20
N THR B 92 -22.51 8.33 -36.24
CA THR B 92 -23.55 7.45 -35.75
C THR B 92 -24.00 7.89 -34.37
N ASN B 93 -25.31 8.05 -34.20
CA ASN B 93 -25.90 8.30 -32.89
C ASN B 93 -26.06 6.98 -32.13
N ASN B 94 -25.82 7.02 -30.83
CA ASN B 94 -25.88 5.80 -30.01
C ASN B 94 -27.34 5.43 -29.74
N THR B 95 -27.72 4.21 -30.15
CA THR B 95 -29.09 3.76 -29.98
C THR B 95 -29.45 3.59 -28.51
N ALA B 96 -28.46 3.29 -27.66
CA ALA B 96 -28.68 3.03 -26.25
C ALA B 96 -28.51 4.27 -25.37
N THR B 97 -28.42 5.45 -25.98
CA THR B 97 -28.24 6.68 -25.22
C THR B 97 -29.45 6.91 -24.32
N PRO B 98 -29.29 6.90 -23.01
CA PRO B 98 -30.41 7.19 -22.11
C PRO B 98 -30.52 8.69 -21.89
N ASP B 99 -31.64 9.08 -21.28
CA ASP B 99 -31.74 10.44 -20.76
C ASP B 99 -30.68 10.63 -19.68
N TYR B 100 -29.84 11.65 -19.83
CA TYR B 100 -28.70 11.83 -18.94
C TYR B 100 -28.54 13.30 -18.60
N LYS B 101 -27.69 13.55 -17.60
CA LYS B 101 -27.39 14.92 -17.19
C LYS B 101 -26.01 14.91 -16.56
N PHE B 102 -25.18 15.88 -16.93
CA PHE B 102 -23.84 15.99 -16.36
C PHE B 102 -23.95 16.84 -15.09
N GLU B 103 -23.71 16.21 -13.94
CA GLU B 103 -23.91 16.80 -12.63
C GLU B 103 -22.62 16.77 -11.85
N ARG B 104 -22.20 17.93 -11.35
CA ARG B 104 -20.96 18.01 -10.59
C ARG B 104 -21.22 17.68 -9.12
N LEU B 105 -20.36 16.85 -8.55
CA LEU B 105 -20.51 16.38 -7.18
C LEU B 105 -19.87 17.35 -6.20
N GLN B 106 -20.53 17.52 -5.04
CA GLN B 106 -19.91 18.18 -3.91
C GLN B 106 -19.20 17.15 -3.04
N PRO B 107 -18.15 17.55 -2.32
CA PRO B 107 -17.44 16.58 -1.47
C PRO B 107 -18.37 15.93 -0.46
N GLY B 108 -18.13 14.65 -0.21
CA GLY B 108 -18.97 13.87 0.68
C GLY B 108 -20.08 13.10 0.01
N SER B 109 -20.26 13.24 -1.30
CA SER B 109 -21.33 12.59 -2.02
C SER B 109 -20.86 11.27 -2.62
N SER B 110 -21.81 10.38 -2.88
CA SER B 110 -21.52 9.04 -3.35
C SER B 110 -21.63 8.94 -4.87
N MET B 111 -20.94 7.96 -5.43
CA MET B 111 -21.06 7.63 -6.85
C MET B 111 -20.48 6.24 -7.09
N THR B 112 -20.95 5.62 -8.16
CA THR B 112 -20.48 4.31 -8.57
C THR B 112 -19.46 4.48 -9.69
N ILE B 113 -18.34 3.76 -9.59
CA ILE B 113 -17.27 3.80 -10.59
C ILE B 113 -17.42 2.62 -11.53
N ALA B 114 -17.32 2.87 -12.82
CA ALA B 114 -17.35 1.84 -13.86
C ALA B 114 -15.94 1.75 -14.44
N CYS B 115 -15.07 1.03 -13.74
CA CYS B 115 -13.69 0.83 -14.16
C CYS B 115 -13.66 -0.01 -15.43
N ALA B 116 -13.28 0.62 -16.54
CA ALA B 116 -13.34 -0.02 -17.84
C ALA B 116 -11.94 -0.10 -18.46
N TYR B 117 -11.74 -1.14 -19.28
CA TYR B 117 -10.52 -1.33 -20.04
C TYR B 117 -10.89 -1.75 -21.46
N ASP B 118 -10.21 -1.16 -22.43
CA ASP B 118 -10.43 -1.46 -23.85
C ASP B 118 -11.87 -1.24 -24.28
N GLY B 119 -12.61 -0.41 -23.56
CA GLY B 119 -13.98 -0.10 -23.90
C GLY B 119 -15.03 -0.96 -23.24
N ILE B 120 -14.63 -2.00 -22.51
CA ILE B 120 -15.57 -2.84 -21.77
C ILE B 120 -15.23 -2.73 -20.29
N VAL B 121 -16.27 -2.63 -19.46
CA VAL B 121 -16.08 -2.50 -18.03
C VAL B 121 -15.75 -3.87 -17.43
N ARG B 122 -14.89 -3.86 -16.41
CA ARG B 122 -14.45 -5.08 -15.76
C ARG B 122 -14.75 -5.14 -14.28
N HIS B 123 -14.90 -4.00 -13.61
CA HIS B 123 -15.19 -3.99 -12.19
C HIS B 123 -15.89 -2.69 -11.86
N VAL B 124 -16.90 -2.76 -10.99
CA VAL B 124 -17.60 -1.58 -10.50
C VAL B 124 -17.45 -1.54 -8.98
N TYR B 125 -17.28 -0.33 -8.44
CA TYR B 125 -17.13 -0.17 -7.00
C TYR B 125 -17.63 1.21 -6.61
N HIS B 126 -17.56 1.49 -5.31
CA HIS B 126 -18.21 2.65 -4.71
C HIS B 126 -17.17 3.55 -4.08
N VAL B 127 -17.21 4.84 -4.45
CA VAL B 127 -16.30 5.84 -3.91
C VAL B 127 -17.11 7.05 -3.48
N VAL B 128 -16.44 7.94 -2.76
CA VAL B 128 -17.01 9.19 -2.27
C VAL B 128 -15.98 10.29 -2.47
N LEU B 129 -16.40 11.41 -3.04
CA LEU B 129 -15.49 12.53 -3.23
C LEU B 129 -15.07 13.08 -1.88
N GLN B 130 -13.78 13.01 -1.57
CA GLN B 130 -13.28 13.50 -0.29
C GLN B 130 -13.16 15.02 -0.32
N LEU B 131 -12.79 15.59 0.84
CA LEU B 131 -12.65 17.04 0.93
C LEU B 131 -11.42 17.56 0.21
N ASN B 132 -10.42 16.72 -0.03
CA ASN B 132 -9.29 17.13 -0.85
C ASN B 132 -9.58 17.01 -2.35
N ASN B 133 -10.83 16.74 -2.71
CA ASN B 133 -11.29 16.62 -4.10
C ASN B 133 -10.59 15.49 -4.85
N LEU B 134 -10.22 14.44 -4.11
CA LEU B 134 -9.70 13.22 -4.70
C LEU B 134 -10.57 12.05 -4.25
N ILE B 135 -10.53 10.97 -5.03
CA ILE B 135 -11.24 9.74 -4.71
C ILE B 135 -10.21 8.65 -4.45
N TYR B 136 -10.51 7.78 -3.49
CA TYR B 136 -9.67 6.62 -3.18
C TYR B 136 -10.25 5.44 -3.95
N ALA B 137 -9.78 5.26 -5.18
CA ALA B 137 -10.32 4.27 -6.10
C ALA B 137 -9.24 3.22 -6.41
N SER B 138 -9.45 2.46 -7.48
CA SER B 138 -8.48 1.47 -7.92
C SER B 138 -8.48 1.46 -9.44
N PHE B 139 -7.35 1.83 -10.04
CA PHE B 139 -7.23 1.89 -11.49
C PHE B 139 -5.85 1.41 -11.90
N LEU B 140 -5.77 0.90 -13.14
CA LEU B 140 -4.49 0.53 -13.74
C LEU B 140 -4.37 1.19 -15.10
N ASN B 141 -3.36 0.82 -15.88
CA ASN B 141 -3.15 1.46 -17.17
C ASN B 141 -4.33 1.20 -18.10
N GLY B 142 -4.69 2.21 -18.89
CA GLY B 142 -5.80 2.10 -19.80
C GLY B 142 -7.17 2.23 -19.18
N ALA B 143 -7.26 2.68 -17.93
CA ALA B 143 -8.53 2.84 -17.24
C ALA B 143 -9.08 4.26 -17.31
N CYS B 144 -8.26 5.24 -17.70
CA CYS B 144 -8.74 6.60 -17.87
C CYS B 144 -9.89 6.65 -18.86
N GLY B 145 -10.86 7.52 -18.58
CA GLY B 145 -12.11 7.51 -19.29
C GLY B 145 -13.23 6.79 -18.57
N SER B 146 -12.90 6.01 -17.54
CA SER B 146 -13.92 5.43 -16.68
C SER B 146 -14.76 6.54 -16.05
N VAL B 147 -16.03 6.27 -15.85
CA VAL B 147 -16.98 7.28 -15.41
C VAL B 147 -17.47 6.94 -14.02
N GLY B 148 -17.66 7.96 -13.20
CA GLY B 148 -18.42 7.85 -11.97
C GLY B 148 -19.84 8.32 -12.23
N TYR B 149 -20.81 7.64 -11.65
CA TYR B 149 -22.19 7.89 -12.02
C TYR B 149 -23.12 7.55 -10.86
N THR B 150 -24.31 8.13 -10.91
CA THR B 150 -25.43 7.73 -10.08
C THR B 150 -26.66 7.61 -10.97
N LEU B 151 -27.69 6.92 -10.45
CA LEU B 151 -28.94 6.73 -11.16
C LEU B 151 -30.09 7.20 -10.29
N LYS B 152 -30.96 8.04 -10.85
CA LYS B 152 -32.18 8.48 -10.19
C LYS B 152 -33.33 8.14 -11.14
N GLY B 153 -33.93 6.98 -10.94
CA GLY B 153 -35.01 6.55 -11.82
C GLY B 153 -34.54 6.06 -13.17
N LYS B 154 -34.86 6.82 -14.22
CA LYS B 154 -34.51 6.43 -15.58
C LYS B 154 -33.36 7.23 -16.17
N THR B 155 -32.92 8.29 -15.50
CA THR B 155 -31.88 9.17 -16.01
C THR B 155 -30.54 8.86 -15.37
N LEU B 156 -29.49 8.77 -16.18
CA LEU B 156 -28.15 8.49 -15.73
C LEU B 156 -27.41 9.79 -15.44
N TYR B 157 -26.97 9.98 -14.20
CA TYR B 157 -26.22 11.17 -13.80
C TYR B 157 -24.74 10.83 -13.79
N LEU B 158 -23.98 11.48 -14.67
CA LEU B 158 -22.54 11.27 -14.75
C LEU B 158 -21.83 12.36 -13.94
N HIS B 159 -20.90 11.94 -13.07
CA HIS B 159 -20.24 12.85 -12.15
C HIS B 159 -18.73 12.94 -12.33
N TYR B 160 -18.09 11.97 -12.98
CA TYR B 160 -16.64 11.89 -12.91
C TYR B 160 -16.12 11.15 -14.13
N MET B 161 -14.93 11.54 -14.57
CA MET B 161 -14.19 10.79 -15.58
C MET B 161 -12.73 10.76 -15.15
N HIS B 162 -12.14 9.57 -15.11
CA HIS B 162 -10.84 9.40 -14.51
C HIS B 162 -9.74 9.95 -15.41
N HIS B 163 -8.68 10.48 -14.78
CA HIS B 163 -7.59 11.12 -15.51
C HIS B 163 -6.21 10.72 -15.04
N ILE B 164 -5.95 10.77 -13.72
CA ILE B 164 -4.60 10.65 -13.21
C ILE B 164 -4.62 9.97 -11.85
N GLU B 165 -3.53 9.26 -11.56
CA GLU B 165 -3.30 8.61 -10.28
C GLU B 165 -2.11 9.25 -9.59
N PHE B 166 -2.21 9.43 -8.28
CA PHE B 166 -1.20 10.10 -7.49
C PHE B 166 -0.48 9.11 -6.58
N ASN B 167 0.62 9.60 -6.00
CA ASN B 167 1.55 8.74 -5.28
C ASN B 167 0.88 8.01 -4.11
N ASN B 168 -0.09 8.63 -3.45
CA ASN B 168 -0.69 8.06 -2.25
C ASN B 168 -1.92 7.19 -2.56
N LYS B 169 -1.95 6.56 -3.73
CA LYS B 169 -3.10 5.74 -4.16
C LYS B 169 -4.40 6.55 -4.16
N THR B 170 -4.31 7.80 -4.57
CA THR B 170 -5.44 8.69 -4.75
C THR B 170 -5.66 8.96 -6.24
N HIS B 171 -6.88 9.36 -6.60
CA HIS B 171 -7.24 9.54 -8.00
C HIS B 171 -7.98 10.84 -8.21
N SER B 172 -7.68 11.51 -9.33
CA SER B 172 -8.30 12.77 -9.70
C SER B 172 -8.75 12.71 -11.15
N GLY B 173 -9.82 13.45 -11.45
CA GLY B 173 -10.33 13.53 -12.79
C GLY B 173 -11.30 14.68 -12.92
N THR B 174 -11.94 14.75 -14.07
CA THR B 174 -12.85 15.84 -14.35
C THR B 174 -14.30 15.41 -14.09
N ASP B 175 -15.20 16.39 -14.21
CA ASP B 175 -16.60 16.06 -14.41
C ASP B 175 -16.83 15.84 -15.91
N LEU B 176 -18.07 15.58 -16.29
CA LEU B 176 -18.30 15.39 -17.72
C LEU B 176 -18.26 16.69 -18.49
N GLU B 177 -18.16 17.83 -17.80
CA GLU B 177 -18.04 19.14 -18.44
C GLU B 177 -16.60 19.57 -18.62
N GLY B 178 -15.64 18.77 -18.15
CA GLY B 178 -14.24 18.98 -18.45
C GLY B 178 -13.43 19.69 -17.39
N ASN B 179 -14.00 19.95 -16.22
CA ASN B 179 -13.32 20.67 -15.15
C ASN B 179 -12.94 19.70 -14.04
N PHE B 180 -11.69 19.78 -13.61
CA PHE B 180 -11.17 18.89 -12.59
C PHE B 180 -11.81 19.16 -11.23
N TYR B 181 -11.79 18.14 -10.39
CA TYR B 181 -12.17 18.29 -8.98
C TYR B 181 -10.92 18.67 -8.22
N GLY B 182 -10.85 19.91 -7.76
CA GLY B 182 -9.70 20.39 -7.04
C GLY B 182 -8.69 21.04 -7.94
N PRO B 183 -7.53 21.37 -7.39
CA PRO B 183 -6.51 22.09 -8.17
C PRO B 183 -5.58 21.16 -8.91
N TYR B 184 -6.08 20.02 -9.34
CA TYR B 184 -5.26 19.00 -9.99
C TYR B 184 -5.42 19.08 -11.50
N VAL B 185 -4.33 18.77 -12.21
CA VAL B 185 -4.30 18.77 -13.67
C VAL B 185 -3.75 17.44 -14.15
N ASP B 186 -3.95 17.19 -15.44
CA ASP B 186 -3.52 15.94 -16.07
C ASP B 186 -2.08 16.04 -16.57
N GLU B 187 -1.15 16.24 -15.63
CA GLU B 187 0.26 16.32 -15.96
C GLU B 187 1.05 15.48 -14.97
N GLU B 188 2.00 14.70 -15.49
CA GLU B 188 2.77 13.79 -14.67
C GLU B 188 3.85 14.54 -13.88
N VAL B 189 3.38 15.40 -12.98
CA VAL B 189 4.24 16.14 -12.07
C VAL B 189 3.68 15.97 -10.66
N ILE B 190 4.49 16.34 -9.67
CA ILE B 190 4.02 16.33 -8.30
C ILE B 190 3.16 17.57 -8.07
N GLN B 191 2.01 17.38 -7.43
CA GLN B 191 1.03 18.44 -7.25
C GLN B 191 0.67 18.53 -5.78
N GLN B 192 0.78 19.73 -5.22
CA GLN B 192 0.36 19.95 -3.84
C GLN B 192 -1.12 19.60 -3.67
N GLN B 193 -1.40 18.81 -2.65
CA GLN B 193 -2.77 18.44 -2.34
C GLN B 193 -3.14 18.86 -0.93
N THR B 194 -4.42 19.20 -0.78
CA THR B 194 -4.98 19.62 0.50
C THR B 194 -4.77 18.54 1.57
N ALA B 195 -4.52 18.98 2.80
CA ALA B 195 -4.43 18.03 3.91
C ALA B 195 -5.75 17.28 4.06
N PHE B 196 -5.66 16.00 4.40
CA PHE B 196 -6.86 15.20 4.50
C PHE B 196 -7.72 15.65 5.66
N GLN B 197 -9.04 15.61 5.44
CA GLN B 197 -10.02 16.03 6.43
C GLN B 197 -11.21 15.08 6.34
N TYR B 198 -11.67 14.61 7.49
CA TYR B 198 -12.78 13.66 7.50
C TYR B 198 -14.09 14.39 7.25
N TYR B 199 -14.89 13.87 6.31
CA TYR B 199 -16.25 14.36 6.10
C TYR B 199 -17.09 13.92 7.29
N THR B 200 -17.28 14.83 8.26
CA THR B 200 -17.78 14.44 9.57
C THR B 200 -19.17 13.80 9.50
N ASP B 201 -20.00 14.22 8.55
CA ASP B 201 -21.37 13.68 8.47
C ASP B 201 -21.37 12.24 8.00
N ASN B 202 -20.37 11.85 7.21
CA ASN B 202 -20.28 10.47 6.74
C ASN B 202 -19.74 9.55 7.83
N VAL B 203 -18.80 10.04 8.66
CA VAL B 203 -18.32 9.26 9.79
C VAL B 203 -19.45 9.05 10.79
N VAL B 204 -20.31 10.06 10.96
CA VAL B 204 -21.50 9.88 11.79
C VAL B 204 -22.39 8.79 11.21
N ALA B 205 -22.49 8.75 9.88
CA ALA B 205 -23.33 7.73 9.24
C ALA B 205 -22.70 6.36 9.34
N GLN B 206 -21.37 6.29 9.41
CA GLN B 206 -20.70 5.00 9.59
C GLN B 206 -20.98 4.42 10.96
N LEU B 207 -20.86 5.25 12.01
CA LEU B 207 -21.13 4.75 13.35
C LEU B 207 -22.60 4.39 13.52
N TYR B 208 -23.49 5.18 12.93
CA TYR B 208 -24.91 4.86 13.03
C TYR B 208 -25.24 3.55 12.30
N ALA B 209 -24.59 3.30 11.16
CA ALA B 209 -24.83 2.05 10.45
C ALA B 209 -24.43 0.85 11.28
N HIS B 210 -23.39 1.00 12.11
CA HIS B 210 -22.97 -0.10 12.97
C HIS B 210 -24.02 -0.41 14.04
N LEU B 211 -24.64 0.64 14.62
CA LEU B 211 -25.62 0.43 15.66
C LEU B 211 -26.89 -0.25 15.13
N LEU B 212 -27.22 -0.04 13.86
CA LEU B 212 -28.41 -0.65 13.28
C LEU B 212 -28.14 -2.00 12.63
N THR B 213 -26.88 -2.39 12.49
CA THR B 213 -26.53 -3.62 11.80
C THR B 213 -25.79 -4.60 12.69
N VAL B 214 -24.69 -4.18 13.32
CA VAL B 214 -23.82 -5.10 14.02
C VAL B 214 -24.18 -5.18 15.50
N ASP B 215 -24.04 -4.06 16.22
CA ASP B 215 -24.18 -4.06 17.67
C ASP B 215 -24.86 -2.77 18.10
N ALA B 216 -26.04 -2.89 18.73
CA ALA B 216 -26.77 -1.71 19.16
C ALA B 216 -26.10 -1.02 20.34
N ARG B 217 -25.46 -1.78 21.23
CA ARG B 217 -24.77 -1.24 22.39
C ARG B 217 -23.36 -1.81 22.44
N PRO B 218 -22.46 -1.30 21.62
CA PRO B 218 -21.08 -1.79 21.63
C PRO B 218 -20.27 -1.15 22.75
N LYS B 219 -19.05 -1.67 22.92
CA LYS B 219 -18.22 -1.26 24.04
C LYS B 219 -17.69 0.16 23.88
N TRP B 220 -17.40 0.58 22.65
CA TRP B 220 -16.76 1.87 22.43
C TRP B 220 -17.74 3.03 22.33
N LEU B 221 -19.04 2.77 22.36
CA LEU B 221 -20.03 3.84 22.30
C LEU B 221 -20.01 4.64 23.60
N ALA B 222 -19.60 5.91 23.51
CA ALA B 222 -19.47 6.74 24.68
C ALA B 222 -20.84 6.97 25.33
N GLN B 223 -20.91 6.79 26.65
CA GLN B 223 -22.14 7.06 27.37
C GLN B 223 -22.32 8.55 27.67
N SER B 224 -21.28 9.35 27.50
CA SER B 224 -21.35 10.78 27.74
C SER B 224 -21.75 11.52 26.46
N GLN B 225 -22.29 12.71 26.63
CA GLN B 225 -22.64 13.57 25.51
C GLN B 225 -21.60 14.68 25.35
N ILE B 226 -21.53 15.21 24.14
CA ILE B 226 -20.79 16.43 23.88
C ILE B 226 -21.63 17.30 22.97
N SER B 227 -21.62 18.60 23.21
CA SER B 227 -22.39 19.47 22.35
C SER B 227 -21.78 19.49 20.94
N ILE B 228 -22.60 19.91 19.98
CA ILE B 228 -22.12 20.08 18.60
C ILE B 228 -21.15 21.25 18.51
N GLU B 229 -21.34 22.26 19.36
CA GLU B 229 -20.41 23.38 19.39
C GLU B 229 -19.05 22.95 19.95
N ASP B 230 -19.04 22.19 21.05
CA ASP B 230 -17.78 21.72 21.62
C ASP B 230 -17.08 20.75 20.69
N PHE B 231 -17.83 19.99 19.89
CA PHE B 231 -17.19 19.09 18.94
C PHE B 231 -16.47 19.87 17.84
N ASN B 232 -17.12 20.91 17.32
CA ASN B 232 -16.51 21.71 16.26
C ASN B 232 -15.25 22.42 16.75
N SER B 233 -15.21 22.82 18.02
CA SER B 233 -13.99 23.36 18.58
C SER B 233 -12.87 22.35 18.54
N TRP B 234 -13.20 21.07 18.76
CA TRP B 234 -12.21 19.99 18.72
C TRP B 234 -11.92 19.52 17.30
N ALA B 235 -12.93 19.59 16.42
CA ALA B 235 -12.77 19.13 15.05
C ALA B 235 -11.79 19.99 14.26
N ALA B 236 -11.73 21.30 14.57
CA ALA B 236 -10.83 22.19 13.85
C ALA B 236 -9.36 21.86 14.06
N ASN B 237 -9.04 21.15 15.14
CA ASN B 237 -7.66 20.78 15.44
C ASN B 237 -7.41 19.29 15.28
N ASN B 238 -8.39 18.53 14.76
CA ASN B 238 -8.24 17.09 14.66
C ASN B 238 -8.68 16.58 13.29
N SER B 239 -8.51 17.40 12.24
CA SER B 239 -8.71 16.99 10.86
C SER B 239 -10.13 16.50 10.61
N PHE B 240 -11.10 17.04 11.33
CA PHE B 240 -12.51 16.76 11.12
C PHE B 240 -13.21 18.03 10.64
N ALA B 241 -14.07 17.88 9.64
CA ALA B 241 -14.80 19.01 9.11
C ALA B 241 -15.85 19.49 10.10
N ASN B 242 -16.31 20.72 9.92
CA ASN B 242 -17.31 21.30 10.80
C ASN B 242 -18.64 20.57 10.64
N PHE B 243 -19.30 20.29 11.76
CA PHE B 243 -20.56 19.57 11.72
C PHE B 243 -21.73 20.54 11.82
N PRO B 244 -22.74 20.42 10.96
CA PRO B 244 -22.77 19.46 9.85
C PRO B 244 -22.09 19.98 8.59
N CYS B 245 -21.60 19.07 7.75
CA CYS B 245 -21.04 19.47 6.47
C CYS B 245 -22.12 19.92 5.49
N GLU B 246 -23.25 19.22 5.48
CA GLU B 246 -24.40 19.57 4.65
C GLU B 246 -25.62 19.64 5.55
N GLN B 247 -26.29 20.79 5.53
CA GLN B 247 -27.45 20.99 6.39
C GLN B 247 -28.58 20.03 6.05
N THR B 248 -28.65 19.59 4.80
CA THR B 248 -29.69 18.65 4.38
C THR B 248 -29.44 17.23 4.88
N ASN B 249 -28.26 16.97 5.47
CA ASN B 249 -27.98 15.63 5.98
C ASN B 249 -28.61 15.36 7.33
N MET B 250 -28.98 16.41 8.08
CA MET B 250 -29.46 16.23 9.45
C MET B 250 -30.88 15.70 9.52
N SER B 251 -31.69 15.93 8.48
CA SER B 251 -32.97 15.24 8.40
C SER B 251 -32.76 13.72 8.35
N TYR B 252 -31.66 13.27 7.75
CA TYR B 252 -31.30 11.85 7.80
C TYR B 252 -30.68 11.47 9.14
N ILE B 253 -29.78 12.31 9.65
CA ILE B 253 -28.98 11.93 10.82
C ILE B 253 -29.89 11.73 12.03
N MET B 254 -30.74 12.72 12.31
CA MET B 254 -31.64 12.59 13.45
C MET B 254 -32.74 11.56 13.21
N GLY B 255 -33.02 11.23 11.95
CA GLY B 255 -33.89 10.10 11.68
C GLY B 255 -33.25 8.78 12.07
N LEU B 256 -31.92 8.69 11.91
CA LEU B 256 -31.20 7.49 12.36
C LEU B 256 -30.98 7.49 13.86
N SER B 257 -30.90 8.68 14.48
CA SER B 257 -30.75 8.73 15.93
C SER B 257 -32.02 8.25 16.64
N GLN B 258 -33.19 8.46 16.04
CA GLN B 258 -34.41 7.99 16.65
C GLN B 258 -34.63 6.50 16.42
N THR B 259 -34.09 5.95 15.33
CA THR B 259 -34.17 4.52 15.11
C THR B 259 -33.21 3.77 16.04
N ALA B 260 -32.05 4.36 16.31
CA ALA B 260 -31.05 3.78 17.20
C ALA B 260 -31.25 4.20 18.65
N ARG B 261 -32.16 5.12 18.93
CA ARG B 261 -32.38 5.65 20.28
C ARG B 261 -31.09 6.22 20.88
N VAL B 262 -30.16 6.64 20.03
CA VAL B 262 -28.90 7.24 20.47
C VAL B 262 -28.73 8.60 19.80
N PRO B 263 -28.78 9.70 20.56
CA PRO B 263 -28.62 11.02 19.93
C PRO B 263 -27.22 11.20 19.36
N VAL B 264 -27.12 12.09 18.36
CA VAL B 264 -25.86 12.33 17.67
C VAL B 264 -24.83 12.96 18.60
N GLU B 265 -25.26 13.62 19.66
CA GLU B 265 -24.31 14.18 20.63
C GLU B 265 -23.38 13.10 21.16
N ARG B 266 -23.90 11.89 21.37
CA ARG B 266 -23.06 10.79 21.83
C ARG B 266 -22.19 10.24 20.70
N ILE B 267 -22.73 10.19 19.49
CA ILE B 267 -21.94 9.75 18.34
C ILE B 267 -20.76 10.68 18.12
N LEU B 268 -20.98 11.99 18.26
CA LEU B 268 -19.88 12.94 18.11
C LEU B 268 -18.83 12.75 19.21
N ASN B 269 -19.29 12.52 20.45
CA ASN B 269 -18.36 12.21 21.53
C ASN B 269 -17.69 10.85 21.31
N THR B 270 -18.40 9.92 20.68
CA THR B 270 -17.79 8.64 20.36
C THR B 270 -16.59 8.82 19.43
N ILE B 271 -16.70 9.73 18.46
CA ILE B 271 -15.63 9.95 17.48
C ILE B 271 -14.37 10.51 18.14
N ILE B 272 -14.55 11.44 19.08
CA ILE B 272 -13.41 12.03 19.77
C ILE B 272 -12.69 10.98 20.61
N GLN B 273 -13.44 10.17 21.35
CA GLN B 273 -12.80 9.20 22.23
C GLN B 273 -12.08 8.13 21.42
N LEU B 274 -12.67 7.67 20.31
CA LEU B 274 -12.01 6.67 19.48
C LEU B 274 -10.73 7.18 18.84
N THR B 275 -10.55 8.50 18.74
CA THR B 275 -9.30 9.03 18.21
C THR B 275 -8.14 8.80 19.19
N THR B 276 -8.42 8.81 20.50
CA THR B 276 -7.42 8.51 21.52
C THR B 276 -7.52 7.07 22.05
N ASN B 277 -8.72 6.49 22.02
CA ASN B 277 -8.94 5.10 22.42
C ASN B 277 -8.94 4.18 21.20
N ARG B 278 -8.03 4.41 20.26
CA ARG B 278 -7.91 3.56 19.08
C ARG B 278 -7.32 2.20 19.44
N ASP B 279 -8.16 1.24 19.79
CA ASP B 279 -7.75 -0.11 20.18
C ASP B 279 -8.06 -1.14 19.11
N GLY B 280 -8.11 -0.70 17.84
CA GLY B 280 -8.43 -1.60 16.76
C GLY B 280 -9.91 -1.93 16.62
N ALA B 281 -10.78 -1.15 17.26
CA ALA B 281 -12.21 -1.37 17.15
C ALA B 281 -12.68 -1.21 15.71
N CYS B 282 -13.09 -2.31 15.10
CA CYS B 282 -13.51 -2.33 13.70
C CYS B 282 -14.99 -1.98 13.62
N ILE B 283 -15.30 -0.75 13.17
CA ILE B 283 -16.67 -0.26 13.07
C ILE B 283 -17.14 -0.36 11.62
N MET B 284 -18.22 -1.11 11.41
CA MET B 284 -18.84 -1.31 10.09
C MET B 284 -17.83 -1.83 9.07
N GLY B 285 -16.99 -2.78 9.49
CA GLY B 285 -16.06 -3.41 8.59
C GLY B 285 -14.79 -2.65 8.29
N SER B 286 -14.48 -1.63 9.08
CA SER B 286 -13.26 -0.86 8.85
C SER B 286 -12.67 -0.47 10.20
N TYR B 287 -11.34 -0.29 10.23
CA TYR B 287 -10.66 0.05 11.47
C TYR B 287 -10.60 1.55 11.68
N ASP B 288 -10.10 2.30 10.70
CA ASP B 288 -10.11 3.75 10.77
C ASP B 288 -11.49 4.28 10.40
N PHE B 289 -11.67 5.60 10.53
CA PHE B 289 -12.93 6.21 10.14
C PHE B 289 -13.06 6.20 8.62
N GLU B 290 -14.25 5.83 8.14
CA GLU B 290 -14.55 5.82 6.72
C GLU B 290 -15.60 6.87 6.40
N CYS B 291 -15.48 7.47 5.22
CA CYS B 291 -16.46 8.41 4.69
C CYS B 291 -17.26 7.83 3.54
N ASP B 292 -17.22 6.51 3.34
CA ASP B 292 -17.97 5.90 2.25
C ASP B 292 -19.46 5.76 2.55
N TRP B 293 -19.85 5.87 3.82
CA TRP B 293 -21.24 5.72 4.23
C TRP B 293 -21.87 7.11 4.31
N THR B 294 -22.78 7.40 3.38
CA THR B 294 -23.46 8.67 3.47
C THR B 294 -24.75 8.53 4.29
N PRO B 295 -25.12 9.58 5.02
CA PRO B 295 -26.39 9.53 5.77
C PRO B 295 -27.59 9.23 4.90
N GLU B 296 -27.58 9.67 3.64
CA GLU B 296 -28.68 9.35 2.75
C GLU B 296 -28.74 7.85 2.47
N MET B 297 -27.58 7.23 2.22
CA MET B 297 -27.59 5.81 1.84
C MET B 297 -27.93 4.92 3.02
N VAL B 298 -27.43 5.25 4.21
CA VAL B 298 -27.69 4.43 5.38
C VAL B 298 -29.14 4.57 5.82
N TYR B 299 -29.71 5.76 5.75
CA TYR B 299 -31.09 5.96 6.18
C TYR B 299 -32.07 5.28 5.22
N ASN B 300 -31.85 5.43 3.92
CA ASN B 300 -32.81 4.94 2.94
C ASN B 300 -32.61 3.45 2.65
N GLN B 301 -31.56 3.14 1.89
CA GLN B 301 -31.24 1.76 1.51
C GLN B 301 -32.36 1.12 0.70
N GLY C 2 -30.68 -56.28 -10.20
CA GLY C 2 -29.31 -56.44 -9.75
C GLY C 2 -28.54 -55.13 -9.81
N ILE C 3 -28.26 -54.55 -8.64
CA ILE C 3 -27.61 -53.25 -8.54
C ILE C 3 -26.18 -53.46 -8.08
N LYS C 4 -25.23 -52.81 -8.74
CA LYS C 4 -23.82 -52.98 -8.45
C LYS C 4 -23.16 -51.62 -8.23
N ILE C 5 -22.04 -51.64 -7.52
CA ILE C 5 -21.17 -50.47 -7.42
C ILE C 5 -20.39 -50.37 -8.72
N LEU C 6 -20.66 -49.31 -9.48
CA LEU C 6 -20.07 -49.13 -10.80
C LEU C 6 -18.86 -48.22 -10.69
N LEU C 7 -17.76 -48.60 -11.35
CA LEU C 7 -16.56 -47.78 -11.38
C LEU C 7 -16.26 -47.36 -12.81
N HIS C 8 -15.58 -46.23 -12.96
CA HIS C 8 -15.26 -45.70 -14.27
C HIS C 8 -13.97 -46.32 -14.81
N PRO C 9 -13.96 -46.66 -16.10
CA PRO C 9 -12.80 -47.36 -16.67
C PRO C 9 -11.49 -46.62 -16.41
N SER C 10 -10.44 -47.39 -16.20
CA SER C 10 -9.16 -46.87 -15.75
C SER C 10 -8.23 -46.46 -16.89
N GLY C 11 -8.64 -46.67 -18.14
CA GLY C 11 -7.69 -46.59 -19.25
C GLY C 11 -7.06 -45.23 -19.41
N VAL C 12 -7.89 -44.19 -19.56
CA VAL C 12 -7.38 -42.87 -19.89
C VAL C 12 -6.54 -42.29 -18.75
N VAL C 13 -6.78 -42.71 -17.51
CA VAL C 13 -6.02 -42.17 -16.38
C VAL C 13 -4.59 -42.73 -16.37
N GLU C 14 -4.45 -44.04 -16.59
CA GLU C 14 -3.12 -44.65 -16.53
C GLU C 14 -2.26 -44.26 -17.73
N ARG C 15 -2.87 -43.89 -18.85
CA ARG C 15 -2.10 -43.34 -19.97
C ARG C 15 -1.51 -41.97 -19.66
N CYS C 16 -1.92 -41.34 -18.55
CA CYS C 16 -1.39 -40.05 -18.11
C CYS C 16 -0.67 -40.10 -16.77
N MET C 17 -0.60 -41.25 -16.13
CA MET C 17 0.07 -41.36 -14.84
C MET C 17 1.58 -41.38 -15.05
N VAL C 18 2.31 -40.69 -14.19
CA VAL C 18 3.76 -40.67 -14.25
C VAL C 18 4.30 -40.83 -12.84
N SER C 19 5.58 -41.17 -12.75
CA SER C 19 6.28 -41.30 -11.49
C SER C 19 7.14 -40.06 -11.27
N VAL C 20 7.13 -39.54 -10.05
CA VAL C 20 7.90 -38.35 -9.70
C VAL C 20 8.80 -38.70 -8.52
N VAL C 21 10.11 -38.60 -8.72
CA VAL C 21 11.09 -38.91 -7.69
C VAL C 21 11.95 -37.68 -7.44
N TYR C 22 12.16 -37.36 -6.16
CA TYR C 22 12.94 -36.17 -5.79
C TYR C 22 13.73 -36.51 -4.53
N ASN C 23 15.05 -36.68 -4.70
CA ASN C 23 15.97 -36.94 -3.59
C ASN C 23 15.49 -38.12 -2.74
N GLY C 24 15.29 -39.26 -3.38
CA GLY C 24 14.85 -40.45 -2.70
C GLY C 24 13.38 -40.51 -2.36
N SER C 25 12.65 -39.39 -2.44
CA SER C 25 11.21 -39.40 -2.21
C SER C 25 10.50 -39.68 -3.53
N ALA C 26 9.62 -40.67 -3.54
CA ALA C 26 8.99 -41.14 -4.76
C ALA C 26 7.49 -41.27 -4.58
N LEU C 27 6.74 -40.57 -5.43
CA LEU C 27 5.28 -40.71 -5.47
C LEU C 27 4.85 -40.64 -6.94
N ASN C 28 3.55 -40.41 -7.15
CA ASN C 28 2.96 -40.43 -8.48
C ASN C 28 2.52 -39.03 -8.91
N GLY C 29 2.23 -38.91 -10.21
CA GLY C 29 1.72 -37.67 -10.76
C GLY C 29 0.95 -37.94 -12.04
N ILE C 30 0.06 -37.01 -12.37
CA ILE C 30 -0.75 -37.11 -13.58
C ILE C 30 -0.24 -36.09 -14.60
N TRP C 31 -0.24 -36.50 -15.87
CA TRP C 31 0.39 -35.74 -16.95
C TRP C 31 -0.69 -35.31 -17.94
N LEU C 32 -1.05 -34.04 -17.90
CA LEU C 32 -2.05 -33.46 -18.79
C LEU C 32 -1.38 -32.37 -19.61
N LYS C 33 -1.55 -32.44 -20.93
CA LYS C 33 -0.90 -31.51 -21.85
C LYS C 33 0.61 -31.49 -21.64
N ASN C 34 1.15 -30.39 -21.09
CA ASN C 34 2.58 -30.26 -20.85
C ASN C 34 2.89 -29.95 -19.39
N VAL C 35 1.97 -30.30 -18.48
CA VAL C 35 2.12 -30.04 -17.05
C VAL C 35 1.95 -31.35 -16.31
N VAL C 36 2.79 -31.57 -15.31
CA VAL C 36 2.69 -32.73 -14.43
C VAL C 36 2.27 -32.24 -13.05
N TYR C 37 1.17 -32.79 -12.55
CA TYR C 37 0.65 -32.43 -11.24
C TYR C 37 0.97 -33.53 -10.25
N CYS C 38 1.60 -33.16 -9.13
CA CYS C 38 1.93 -34.11 -8.08
C CYS C 38 1.89 -33.38 -6.75
N PRO C 39 1.72 -34.10 -5.64
CA PRO C 39 1.75 -33.47 -4.31
C PRO C 39 3.09 -32.78 -4.04
N ARG C 40 3.04 -31.71 -3.25
CA ARG C 40 4.22 -30.90 -3.03
C ARG C 40 5.21 -31.52 -2.04
N HIS C 41 4.75 -32.43 -1.17
CA HIS C 41 5.65 -33.00 -0.15
C HIS C 41 6.67 -34.00 -0.71
N VAL C 42 6.71 -34.15 -2.04
CA VAL C 42 7.77 -34.93 -2.66
C VAL C 42 9.13 -34.26 -2.46
N ILE C 43 9.14 -32.94 -2.26
CA ILE C 43 10.40 -32.22 -2.05
C ILE C 43 10.79 -32.15 -0.57
N GLY C 44 10.03 -32.79 0.31
CA GLY C 44 10.32 -32.72 1.73
C GLY C 44 9.08 -32.56 2.59
N LYS C 45 9.24 -32.78 3.89
CA LYS C 45 8.13 -32.67 4.84
C LYS C 45 8.26 -31.34 5.56
N PHE C 46 7.67 -30.30 5.00
CA PHE C 46 7.71 -28.96 5.57
C PHE C 46 6.34 -28.60 6.14
N ARG C 47 6.32 -27.50 6.89
CA ARG C 47 5.12 -27.07 7.61
C ARG C 47 4.71 -25.69 7.15
N GLY C 48 3.45 -25.35 7.46
CA GLY C 48 2.94 -23.99 7.34
C GLY C 48 3.24 -23.25 6.05
N ASP C 49 4.02 -22.17 6.17
CA ASP C 49 4.35 -21.30 5.04
C ASP C 49 5.78 -21.49 4.55
N GLN C 50 6.43 -22.59 4.93
CA GLN C 50 7.76 -22.88 4.43
C GLN C 50 7.74 -23.33 2.98
N TRP C 51 6.58 -23.67 2.44
CA TRP C 51 6.52 -24.29 1.12
C TRP C 51 6.93 -23.33 0.01
N THR C 52 6.51 -22.06 0.13
CA THR C 52 6.79 -21.10 -0.94
C THR C 52 8.28 -20.96 -1.19
N HIS C 53 9.09 -20.91 -0.12
CA HIS C 53 10.52 -20.70 -0.30
C HIS C 53 11.21 -21.97 -0.77
N MET C 54 10.83 -23.12 -0.22
CA MET C 54 11.47 -24.38 -0.59
C MET C 54 11.23 -24.73 -2.05
N VAL C 55 10.02 -24.44 -2.57
CA VAL C 55 9.74 -24.73 -3.96
C VAL C 55 10.57 -23.83 -4.87
N SER C 56 10.67 -22.54 -4.52
CA SER C 56 11.39 -21.58 -5.35
C SER C 56 12.87 -21.93 -5.52
N ILE C 57 13.45 -22.69 -4.58
CA ILE C 57 14.87 -23.05 -4.62
C ILE C 57 15.09 -24.48 -5.05
N ALA C 58 14.02 -25.22 -5.35
CA ALA C 58 14.17 -26.59 -5.79
C ALA C 58 14.70 -26.61 -7.22
N ASP C 59 15.83 -27.26 -7.43
CA ASP C 59 16.43 -27.39 -8.75
C ASP C 59 15.65 -28.40 -9.58
N CYS C 60 15.21 -27.98 -10.77
CA CYS C 60 14.38 -28.84 -11.62
C CYS C 60 15.13 -30.05 -12.13
N ARG C 61 16.47 -30.01 -12.17
CA ARG C 61 17.23 -31.18 -12.59
C ARG C 61 17.12 -32.34 -11.61
N ASP C 62 16.61 -32.09 -10.40
CA ASP C 62 16.41 -33.15 -9.41
C ASP C 62 15.10 -33.91 -9.62
N PHE C 63 14.16 -33.33 -10.36
CA PHE C 63 12.88 -33.98 -10.66
C PHE C 63 13.08 -34.91 -11.85
N ILE C 64 13.21 -36.21 -11.57
CA ILE C 64 13.27 -37.21 -12.62
C ILE C 64 11.87 -37.82 -12.75
N VAL C 65 11.23 -37.56 -13.89
CA VAL C 65 9.83 -37.90 -14.12
C VAL C 65 9.77 -38.88 -15.28
N LYS C 66 9.18 -40.04 -15.05
CA LYS C 66 9.08 -41.10 -16.05
C LYS C 66 7.63 -41.54 -16.17
N CYS C 67 7.15 -41.64 -17.41
CA CYS C 67 5.83 -42.18 -17.74
C CYS C 67 6.01 -43.60 -18.23
N PRO C 68 5.88 -44.63 -17.37
CA PRO C 68 6.26 -45.98 -17.81
C PRO C 68 5.35 -46.56 -18.88
N ILE C 69 4.07 -46.19 -18.90
CA ILE C 69 3.15 -46.74 -19.90
C ILE C 69 3.44 -46.23 -21.31
N GLN C 70 4.27 -45.19 -21.43
CA GLN C 70 4.71 -44.70 -22.73
C GLN C 70 6.20 -44.86 -22.95
N GLY C 71 6.95 -45.30 -21.92
CA GLY C 71 8.37 -45.55 -22.09
C GLY C 71 9.21 -44.32 -22.36
N ILE C 72 8.81 -43.16 -21.83
CA ILE C 72 9.54 -41.92 -22.07
C ILE C 72 9.76 -41.22 -20.73
N GLN C 73 10.99 -40.75 -20.52
CA GLN C 73 11.34 -39.97 -19.34
C GLN C 73 11.21 -38.48 -19.64
N LEU C 74 10.48 -37.77 -18.80
CA LEU C 74 10.21 -36.36 -19.01
C LEU C 74 11.26 -35.51 -18.30
N ASN C 75 11.46 -34.30 -18.83
CA ASN C 75 12.41 -33.35 -18.27
C ASN C 75 11.66 -32.09 -17.86
N VAL C 76 11.88 -31.65 -16.64
CA VAL C 76 11.15 -30.52 -16.08
C VAL C 76 11.92 -29.23 -16.36
N GLN C 77 11.21 -28.23 -16.89
CA GLN C 77 11.78 -26.91 -17.15
C GLN C 77 11.35 -25.86 -16.15
N SER C 78 10.12 -25.92 -15.63
CA SER C 78 9.65 -24.96 -14.65
C SER C 78 8.87 -25.68 -13.56
N VAL C 79 8.92 -25.13 -12.35
CA VAL C 79 8.21 -25.67 -11.19
C VAL C 79 7.44 -24.55 -10.53
N LYS C 80 6.15 -24.78 -10.30
CA LYS C 80 5.27 -23.79 -9.71
C LYS C 80 4.34 -24.47 -8.73
N MET C 81 4.26 -23.94 -7.51
CA MET C 81 3.38 -24.51 -6.51
C MET C 81 1.99 -23.92 -6.66
N VAL C 82 0.98 -24.79 -6.72
CA VAL C 82 -0.41 -24.37 -6.87
C VAL C 82 -1.19 -25.04 -5.73
N GLY C 83 -1.56 -24.26 -4.74
CA GLY C 83 -2.15 -24.83 -3.55
C GLY C 83 -1.13 -25.69 -2.84
N ALA C 84 -1.49 -26.96 -2.63
CA ALA C 84 -0.62 -27.96 -2.06
C ALA C 84 -0.06 -28.90 -3.11
N LEU C 85 -0.16 -28.53 -4.39
CA LEU C 85 0.34 -29.35 -5.48
C LEU C 85 1.47 -28.64 -6.21
N LEU C 86 2.30 -29.42 -6.88
CA LEU C 86 3.34 -28.89 -7.76
C LEU C 86 2.89 -29.06 -9.20
N GLN C 87 3.05 -28.00 -9.98
CA GLN C 87 2.74 -28.03 -11.41
C GLN C 87 4.07 -27.98 -12.17
N LEU C 88 4.54 -29.14 -12.60
CA LEU C 88 5.80 -29.25 -13.33
C LEU C 88 5.50 -29.19 -14.82
N THR C 89 5.90 -28.09 -15.47
CA THR C 89 5.77 -27.98 -16.91
C THR C 89 6.96 -28.67 -17.58
N VAL C 90 6.66 -29.54 -18.54
CA VAL C 90 7.67 -30.35 -19.20
C VAL C 90 7.75 -29.98 -20.67
N HIS C 91 8.83 -30.44 -21.33
CA HIS C 91 9.05 -30.08 -22.72
C HIS C 91 8.09 -30.79 -23.66
N THR C 92 7.63 -31.97 -23.27
CA THR C 92 6.80 -32.81 -24.13
C THR C 92 5.33 -32.66 -23.78
N ASN C 93 4.50 -32.55 -24.80
CA ASN C 93 3.05 -32.60 -24.64
C ASN C 93 2.59 -34.04 -24.64
N ASN C 94 1.66 -34.37 -23.74
CA ASN C 94 1.09 -35.70 -23.65
C ASN C 94 0.03 -35.86 -24.72
N THR C 95 0.34 -36.65 -25.76
CA THR C 95 -0.62 -36.84 -26.84
C THR C 95 -1.86 -37.60 -26.40
N ALA C 96 -1.78 -38.32 -25.28
CA ALA C 96 -2.92 -39.04 -24.74
C ALA C 96 -3.76 -38.18 -23.81
N THR C 97 -3.50 -36.88 -23.77
CA THR C 97 -4.29 -35.99 -22.91
C THR C 97 -5.72 -35.91 -23.42
N PRO C 98 -6.71 -36.31 -22.64
CA PRO C 98 -8.10 -36.19 -23.08
C PRO C 98 -8.67 -34.82 -22.79
N ASP C 99 -9.91 -34.58 -23.20
CA ASP C 99 -10.62 -33.38 -22.75
C ASP C 99 -10.98 -33.57 -21.29
N TYR C 100 -10.33 -32.81 -20.41
CA TYR C 100 -10.50 -32.98 -18.97
C TYR C 100 -11.06 -31.70 -18.34
N LYS C 101 -11.35 -31.79 -17.05
CA LYS C 101 -11.89 -30.68 -16.29
C LYS C 101 -11.66 -30.95 -14.81
N PHE C 102 -11.24 -29.92 -14.08
CA PHE C 102 -10.98 -30.03 -12.64
C PHE C 102 -12.26 -29.64 -11.90
N GLU C 103 -12.98 -30.62 -11.39
CA GLU C 103 -14.23 -30.41 -10.68
C GLU C 103 -14.06 -30.84 -9.23
N ARG C 104 -14.40 -29.95 -8.30
CA ARG C 104 -14.32 -30.26 -6.88
C ARG C 104 -15.60 -30.96 -6.42
N LEU C 105 -15.45 -32.01 -5.62
CA LEU C 105 -16.59 -32.80 -5.20
C LEU C 105 -17.23 -32.22 -3.93
N GLN C 106 -18.53 -32.36 -3.84
CA GLN C 106 -19.18 -32.07 -2.58
C GLN C 106 -19.35 -33.36 -1.77
N PRO C 107 -19.42 -33.27 -0.45
CA PRO C 107 -19.62 -34.48 0.35
C PRO C 107 -20.88 -35.23 -0.09
N GLY C 108 -20.77 -36.55 -0.16
CA GLY C 108 -21.87 -37.41 -0.57
C GLY C 108 -21.75 -37.94 -1.98
N SER C 109 -20.86 -37.41 -2.81
CA SER C 109 -20.69 -37.88 -4.18
C SER C 109 -19.57 -38.91 -4.26
N SER C 110 -19.65 -39.74 -5.29
CA SER C 110 -18.72 -40.85 -5.45
C SER C 110 -17.64 -40.51 -6.48
N MET C 111 -16.55 -41.27 -6.42
CA MET C 111 -15.46 -41.16 -7.38
C MET C 111 -14.72 -42.49 -7.41
N THR C 112 -13.96 -42.69 -8.48
CA THR C 112 -13.18 -43.91 -8.66
C THR C 112 -11.72 -43.59 -8.41
N ILE C 113 -11.10 -44.33 -7.49
CA ILE C 113 -9.69 -44.12 -7.16
C ILE C 113 -8.85 -45.01 -8.07
N ALA C 114 -7.80 -44.43 -8.65
CA ALA C 114 -6.84 -45.17 -9.46
C ALA C 114 -5.55 -45.25 -8.65
N CYS C 115 -5.53 -46.17 -7.68
CA CYS C 115 -4.38 -46.32 -6.81
C CYS C 115 -3.18 -46.79 -7.61
N ALA C 116 -2.09 -46.02 -7.53
CA ALA C 116 -0.92 -46.27 -8.36
C ALA C 116 0.34 -46.29 -7.51
N TYR C 117 1.36 -46.96 -8.04
CA TYR C 117 2.69 -47.00 -7.47
C TYR C 117 3.69 -46.96 -8.61
N ASP C 118 4.75 -46.16 -8.45
CA ASP C 118 5.82 -46.06 -9.44
C ASP C 118 5.29 -45.67 -10.82
N GLY C 119 4.20 -44.90 -10.85
CA GLY C 119 3.62 -44.43 -12.09
C GLY C 119 2.62 -45.35 -12.75
N ILE C 120 2.45 -46.58 -12.25
CA ILE C 120 1.52 -47.55 -12.83
C ILE C 120 0.37 -47.77 -11.86
N VAL C 121 -0.86 -47.71 -12.37
CA VAL C 121 -2.02 -47.99 -11.55
C VAL C 121 -2.07 -49.48 -11.23
N ARG C 122 -2.16 -49.81 -9.94
CA ARG C 122 -2.22 -51.19 -9.50
C ARG C 122 -3.64 -51.64 -9.16
N HIS C 123 -4.43 -50.81 -8.49
CA HIS C 123 -5.78 -51.18 -8.09
C HIS C 123 -6.74 -50.05 -8.43
N VAL C 124 -8.02 -50.42 -8.52
CA VAL C 124 -9.09 -49.49 -8.84
C VAL C 124 -10.26 -49.80 -7.90
N TYR C 125 -10.67 -48.82 -7.09
CA TYR C 125 -11.76 -49.02 -6.15
C TYR C 125 -12.60 -47.76 -6.05
N HIS C 126 -13.69 -47.84 -5.28
CA HIS C 126 -14.73 -46.84 -5.24
C HIS C 126 -14.83 -46.26 -3.84
N VAL C 127 -14.90 -44.93 -3.75
CA VAL C 127 -15.07 -44.24 -2.48
C VAL C 127 -16.08 -43.11 -2.67
N VAL C 128 -16.59 -42.62 -1.54
CA VAL C 128 -17.47 -41.46 -1.51
C VAL C 128 -16.93 -40.47 -0.48
N LEU C 129 -17.00 -39.18 -0.81
CA LEU C 129 -16.52 -38.15 0.09
C LEU C 129 -17.44 -38.03 1.29
N GLN C 130 -16.90 -38.22 2.49
CA GLN C 130 -17.70 -38.18 3.69
C GLN C 130 -17.88 -36.74 4.18
N LEU C 131 -18.83 -36.56 5.09
CA LEU C 131 -19.13 -35.23 5.60
C LEU C 131 -17.98 -34.63 6.39
N ASN C 132 -17.06 -35.45 6.89
CA ASN C 132 -15.85 -34.94 7.51
C ASN C 132 -14.76 -34.62 6.48
N ASN C 133 -15.12 -34.63 5.19
CA ASN C 133 -14.18 -34.36 4.09
C ASN C 133 -12.99 -35.32 4.12
N LEU C 134 -13.27 -36.59 4.39
CA LEU C 134 -12.30 -37.66 4.34
C LEU C 134 -12.86 -38.79 3.51
N ILE C 135 -11.96 -39.58 2.92
CA ILE C 135 -12.34 -40.78 2.18
C ILE C 135 -11.72 -41.99 2.88
N TYR C 136 -12.45 -43.09 2.88
CA TYR C 136 -12.02 -44.33 3.54
C TYR C 136 -11.51 -45.26 2.44
N ALA C 137 -10.23 -45.13 2.10
CA ALA C 137 -9.64 -45.77 0.95
C ALA C 137 -8.59 -46.79 1.41
N SER C 138 -7.63 -47.09 0.55
CA SER C 138 -6.55 -48.01 0.87
C SER C 138 -5.30 -47.54 0.14
N PHE C 139 -4.27 -47.17 0.88
CA PHE C 139 -3.04 -46.64 0.30
C PHE C 139 -1.84 -47.13 1.12
N LEU C 140 -0.72 -47.32 0.44
CA LEU C 140 0.55 -47.68 1.06
C LEU C 140 1.59 -46.63 0.68
N ASN C 141 2.83 -46.87 1.10
CA ASN C 141 3.91 -45.94 0.81
C ASN C 141 4.09 -45.81 -0.70
N GLY C 142 4.21 -44.58 -1.18
CA GLY C 142 4.39 -44.34 -2.60
C GLY C 142 3.11 -44.30 -3.41
N ALA C 143 1.95 -44.17 -2.75
CA ALA C 143 0.67 -44.10 -3.43
C ALA C 143 0.16 -42.67 -3.64
N CYS C 144 0.76 -41.67 -2.99
CA CYS C 144 0.36 -40.30 -3.24
C CYS C 144 0.49 -39.97 -4.72
N GLY C 145 -0.35 -39.04 -5.17
CA GLY C 145 -0.46 -38.71 -6.56
C GLY C 145 -1.54 -39.47 -7.31
N SER C 146 -1.96 -40.61 -6.79
CA SER C 146 -3.11 -41.28 -7.38
C SER C 146 -4.33 -40.39 -7.26
N VAL C 147 -5.16 -40.40 -8.29
CA VAL C 147 -6.26 -39.45 -8.40
C VAL C 147 -7.59 -40.19 -8.40
N GLY C 148 -8.61 -39.55 -7.83
CA GLY C 148 -9.98 -39.97 -8.00
C GLY C 148 -10.61 -39.23 -9.16
N TYR C 149 -11.46 -39.91 -9.92
CA TYR C 149 -11.93 -39.36 -11.18
C TYR C 149 -13.35 -39.82 -11.47
N THR C 150 -13.98 -39.09 -12.40
CA THR C 150 -15.29 -39.40 -12.94
C THR C 150 -15.20 -39.23 -14.45
N LEU C 151 -16.05 -39.94 -15.18
CA LEU C 151 -16.08 -39.82 -16.63
C LEU C 151 -17.51 -39.56 -17.06
N LYS C 152 -17.71 -38.51 -17.86
CA LYS C 152 -19.01 -38.17 -18.42
C LYS C 152 -18.84 -38.18 -19.94
N GLY C 153 -19.10 -39.34 -20.54
CA GLY C 153 -18.90 -39.50 -21.96
C GLY C 153 -17.43 -39.62 -22.31
N LYS C 154 -16.86 -38.55 -22.88
CA LYS C 154 -15.46 -38.52 -23.27
C LYS C 154 -14.63 -37.59 -22.41
N THR C 155 -15.27 -36.91 -21.46
CA THR C 155 -14.60 -35.95 -20.58
C THR C 155 -14.09 -36.66 -19.33
N LEU C 156 -12.88 -36.32 -18.92
CA LEU C 156 -12.29 -36.85 -17.69
C LEU C 156 -12.42 -35.80 -16.59
N TYR C 157 -13.13 -36.15 -15.51
CA TYR C 157 -13.34 -35.24 -14.39
C TYR C 157 -12.43 -35.66 -13.23
N LEU C 158 -11.42 -34.83 -12.94
CA LEU C 158 -10.51 -35.09 -11.85
C LEU C 158 -10.99 -34.38 -10.60
N HIS C 159 -11.07 -35.12 -9.49
CA HIS C 159 -11.65 -34.63 -8.25
C HIS C 159 -10.70 -34.65 -7.05
N TYR C 160 -9.70 -35.54 -7.04
CA TYR C 160 -8.96 -35.81 -5.83
C TYR C 160 -7.55 -36.27 -6.17
N MET C 161 -6.61 -36.00 -5.26
CA MET C 161 -5.27 -36.54 -5.35
C MET C 161 -4.76 -36.82 -3.94
N HIS C 162 -4.34 -38.07 -3.71
CA HIS C 162 -4.03 -38.55 -2.37
C HIS C 162 -2.80 -37.84 -1.78
N HIS C 163 -2.81 -37.56 -0.49
CA HIS C 163 -1.68 -36.89 0.18
C HIS C 163 -1.31 -37.51 1.53
N ILE C 164 -2.25 -37.94 2.33
CA ILE C 164 -1.93 -38.24 3.72
C ILE C 164 -2.90 -39.28 4.25
N GLU C 165 -2.42 -40.12 5.17
CA GLU C 165 -3.22 -41.15 5.83
C GLU C 165 -3.19 -40.93 7.34
N PHE C 166 -4.36 -41.02 7.98
CA PHE C 166 -4.48 -40.75 9.40
C PHE C 166 -4.53 -42.07 10.18
N ASN C 167 -4.57 -41.96 11.51
CA ASN C 167 -4.50 -43.14 12.36
C ASN C 167 -5.72 -44.04 12.20
N ASN C 168 -6.91 -43.45 12.02
CA ASN C 168 -8.15 -44.22 11.95
C ASN C 168 -8.46 -44.73 10.55
N LYS C 169 -7.43 -45.08 9.76
CA LYS C 169 -7.61 -45.59 8.40
C LYS C 169 -8.39 -44.61 7.52
N THR C 170 -8.17 -43.31 7.74
CA THR C 170 -8.78 -42.27 6.93
C THR C 170 -7.74 -41.60 6.05
N HIS C 171 -8.18 -41.05 4.92
CA HIS C 171 -7.28 -40.48 3.94
C HIS C 171 -7.78 -39.11 3.48
N SER C 172 -6.84 -38.19 3.31
CA SER C 172 -7.16 -36.83 2.90
C SER C 172 -6.28 -36.39 1.75
N GLY C 173 -6.75 -35.38 1.03
CA GLY C 173 -6.01 -34.85 -0.09
C GLY C 173 -6.68 -33.60 -0.62
N THR C 174 -6.19 -33.15 -1.76
CA THR C 174 -6.66 -31.95 -2.42
C THR C 174 -7.41 -32.29 -3.70
N ASP C 175 -8.15 -31.31 -4.21
CA ASP C 175 -8.64 -31.42 -5.57
C ASP C 175 -7.49 -31.10 -6.54
N LEU C 176 -7.77 -31.16 -7.84
CA LEU C 176 -6.69 -30.94 -8.78
C LEU C 176 -6.28 -29.48 -8.90
N GLU C 177 -6.89 -28.58 -8.13
CA GLU C 177 -6.47 -27.19 -8.11
C GLU C 177 -5.63 -26.86 -6.89
N GLY C 178 -5.42 -27.83 -6.00
CA GLY C 178 -4.49 -27.68 -4.90
C GLY C 178 -5.07 -27.41 -3.53
N ASN C 179 -6.39 -27.48 -3.36
CA ASN C 179 -7.02 -27.17 -2.10
C ASN C 179 -7.56 -28.43 -1.44
N PHE C 180 -7.18 -28.64 -0.18
CA PHE C 180 -7.58 -29.84 0.54
C PHE C 180 -9.08 -29.87 0.78
N TYR C 181 -9.62 -31.07 0.87
CA TYR C 181 -10.97 -31.27 1.36
C TYR C 181 -10.93 -31.24 2.89
N GLY C 182 -11.56 -30.25 3.49
CA GLY C 182 -11.60 -30.15 4.92
C GLY C 182 -10.44 -29.36 5.49
N PRO C 183 -10.28 -29.38 6.81
CA PRO C 183 -9.23 -28.58 7.46
C PRO C 183 -7.91 -29.32 7.61
N TYR C 184 -7.67 -30.28 6.73
CA TYR C 184 -6.50 -31.14 6.82
C TYR C 184 -5.38 -30.62 5.93
N VAL C 185 -4.15 -30.86 6.37
CA VAL C 185 -2.97 -30.42 5.64
C VAL C 185 -2.02 -31.61 5.51
N ASP C 186 -1.00 -31.42 4.67
CA ASP C 186 -0.02 -32.46 4.41
C ASP C 186 1.13 -32.39 5.42
N GLU C 187 0.76 -32.47 6.70
CA GLU C 187 1.73 -32.46 7.79
C GLU C 187 1.54 -33.68 8.66
N GLU C 188 2.66 -34.26 9.09
CA GLU C 188 2.64 -35.48 9.91
C GLU C 188 2.48 -35.12 11.39
N VAL C 189 1.32 -34.51 11.69
CA VAL C 189 0.91 -34.20 13.05
C VAL C 189 -0.51 -34.71 13.23
N ILE C 190 -0.95 -34.74 14.48
CA ILE C 190 -2.33 -35.10 14.76
C ILE C 190 -3.22 -33.90 14.52
N GLN C 191 -4.24 -34.09 13.67
CA GLN C 191 -5.12 -33.01 13.25
C GLN C 191 -6.54 -33.35 13.67
N GLN C 192 -7.21 -32.39 14.29
CA GLN C 192 -8.58 -32.62 14.76
C GLN C 192 -9.50 -32.89 13.57
N GLN C 193 -10.32 -33.93 13.70
CA GLN C 193 -11.28 -34.30 12.67
C GLN C 193 -12.69 -34.05 13.17
N THR C 194 -13.55 -33.64 12.24
CA THR C 194 -14.95 -33.44 12.58
C THR C 194 -15.60 -34.77 12.93
N ALA C 195 -16.53 -34.73 13.87
CA ALA C 195 -17.25 -35.95 14.24
C ALA C 195 -17.97 -36.50 13.02
N PHE C 196 -17.92 -37.82 12.88
CA PHE C 196 -18.54 -38.47 11.74
C PHE C 196 -20.03 -38.17 11.70
N GLN C 197 -20.57 -38.04 10.49
CA GLN C 197 -22.00 -37.85 10.29
C GLN C 197 -22.42 -38.59 9.03
N TYR C 198 -23.51 -39.35 9.14
CA TYR C 198 -23.97 -40.18 8.03
C TYR C 198 -24.66 -39.32 6.98
N TYR C 199 -24.20 -39.44 5.74
CA TYR C 199 -24.88 -38.81 4.59
C TYR C 199 -26.20 -39.52 4.38
N THR C 200 -27.30 -38.87 4.79
CA THR C 200 -28.57 -39.57 4.88
C THR C 200 -29.09 -40.00 3.51
N ASP C 201 -28.87 -39.19 2.48
CA ASP C 201 -29.33 -39.55 1.14
C ASP C 201 -28.75 -40.90 0.70
N ASN C 202 -27.46 -41.14 0.99
CA ASN C 202 -26.80 -42.33 0.50
C ASN C 202 -27.22 -43.57 1.28
N VAL C 203 -27.44 -43.42 2.59
CA VAL C 203 -27.96 -44.52 3.37
C VAL C 203 -29.38 -44.86 2.93
N VAL C 204 -30.15 -43.86 2.49
CA VAL C 204 -31.46 -44.14 1.90
C VAL C 204 -31.29 -44.91 0.60
N ALA C 205 -30.27 -44.57 -0.19
CA ALA C 205 -30.01 -45.28 -1.44
C ALA C 205 -29.51 -46.70 -1.18
N GLN C 206 -28.80 -46.89 -0.07
CA GLN C 206 -28.32 -48.23 0.29
C GLN C 206 -29.48 -49.15 0.61
N LEU C 207 -30.49 -48.65 1.31
CA LEU C 207 -31.64 -49.49 1.66
C LEU C 207 -32.51 -49.77 0.45
N TYR C 208 -32.76 -48.75 -0.39
CA TYR C 208 -33.53 -48.96 -1.61
C TYR C 208 -32.85 -49.94 -2.53
N ALA C 209 -31.52 -49.97 -2.54
CA ALA C 209 -30.79 -50.95 -3.35
C ALA C 209 -31.10 -52.37 -2.89
N HIS C 210 -31.03 -52.61 -1.57
CA HIS C 210 -31.29 -53.95 -1.06
C HIS C 210 -32.70 -54.44 -1.41
N LEU C 211 -33.67 -53.53 -1.49
CA LEU C 211 -35.06 -53.93 -1.72
C LEU C 211 -35.33 -54.32 -3.16
N LEU C 212 -34.59 -53.74 -4.11
CA LEU C 212 -34.63 -54.13 -5.51
C LEU C 212 -33.53 -55.11 -5.87
N THR C 213 -32.73 -55.55 -4.89
CA THR C 213 -31.66 -56.50 -5.14
C THR C 213 -31.94 -57.84 -4.45
N VAL C 214 -32.01 -57.86 -3.13
CA VAL C 214 -32.01 -59.11 -2.37
C VAL C 214 -33.42 -59.51 -1.94
N ASP C 215 -34.14 -58.60 -1.27
CA ASP C 215 -35.43 -58.91 -0.68
C ASP C 215 -36.33 -57.70 -0.79
N ALA C 216 -37.48 -57.86 -1.45
CA ALA C 216 -38.41 -56.75 -1.59
C ALA C 216 -39.11 -56.42 -0.29
N ARG C 217 -39.36 -57.43 0.55
CA ARG C 217 -40.02 -57.26 1.85
C ARG C 217 -39.20 -57.98 2.91
N PRO C 218 -38.11 -57.38 3.38
CA PRO C 218 -37.27 -58.01 4.41
C PRO C 218 -37.92 -57.89 5.78
N LYS C 219 -37.27 -58.50 6.77
CA LYS C 219 -37.86 -58.57 8.11
C LYS C 219 -37.62 -57.28 8.90
N TRP C 220 -36.48 -56.62 8.71
CA TRP C 220 -36.11 -55.47 9.53
C TRP C 220 -36.71 -54.17 9.05
N LEU C 221 -37.23 -54.10 7.82
CA LEU C 221 -37.93 -52.91 7.38
C LEU C 221 -39.18 -52.71 8.24
N ALA C 222 -39.26 -51.58 8.91
CA ALA C 222 -40.43 -51.31 9.74
C ALA C 222 -41.60 -50.87 8.86
N GLN C 223 -42.76 -51.48 9.09
CA GLN C 223 -43.97 -51.05 8.38
C GLN C 223 -44.49 -49.71 8.90
N SER C 224 -43.89 -49.19 9.98
CA SER C 224 -44.26 -47.86 10.45
C SER C 224 -43.78 -46.80 9.46
N GLN C 225 -44.14 -45.55 9.74
CA GLN C 225 -43.69 -44.42 8.94
C GLN C 225 -43.30 -43.29 9.88
N ILE C 226 -42.38 -42.45 9.41
CA ILE C 226 -42.03 -41.22 10.08
C ILE C 226 -41.93 -40.11 9.04
N SER C 227 -42.43 -38.94 9.40
CA SER C 227 -42.36 -37.80 8.49
C SER C 227 -40.91 -37.32 8.36
N ILE C 228 -40.66 -36.58 7.28
CA ILE C 228 -39.34 -36.01 7.07
C ILE C 228 -38.99 -35.05 8.21
N GLU C 229 -39.98 -34.30 8.69
CA GLU C 229 -39.75 -33.33 9.75
C GLU C 229 -39.35 -34.01 11.05
N ASP C 230 -40.12 -35.00 11.49
CA ASP C 230 -39.79 -35.71 12.73
C ASP C 230 -38.49 -36.49 12.61
N PHE C 231 -38.13 -36.90 11.40
CA PHE C 231 -36.85 -37.59 11.20
C PHE C 231 -35.68 -36.63 11.35
N ASN C 232 -35.83 -35.40 10.85
CA ASN C 232 -34.75 -34.43 10.92
C ASN C 232 -34.47 -34.00 12.36
N SER C 233 -35.49 -34.06 13.23
CA SER C 233 -35.26 -33.80 14.64
C SER C 233 -34.48 -34.95 15.27
N TRP C 234 -34.81 -36.19 14.90
CA TRP C 234 -34.05 -37.34 15.38
C TRP C 234 -32.63 -37.34 14.84
N ALA C 235 -32.44 -36.82 13.63
CA ALA C 235 -31.12 -36.87 13.00
C ALA C 235 -30.13 -35.92 13.66
N ALA C 236 -30.62 -34.84 14.28
CA ALA C 236 -29.72 -33.85 14.87
C ALA C 236 -29.01 -34.38 16.11
N ASN C 237 -29.51 -35.46 16.72
CA ASN C 237 -28.91 -36.03 17.92
C ASN C 237 -28.44 -37.46 17.73
N ASN C 238 -28.48 -37.98 16.51
CA ASN C 238 -28.02 -39.33 16.20
C ASN C 238 -27.07 -39.34 15.01
N SER C 239 -26.33 -38.25 14.83
CA SER C 239 -25.22 -38.18 13.88
C SER C 239 -25.66 -38.43 12.44
N PHE C 240 -26.89 -38.06 12.10
CA PHE C 240 -27.37 -38.17 10.74
C PHE C 240 -27.60 -36.78 10.15
N ALA C 241 -27.33 -36.64 8.86
CA ALA C 241 -27.44 -35.34 8.19
C ALA C 241 -28.90 -34.98 7.96
N ASN C 242 -29.16 -33.69 7.86
CA ASN C 242 -30.52 -33.22 7.62
C ASN C 242 -31.00 -33.67 6.25
N PHE C 243 -32.15 -34.34 6.22
CA PHE C 243 -32.69 -34.89 4.98
C PHE C 243 -33.60 -33.87 4.30
N PRO C 244 -33.46 -33.66 2.99
CA PRO C 244 -32.40 -34.29 2.18
C PRO C 244 -31.10 -33.49 2.22
N CYS C 245 -29.97 -34.15 1.99
CA CYS C 245 -28.69 -33.46 1.92
C CYS C 245 -28.59 -32.60 0.67
N GLU C 246 -28.99 -33.16 -0.47
CA GLU C 246 -29.05 -32.45 -1.73
C GLU C 246 -30.46 -32.53 -2.29
N GLN C 247 -30.97 -31.39 -2.74
CA GLN C 247 -32.33 -31.34 -3.27
C GLN C 247 -32.47 -32.09 -4.59
N THR C 248 -31.37 -32.27 -5.33
CA THR C 248 -31.42 -33.00 -6.59
C THR C 248 -31.54 -34.50 -6.40
N ASN C 249 -31.25 -35.01 -5.20
CA ASN C 249 -31.37 -36.44 -4.95
C ASN C 249 -32.82 -36.89 -4.82
N MET C 250 -33.75 -35.96 -4.56
CA MET C 250 -35.16 -36.35 -4.42
C MET C 250 -35.73 -36.86 -5.75
N SER C 251 -35.21 -36.36 -6.87
CA SER C 251 -35.64 -36.86 -8.17
C SER C 251 -35.40 -38.36 -8.30
N TYR C 252 -34.32 -38.86 -7.70
CA TYR C 252 -33.99 -40.28 -7.77
C TYR C 252 -34.57 -41.08 -6.61
N ILE C 253 -34.75 -40.48 -5.44
CA ILE C 253 -35.28 -41.22 -4.30
C ILE C 253 -36.76 -41.51 -4.52
N MET C 254 -37.51 -40.52 -5.01
CA MET C 254 -38.91 -40.76 -5.31
C MET C 254 -39.09 -41.69 -6.51
N GLY C 255 -38.13 -41.68 -7.44
CA GLY C 255 -38.12 -42.71 -8.46
C GLY C 255 -37.86 -44.09 -7.89
N LEU C 256 -36.96 -44.18 -6.92
CA LEU C 256 -36.73 -45.44 -6.21
C LEU C 256 -37.93 -45.82 -5.36
N SER C 257 -38.73 -44.83 -4.94
CA SER C 257 -39.88 -45.13 -4.09
C SER C 257 -40.98 -45.83 -4.87
N GLN C 258 -41.19 -45.44 -6.13
CA GLN C 258 -42.27 -46.02 -6.92
C GLN C 258 -41.90 -47.40 -7.46
N THR C 259 -40.62 -47.65 -7.72
CA THR C 259 -40.21 -48.97 -8.21
C THR C 259 -40.32 -50.01 -7.11
N ALA C 260 -39.86 -49.67 -5.90
CA ALA C 260 -39.96 -50.56 -4.76
C ALA C 260 -41.34 -50.56 -4.12
N ARG C 261 -42.20 -49.61 -4.48
CA ARG C 261 -43.52 -49.44 -3.84
C ARG C 261 -43.39 -49.13 -2.35
N VAL C 262 -42.24 -48.59 -1.95
CA VAL C 262 -41.97 -48.23 -0.57
C VAL C 262 -41.72 -46.73 -0.51
N PRO C 263 -42.54 -45.96 0.20
CA PRO C 263 -42.28 -44.52 0.33
C PRO C 263 -41.03 -44.26 1.15
N VAL C 264 -40.45 -43.06 0.94
CA VAL C 264 -39.21 -42.71 1.62
C VAL C 264 -39.43 -42.59 3.13
N GLU C 265 -40.65 -42.24 3.56
CA GLU C 265 -40.95 -42.20 4.99
C GLU C 265 -40.74 -43.56 5.65
N ARG C 266 -41.00 -44.64 4.91
CA ARG C 266 -40.76 -45.97 5.44
C ARG C 266 -39.27 -46.25 5.60
N ILE C 267 -38.46 -45.80 4.64
CA ILE C 267 -37.02 -46.03 4.70
C ILE C 267 -36.39 -45.24 5.84
N LEU C 268 -36.88 -44.02 6.08
CA LEU C 268 -36.31 -43.19 7.14
C LEU C 268 -36.55 -43.79 8.51
N ASN C 269 -37.79 -44.24 8.77
CA ASN C 269 -38.08 -44.84 10.07
C ASN C 269 -37.35 -46.16 10.23
N THR C 270 -37.08 -46.87 9.13
CA THR C 270 -36.26 -48.07 9.21
C THR C 270 -34.86 -47.75 9.71
N ILE C 271 -34.30 -46.61 9.27
CA ILE C 271 -32.99 -46.21 9.73
C ILE C 271 -32.98 -45.98 11.23
N ILE C 272 -34.06 -45.39 11.77
CA ILE C 272 -34.13 -45.14 13.21
C ILE C 272 -34.20 -46.47 13.97
N GLN C 273 -35.10 -47.36 13.55
CA GLN C 273 -35.22 -48.65 14.22
C GLN C 273 -33.98 -49.50 14.03
N LEU C 274 -33.25 -49.31 12.93
CA LEU C 274 -32.03 -50.09 12.71
C LEU C 274 -30.95 -49.70 13.73
N THR C 275 -30.86 -48.42 14.09
CA THR C 275 -29.94 -47.96 15.12
C THR C 275 -30.53 -48.33 16.48
N THR C 276 -30.23 -49.55 16.92
CA THR C 276 -30.81 -50.10 18.15
C THR C 276 -29.95 -51.20 18.75
N PHE C 289 -25.14 -49.37 7.21
CA PHE C 289 -24.96 -47.94 7.38
C PHE C 289 -23.75 -47.42 6.61
N GLU C 290 -23.76 -47.66 5.30
CA GLU C 290 -22.70 -47.20 4.41
C GLU C 290 -23.25 -46.18 3.42
N CYS C 291 -22.49 -45.12 3.20
CA CYS C 291 -22.84 -44.04 2.27
C CYS C 291 -22.22 -44.23 0.89
N ASP C 292 -21.78 -45.45 0.56
CA ASP C 292 -21.15 -45.67 -0.73
C ASP C 292 -22.14 -45.69 -1.89
N TRP C 293 -23.41 -45.95 -1.61
CA TRP C 293 -24.43 -46.02 -2.65
C TRP C 293 -25.07 -44.64 -2.81
N THR C 294 -24.83 -43.99 -3.93
CA THR C 294 -25.49 -42.70 -4.09
C THR C 294 -26.87 -42.89 -4.73
N PRO C 295 -27.82 -41.99 -4.45
CA PRO C 295 -29.16 -42.16 -5.01
C PRO C 295 -29.22 -42.17 -6.53
N GLU C 296 -28.26 -41.55 -7.21
CA GLU C 296 -28.32 -41.49 -8.66
C GLU C 296 -27.69 -42.72 -9.32
N MET C 297 -26.66 -43.31 -8.72
CA MET C 297 -26.09 -44.51 -9.30
C MET C 297 -27.01 -45.71 -9.10
N VAL C 298 -27.70 -45.78 -7.97
CA VAL C 298 -28.67 -46.85 -7.76
C VAL C 298 -29.85 -46.69 -8.71
N TYR C 299 -30.19 -45.45 -9.07
CA TYR C 299 -31.34 -45.20 -9.93
C TYR C 299 -31.07 -45.66 -11.36
N ASN C 300 -30.04 -45.10 -11.99
CA ASN C 300 -29.66 -45.43 -13.36
C ASN C 300 -28.31 -46.12 -13.33
N GLN C 301 -28.30 -47.40 -13.71
CA GLN C 301 -27.06 -48.18 -13.73
C GLN C 301 -26.37 -48.09 -15.08
N GLY D 2 31.79 3.51 23.79
CA GLY D 2 30.91 2.88 22.81
C GLY D 2 31.55 1.81 21.95
N ILE D 3 30.82 1.39 20.91
CA ILE D 3 31.28 0.35 20.00
C ILE D 3 31.30 0.93 18.59
N LYS D 4 32.50 1.04 18.02
CA LYS D 4 32.70 1.64 16.72
C LYS D 4 33.45 0.68 15.80
N ILE D 5 33.30 0.93 14.51
CA ILE D 5 34.12 0.27 13.49
C ILE D 5 35.54 0.81 13.58
N LEU D 6 36.48 -0.05 13.96
CA LEU D 6 37.85 0.36 14.23
C LEU D 6 38.73 0.09 13.01
N LEU D 7 39.51 1.08 12.61
CA LEU D 7 40.44 0.95 11.49
C LEU D 7 41.87 1.07 12.01
N HIS D 8 42.81 0.63 11.18
CA HIS D 8 44.19 0.70 11.64
C HIS D 8 44.90 1.90 11.03
N PRO D 9 45.74 2.56 11.83
CA PRO D 9 46.41 3.79 11.37
C PRO D 9 47.20 3.54 10.09
N SER D 10 46.95 4.38 9.09
CA SER D 10 47.51 4.23 7.76
C SER D 10 48.93 4.79 7.62
N GLY D 11 49.51 5.30 8.71
CA GLY D 11 50.78 5.99 8.59
C GLY D 11 51.90 5.11 8.07
N VAL D 12 51.96 3.87 8.55
CA VAL D 12 53.04 2.99 8.12
C VAL D 12 52.87 2.60 6.65
N VAL D 13 51.63 2.50 6.18
CA VAL D 13 51.41 2.16 4.78
C VAL D 13 51.68 3.37 3.87
N GLU D 14 51.39 4.58 4.35
CA GLU D 14 51.62 5.77 3.54
C GLU D 14 53.08 5.94 3.18
N ARG D 15 53.98 5.70 4.14
CA ARG D 15 55.41 5.88 3.89
C ARG D 15 55.97 4.88 2.88
N CYS D 16 55.23 3.81 2.55
CA CYS D 16 55.70 2.80 1.62
C CYS D 16 55.04 2.83 0.25
N MET D 17 53.98 3.64 0.09
CA MET D 17 53.25 3.64 -1.16
C MET D 17 54.06 4.33 -2.25
N VAL D 18 53.98 3.78 -3.47
CA VAL D 18 54.66 4.35 -4.62
C VAL D 18 53.69 4.36 -5.80
N SER D 19 54.04 5.16 -6.80
CA SER D 19 53.29 5.24 -8.04
C SER D 19 54.05 4.51 -9.13
N VAL D 20 53.32 3.74 -9.95
CA VAL D 20 53.93 2.95 -11.02
C VAL D 20 53.22 3.28 -12.32
N VAL D 21 53.97 3.84 -13.28
CA VAL D 21 53.41 4.25 -14.57
C VAL D 21 54.19 3.56 -15.67
N TYR D 22 53.46 2.89 -16.57
CA TYR D 22 54.07 2.11 -17.65
C TYR D 22 53.32 2.42 -18.94
N ASN D 23 53.95 3.21 -19.81
CA ASN D 23 53.44 3.51 -21.14
C ASN D 23 51.98 3.99 -21.08
N GLY D 24 51.75 5.00 -20.27
CA GLY D 24 50.45 5.63 -20.18
C GLY D 24 49.53 5.05 -19.12
N SER D 25 49.73 3.79 -18.73
CA SER D 25 48.94 3.19 -17.66
C SER D 25 49.59 3.50 -16.32
N ALA D 26 48.79 3.94 -15.36
CA ALA D 26 49.30 4.33 -14.05
C ALA D 26 48.48 3.68 -12.94
N LEU D 27 49.17 3.07 -11.98
CA LEU D 27 48.51 2.55 -10.78
C LEU D 27 49.47 2.70 -9.60
N ASN D 28 49.15 2.05 -8.50
CA ASN D 28 49.90 2.17 -7.26
C ASN D 28 50.68 0.90 -6.97
N GLY D 29 51.62 1.02 -6.03
CA GLY D 29 52.40 -0.12 -5.58
C GLY D 29 52.99 0.17 -4.21
N ILE D 30 53.31 -0.89 -3.50
CA ILE D 30 53.87 -0.78 -2.16
C ILE D 30 55.33 -1.20 -2.21
N TRP D 31 56.14 -0.51 -1.42
CA TRP D 31 57.60 -0.60 -1.49
C TRP D 31 58.13 -1.15 -0.18
N LEU D 32 58.55 -2.42 -0.20
CA LEU D 32 59.05 -3.12 0.98
C LEU D 32 60.46 -3.63 0.71
N LYS D 33 61.41 -3.21 1.54
CA LYS D 33 62.83 -3.54 1.37
C LYS D 33 63.27 -2.99 0.03
N ASN D 34 63.68 -3.81 -0.94
CA ASN D 34 64.14 -3.34 -2.24
C ASN D 34 63.20 -3.77 -3.36
N VAL D 35 61.98 -4.17 -3.03
CA VAL D 35 61.01 -4.68 -3.98
C VAL D 35 59.76 -3.81 -3.94
N VAL D 36 59.17 -3.54 -5.10
CA VAL D 36 57.91 -2.84 -5.23
C VAL D 36 56.87 -3.80 -5.80
N TYR D 37 55.75 -3.95 -5.08
CA TYR D 37 54.69 -4.89 -5.45
C TYR D 37 53.53 -4.11 -6.07
N CYS D 38 53.18 -4.44 -7.30
CA CYS D 38 52.08 -3.77 -7.98
C CYS D 38 51.35 -4.79 -8.84
N PRO D 39 50.11 -4.49 -9.25
CA PRO D 39 49.40 -5.40 -10.14
C PRO D 39 50.08 -5.50 -11.49
N ARG D 40 49.95 -6.68 -12.12
CA ARG D 40 50.67 -6.93 -13.35
C ARG D 40 50.03 -6.28 -14.57
N HIS D 41 48.75 -5.94 -14.52
CA HIS D 41 48.05 -5.44 -15.71
C HIS D 41 48.45 -4.01 -16.07
N VAL D 42 49.40 -3.41 -15.35
CA VAL D 42 49.92 -2.11 -15.74
C VAL D 42 50.73 -2.21 -17.03
N ILE D 43 51.30 -3.39 -17.33
CA ILE D 43 51.98 -3.57 -18.60
C ILE D 43 51.02 -3.78 -19.76
N GLY D 44 49.73 -3.90 -19.49
CA GLY D 44 48.75 -4.18 -20.53
C GLY D 44 47.64 -5.10 -20.07
N LYS D 45 46.57 -5.19 -20.87
CA LYS D 45 45.40 -6.03 -20.54
C LYS D 45 45.53 -7.34 -21.31
N PHE D 46 46.13 -8.33 -20.66
CA PHE D 46 46.33 -9.63 -21.28
C PHE D 46 45.49 -10.67 -20.55
N ARG D 47 45.51 -11.88 -21.09
CA ARG D 47 44.64 -12.94 -20.59
C ARG D 47 45.45 -14.21 -20.38
N GLY D 48 44.90 -15.12 -19.60
CA GLY D 48 45.42 -16.48 -19.46
C GLY D 48 46.90 -16.60 -19.16
N ASP D 49 47.63 -17.27 -20.05
CA ASP D 49 49.06 -17.50 -19.88
C ASP D 49 49.91 -16.58 -20.75
N GLN D 50 49.33 -15.50 -21.26
CA GLN D 50 50.12 -14.52 -21.99
C GLN D 50 51.05 -13.75 -21.07
N TRP D 51 50.84 -13.80 -19.76
CA TRP D 51 51.53 -12.89 -18.86
C TRP D 51 53.02 -13.19 -18.78
N THR D 52 53.39 -14.47 -18.67
CA THR D 52 54.80 -14.84 -18.55
C THR D 52 55.64 -14.19 -19.64
N HIS D 53 55.20 -14.33 -20.90
CA HIS D 53 56.01 -13.81 -22.00
C HIS D 53 55.94 -12.29 -22.09
N MET D 54 54.78 -11.70 -21.79
CA MET D 54 54.66 -10.25 -21.87
C MET D 54 55.46 -9.55 -20.79
N VAL D 55 55.60 -10.15 -19.61
CA VAL D 55 56.49 -9.60 -18.59
C VAL D 55 57.94 -9.78 -19.00
N SER D 56 58.25 -10.88 -19.70
CA SER D 56 59.63 -11.16 -20.09
C SER D 56 60.21 -10.11 -21.03
N ILE D 57 59.38 -9.38 -21.77
CA ILE D 57 59.87 -8.43 -22.75
C ILE D 57 59.67 -6.98 -22.32
N ALA D 58 59.13 -6.74 -21.13
CA ALA D 58 58.92 -5.39 -20.63
C ALA D 58 60.25 -4.81 -20.16
N ASP D 59 60.74 -3.78 -20.86
CA ASP D 59 62.03 -3.20 -20.50
C ASP D 59 61.89 -2.33 -19.26
N CYS D 60 62.83 -2.50 -18.33
CA CYS D 60 62.77 -1.84 -17.03
C CYS D 60 62.81 -0.32 -17.12
N ARG D 61 63.41 0.22 -18.20
CA ARG D 61 63.46 1.67 -18.35
C ARG D 61 62.09 2.29 -18.52
N ASP D 62 61.07 1.49 -18.84
CA ASP D 62 59.71 2.00 -19.00
C ASP D 62 58.94 2.08 -17.69
N PHE D 63 59.37 1.33 -16.67
CA PHE D 63 58.73 1.35 -15.36
C PHE D 63 59.16 2.61 -14.63
N ILE D 64 58.36 3.67 -14.72
CA ILE D 64 58.61 4.89 -13.97
C ILE D 64 57.97 4.72 -12.60
N VAL D 65 58.80 4.69 -11.55
CA VAL D 65 58.34 4.44 -10.19
C VAL D 65 58.76 5.63 -9.33
N LYS D 66 57.78 6.28 -8.70
CA LYS D 66 58.01 7.39 -7.79
C LYS D 66 57.32 7.13 -6.47
N CYS D 67 57.93 7.63 -5.39
CA CYS D 67 57.40 7.54 -4.03
C CYS D 67 57.25 8.97 -3.54
N PRO D 68 56.11 9.63 -3.81
CA PRO D 68 56.04 11.07 -3.52
C PRO D 68 56.23 11.45 -2.06
N ILE D 69 55.86 10.57 -1.13
CA ILE D 69 55.95 10.92 0.29
C ILE D 69 57.40 11.00 0.75
N GLN D 70 58.34 10.44 -0.01
CA GLN D 70 59.76 10.62 0.25
C GLN D 70 60.49 11.42 -0.81
N GLY D 71 59.79 11.85 -1.87
CA GLY D 71 60.40 12.69 -2.89
C GLY D 71 61.54 12.05 -3.67
N ILE D 72 61.53 10.73 -3.78
CA ILE D 72 62.59 10.02 -4.50
C ILE D 72 61.95 9.19 -5.61
N GLN D 73 62.61 9.17 -6.76
CA GLN D 73 62.18 8.39 -7.90
C GLN D 73 63.08 7.15 -8.01
N LEU D 74 62.49 5.98 -7.83
CA LEU D 74 63.26 4.74 -7.84
C LEU D 74 63.48 4.24 -9.26
N ASN D 75 64.58 3.50 -9.44
CA ASN D 75 64.95 2.95 -10.74
C ASN D 75 64.83 1.43 -10.69
N VAL D 76 64.12 0.86 -11.65
CA VAL D 76 63.90 -0.58 -11.69
C VAL D 76 65.08 -1.26 -12.34
N GLN D 77 65.50 -2.40 -11.78
CA GLN D 77 66.59 -3.18 -12.34
C GLN D 77 66.14 -4.58 -12.73
N SER D 78 65.38 -5.25 -11.88
CA SER D 78 64.81 -6.55 -12.16
C SER D 78 63.30 -6.47 -12.10
N VAL D 79 62.62 -7.29 -12.90
CA VAL D 79 61.16 -7.40 -12.88
C VAL D 79 60.80 -8.88 -12.89
N LYS D 80 59.99 -9.31 -11.93
CA LYS D 80 59.60 -10.70 -11.79
C LYS D 80 58.11 -10.78 -11.48
N MET D 81 57.42 -11.73 -12.12
CA MET D 81 56.00 -11.94 -11.90
C MET D 81 55.81 -13.05 -10.88
N VAL D 82 55.09 -12.76 -9.80
CA VAL D 82 54.80 -13.71 -8.74
C VAL D 82 53.28 -13.74 -8.59
N GLY D 83 52.65 -14.78 -9.14
CA GLY D 83 51.20 -14.79 -9.17
C GLY D 83 50.73 -13.80 -10.20
N ALA D 84 49.77 -12.96 -9.80
CA ALA D 84 49.26 -11.89 -10.65
C ALA D 84 49.86 -10.54 -10.29
N LEU D 85 50.95 -10.54 -9.54
CA LEU D 85 51.61 -9.30 -9.17
C LEU D 85 52.95 -9.22 -9.88
N LEU D 86 53.52 -8.03 -9.85
CA LEU D 86 54.88 -7.80 -10.33
C LEU D 86 55.74 -7.43 -9.14
N GLN D 87 56.88 -8.10 -9.02
CA GLN D 87 57.89 -7.75 -8.02
C GLN D 87 58.98 -6.97 -8.74
N LEU D 88 59.02 -5.67 -8.50
CA LEU D 88 59.98 -4.77 -9.13
C LEU D 88 61.14 -4.55 -8.16
N THR D 89 62.28 -5.16 -8.47
CA THR D 89 63.48 -4.99 -7.64
C THR D 89 64.16 -3.68 -8.03
N VAL D 90 64.36 -2.80 -7.05
CA VAL D 90 64.97 -1.50 -7.27
C VAL D 90 66.26 -1.44 -6.44
N HIS D 91 67.09 -0.43 -6.75
CA HIS D 91 68.39 -0.33 -6.08
C HIS D 91 68.25 0.16 -4.65
N THR D 92 67.36 1.12 -4.41
CA THR D 92 67.25 1.73 -3.10
C THR D 92 66.39 0.89 -2.17
N ASN D 93 66.91 0.60 -0.98
CA ASN D 93 66.12 -0.04 0.05
C ASN D 93 65.28 1.00 0.79
N ASN D 94 64.00 0.66 1.04
CA ASN D 94 63.09 1.58 1.73
C ASN D 94 63.45 1.61 3.21
N THR D 95 63.99 2.75 3.67
CA THR D 95 64.32 2.87 5.08
C THR D 95 63.08 2.85 5.96
N ALA D 96 61.91 3.17 5.40
CA ALA D 96 60.65 3.17 6.13
C ALA D 96 59.97 1.80 6.15
N THR D 97 60.64 0.76 5.68
CA THR D 97 60.06 -0.58 5.71
C THR D 97 59.87 -1.04 7.15
N PRO D 98 58.67 -1.43 7.54
CA PRO D 98 58.46 -2.00 8.87
C PRO D 98 58.61 -3.51 8.86
N ASP D 99 58.63 -4.09 10.06
CA ASP D 99 58.43 -5.53 10.16
C ASP D 99 57.05 -5.85 9.63
N TYR D 100 56.98 -6.70 8.60
CA TYR D 100 55.72 -7.01 7.94
C TYR D 100 55.59 -8.52 7.76
N LYS D 101 54.46 -8.92 7.18
CA LYS D 101 54.14 -10.31 6.92
C LYS D 101 53.00 -10.36 5.91
N PHE D 102 53.07 -11.33 5.00
CA PHE D 102 52.05 -11.52 3.97
C PHE D 102 51.06 -12.56 4.50
N GLU D 103 49.96 -12.09 5.07
CA GLU D 103 48.95 -12.97 5.67
C GLU D 103 47.69 -12.95 4.83
N ARG D 104 47.23 -14.13 4.43
CA ARG D 104 46.00 -14.27 3.67
C ARG D 104 44.80 -14.23 4.60
N LEU D 105 43.72 -13.63 4.12
CA LEU D 105 42.51 -13.45 4.92
C LEU D 105 41.53 -14.59 4.71
N GLN D 106 40.92 -15.03 5.79
CA GLN D 106 39.79 -15.91 5.57
C GLN D 106 38.51 -15.08 5.46
N PRO D 107 37.49 -15.56 4.74
CA PRO D 107 36.25 -14.79 4.63
C PRO D 107 35.65 -14.54 5.99
N GLY D 108 35.06 -13.36 6.14
CA GLY D 108 34.50 -12.91 7.40
C GLY D 108 35.41 -12.00 8.20
N SER D 109 36.70 -11.98 7.90
CA SER D 109 37.63 -11.13 8.60
C SER D 109 37.64 -9.74 7.98
N SER D 110 38.07 -8.76 8.78
CA SER D 110 38.10 -7.35 8.37
C SER D 110 39.51 -6.92 8.04
N MET D 111 39.60 -5.79 7.36
CA MET D 111 40.89 -5.17 7.04
C MET D 111 40.65 -3.71 6.66
N THR D 112 41.71 -2.93 6.73
CA THR D 112 41.69 -1.51 6.42
C THR D 112 42.22 -1.31 5.01
N ILE D 113 41.38 -0.77 4.13
CA ILE D 113 41.83 -0.40 2.79
C ILE D 113 42.46 0.99 2.86
N ALA D 114 43.62 1.14 2.25
CA ALA D 114 44.25 2.45 2.12
C ALA D 114 44.14 2.83 0.64
N CYS D 115 43.01 3.45 0.30
CA CYS D 115 42.76 3.81 -1.09
C CYS D 115 43.74 4.89 -1.52
N ALA D 116 44.48 4.61 -2.60
CA ALA D 116 45.57 5.48 -3.02
C ALA D 116 45.47 5.76 -4.51
N TYR D 117 45.86 6.99 -4.88
CA TYR D 117 45.95 7.43 -6.26
C TYR D 117 47.28 8.15 -6.45
N ASP D 118 47.92 7.92 -7.59
CA ASP D 118 49.21 8.53 -7.91
C ASP D 118 50.26 8.28 -6.82
N GLY D 119 50.13 7.17 -6.10
CA GLY D 119 51.07 6.84 -5.05
C GLY D 119 50.80 7.49 -3.71
N ILE D 120 49.68 8.19 -3.56
CA ILE D 120 49.33 8.88 -2.33
C ILE D 120 48.00 8.35 -1.84
N VAL D 121 47.94 7.96 -0.57
CA VAL D 121 46.69 7.47 0.01
C VAL D 121 45.73 8.65 0.17
N ARG D 122 44.56 8.55 -0.43
CA ARG D 122 43.54 9.58 -0.34
C ARG D 122 42.49 9.28 0.71
N HIS D 123 42.03 8.04 0.80
CA HIS D 123 41.04 7.65 1.80
C HIS D 123 41.42 6.30 2.39
N VAL D 124 40.99 6.07 3.62
CA VAL D 124 41.03 4.76 4.24
C VAL D 124 39.63 4.41 4.71
N TYR D 125 39.25 3.15 4.56
CA TYR D 125 37.94 2.71 5.01
C TYR D 125 38.01 1.23 5.34
N HIS D 126 36.90 0.72 5.88
CA HIS D 126 36.82 -0.61 6.48
C HIS D 126 35.99 -1.52 5.59
N VAL D 127 36.50 -2.73 5.35
CA VAL D 127 35.80 -3.74 4.57
C VAL D 127 35.97 -5.10 5.26
N VAL D 128 35.09 -6.02 4.89
CA VAL D 128 35.16 -7.40 5.35
C VAL D 128 35.07 -8.32 4.15
N LEU D 129 35.96 -9.29 4.07
CA LEU D 129 35.92 -10.27 3.00
C LEU D 129 34.68 -11.14 3.14
N GLN D 130 33.83 -11.14 2.12
CA GLN D 130 32.59 -11.90 2.16
C GLN D 130 32.82 -13.31 1.62
N LEU D 131 31.84 -14.18 1.86
CA LEU D 131 31.96 -15.58 1.51
C LEU D 131 32.10 -15.80 0.01
N ASN D 132 31.71 -14.83 -0.82
CA ASN D 132 31.94 -14.92 -2.26
C ASN D 132 33.34 -14.47 -2.65
N ASN D 133 34.19 -14.17 -1.66
CA ASN D 133 35.58 -13.76 -1.87
C ASN D 133 35.68 -12.43 -2.58
N LEU D 134 34.64 -11.61 -2.46
CA LEU D 134 34.67 -10.26 -2.95
C LEU D 134 34.57 -9.31 -1.77
N ILE D 135 35.17 -8.14 -1.92
CA ILE D 135 34.98 -7.04 -0.97
C ILE D 135 34.10 -5.99 -1.64
N TYR D 136 33.31 -5.30 -0.82
CA TYR D 136 32.43 -4.23 -1.28
C TYR D 136 33.11 -2.92 -0.92
N ALA D 137 33.91 -2.39 -1.83
CA ALA D 137 34.74 -1.24 -1.52
C ALA D 137 34.39 -0.04 -2.40
N SER D 138 35.32 0.91 -2.54
CA SER D 138 35.10 2.09 -3.37
C SER D 138 36.42 2.45 -4.04
N PHE D 139 36.50 2.29 -5.36
CA PHE D 139 37.72 2.56 -6.10
C PHE D 139 37.38 3.26 -7.42
N LEU D 140 38.26 4.16 -7.84
CA LEU D 140 38.18 4.83 -9.12
C LEU D 140 39.39 4.43 -9.96
N ASN D 141 39.48 4.99 -11.16
CA ASN D 141 40.63 4.72 -12.02
C ASN D 141 41.91 5.11 -11.31
N GLY D 142 42.95 4.29 -11.49
CA GLY D 142 44.23 4.56 -10.89
C GLY D 142 44.38 4.11 -9.45
N ALA D 143 43.38 3.43 -8.88
CA ALA D 143 43.44 2.99 -7.49
C ALA D 143 44.05 1.60 -7.33
N CYS D 144 44.10 0.80 -8.39
CA CYS D 144 44.72 -0.51 -8.32
C CYS D 144 46.13 -0.41 -7.75
N GLY D 145 46.46 -1.35 -6.89
CA GLY D 145 47.67 -1.29 -6.11
C GLY D 145 47.45 -0.87 -4.67
N SER D 146 46.30 -0.27 -4.37
CA SER D 146 45.97 0.00 -2.99
C SER D 146 45.94 -1.31 -2.20
N VAL D 147 46.36 -1.24 -0.95
CA VAL D 147 46.50 -2.44 -0.14
C VAL D 147 45.46 -2.43 0.97
N GLY D 148 45.05 -3.63 1.37
CA GLY D 148 44.27 -3.84 2.58
C GLY D 148 45.18 -4.47 3.62
N TYR D 149 45.10 -3.99 4.85
CA TYR D 149 46.07 -4.36 5.87
C TYR D 149 45.40 -4.38 7.23
N THR D 150 46.11 -4.98 8.20
CA THR D 150 45.82 -4.82 9.61
C THR D 150 47.15 -4.57 10.33
N LEU D 151 47.07 -4.32 11.64
CA LEU D 151 48.25 -4.07 12.45
C LEU D 151 48.14 -4.84 13.75
N LYS D 152 49.19 -5.57 14.10
CA LYS D 152 49.32 -6.23 15.40
C LYS D 152 50.59 -5.67 16.03
N GLY D 153 50.41 -4.64 16.86
CA GLY D 153 51.54 -3.98 17.47
C GLY D 153 52.40 -3.23 16.48
N LYS D 154 53.63 -3.71 16.28
CA LYS D 154 54.58 -3.05 15.40
C LYS D 154 54.62 -3.66 14.00
N THR D 155 53.93 -4.77 13.77
CA THR D 155 54.01 -5.53 12.53
C THR D 155 52.86 -5.18 11.61
N LEU D 156 53.18 -4.92 10.34
CA LEU D 156 52.18 -4.64 9.32
C LEU D 156 51.77 -5.95 8.65
N TYR D 157 50.47 -6.27 8.72
CA TYR D 157 49.94 -7.50 8.13
C TYR D 157 49.20 -7.13 6.84
N LEU D 158 49.84 -7.38 5.69
CA LEU D 158 49.24 -7.06 4.40
C LEU D 158 48.40 -8.25 3.93
N HIS D 159 47.16 -7.96 3.52
CA HIS D 159 46.20 -8.99 3.13
C HIS D 159 45.70 -8.88 1.70
N TYR D 160 45.80 -7.72 1.07
CA TYR D 160 45.05 -7.51 -0.16
C TYR D 160 45.72 -6.45 -1.01
N MET D 161 45.57 -6.60 -2.33
CA MET D 161 45.95 -5.55 -3.29
C MET D 161 44.89 -5.50 -4.39
N HIS D 162 44.38 -4.29 -4.66
CA HIS D 162 43.24 -4.13 -5.55
C HIS D 162 43.65 -4.32 -7.02
N HIS D 163 42.74 -4.96 -7.77
CA HIS D 163 42.98 -5.30 -9.18
C HIS D 163 41.84 -4.90 -10.12
N ILE D 164 40.60 -5.17 -9.74
CA ILE D 164 39.50 -5.11 -10.70
C ILE D 164 38.19 -4.83 -9.95
N GLU D 165 37.24 -4.21 -10.65
CA GLU D 165 35.92 -3.89 -10.13
C GLU D 165 34.86 -4.52 -11.02
N PHE D 166 33.82 -5.08 -10.41
CA PHE D 166 32.79 -5.80 -11.14
C PHE D 166 31.50 -4.97 -11.23
N ASN D 167 30.50 -5.51 -11.94
CA ASN D 167 29.29 -4.73 -12.21
C ASN D 167 28.56 -4.39 -10.92
N ASN D 168 28.34 -5.38 -10.05
CA ASN D 168 27.54 -5.18 -8.85
C ASN D 168 28.32 -4.54 -7.70
N LYS D 169 29.10 -3.49 -7.97
CA LYS D 169 29.80 -2.72 -6.94
C LYS D 169 30.72 -3.61 -6.09
N THR D 170 31.20 -4.72 -6.65
CA THR D 170 32.13 -5.60 -5.96
C THR D 170 33.54 -5.43 -6.51
N HIS D 171 34.52 -5.79 -5.68
CA HIS D 171 35.93 -5.68 -6.03
C HIS D 171 36.68 -6.92 -5.62
N SER D 172 37.64 -7.33 -6.44
CA SER D 172 38.49 -8.47 -6.15
C SER D 172 39.94 -8.12 -6.44
N GLY D 173 40.83 -8.72 -5.66
CA GLY D 173 42.26 -8.58 -5.89
C GLY D 173 43.00 -9.79 -5.37
N THR D 174 44.31 -9.64 -5.17
CA THR D 174 45.16 -10.74 -4.73
C THR D 174 45.73 -10.44 -3.35
N ASP D 175 46.20 -11.48 -2.69
CA ASP D 175 47.06 -11.28 -1.52
C ASP D 175 48.43 -10.83 -1.99
N LEU D 176 49.29 -10.49 -1.03
CA LEU D 176 50.59 -9.98 -1.45
C LEU D 176 51.49 -11.08 -2.01
N GLU D 177 51.04 -12.33 -1.98
CA GLU D 177 51.75 -13.41 -2.64
C GLU D 177 51.28 -13.62 -4.08
N GLY D 178 50.26 -12.88 -4.52
CA GLY D 178 49.87 -12.87 -5.90
C GLY D 178 48.69 -13.74 -6.28
N ASN D 179 47.96 -14.28 -5.32
CA ASN D 179 46.85 -15.18 -5.61
C ASN D 179 45.53 -14.48 -5.32
N PHE D 180 44.62 -14.56 -6.27
CA PHE D 180 43.33 -13.91 -6.11
C PHE D 180 42.55 -14.55 -4.98
N TYR D 181 41.66 -13.75 -4.39
CA TYR D 181 40.63 -14.27 -3.50
C TYR D 181 39.45 -14.69 -4.37
N GLY D 182 39.16 -15.98 -4.41
CA GLY D 182 38.05 -16.48 -5.20
C GLY D 182 38.47 -16.80 -6.61
N PRO D 183 37.51 -17.24 -7.42
CA PRO D 183 37.86 -17.70 -8.76
C PRO D 183 37.94 -16.58 -9.78
N TYR D 184 38.40 -15.41 -9.34
CA TYR D 184 38.40 -14.21 -10.18
C TYR D 184 39.79 -13.91 -10.70
N VAL D 185 39.85 -13.33 -11.90
CA VAL D 185 41.09 -12.99 -12.55
C VAL D 185 41.06 -11.52 -12.97
N ASP D 186 42.22 -11.03 -13.37
CA ASP D 186 42.36 -9.66 -13.85
C ASP D 186 42.11 -9.61 -15.36
N GLU D 187 40.88 -9.95 -15.74
CA GLU D 187 40.45 -9.89 -17.12
C GLU D 187 39.09 -9.21 -17.20
N GLU D 188 38.95 -8.31 -18.17
CA GLU D 188 37.72 -7.52 -18.35
C GLU D 188 36.70 -8.34 -19.15
N VAL D 189 36.21 -9.40 -18.52
CA VAL D 189 35.16 -10.24 -19.06
C VAL D 189 34.18 -10.57 -17.93
N ILE D 190 33.00 -11.04 -18.31
CA ILE D 190 32.01 -11.43 -17.32
C ILE D 190 32.49 -12.69 -16.62
N GLN D 191 32.58 -12.65 -15.30
CA GLN D 191 33.07 -13.76 -14.50
C GLN D 191 31.98 -14.19 -13.52
N GLN D 192 31.63 -15.48 -13.55
CA GLN D 192 30.57 -15.99 -12.70
C GLN D 192 30.96 -15.86 -11.23
N GLN D 193 30.04 -15.36 -10.41
CA GLN D 193 30.25 -15.21 -8.98
C GLN D 193 29.48 -16.29 -8.22
N THR D 194 30.04 -16.68 -7.07
CA THR D 194 29.34 -17.60 -6.18
C THR D 194 28.18 -16.86 -5.52
N ALA D 195 27.07 -17.58 -5.32
CA ALA D 195 25.93 -16.94 -4.69
C ALA D 195 26.32 -16.37 -3.33
N PHE D 196 25.73 -15.23 -2.99
CA PHE D 196 26.06 -14.59 -1.73
C PHE D 196 25.59 -15.43 -0.55
N GLN D 197 26.36 -15.39 0.53
CA GLN D 197 25.98 -16.06 1.77
C GLN D 197 26.38 -15.17 2.95
N TYR D 198 25.47 -15.02 3.90
CA TYR D 198 25.74 -14.16 5.04
C TYR D 198 26.72 -14.84 6.00
N TYR D 199 27.77 -14.12 6.38
CA TYR D 199 28.71 -14.64 7.37
C TYR D 199 28.04 -14.53 8.73
N THR D 200 27.44 -15.64 9.18
CA THR D 200 26.52 -15.60 10.32
C THR D 200 27.17 -15.02 11.57
N ASP D 201 28.44 -15.34 11.82
CA ASP D 201 29.11 -14.86 13.04
C ASP D 201 29.14 -13.35 13.08
N ASN D 202 29.34 -12.70 11.94
CA ASN D 202 29.37 -11.26 11.87
C ASN D 202 27.97 -10.65 12.02
N VAL D 203 26.95 -11.32 11.48
CA VAL D 203 25.58 -10.81 11.70
C VAL D 203 25.25 -10.84 13.19
N VAL D 204 25.64 -11.93 13.88
CA VAL D 204 25.39 -12.02 15.32
C VAL D 204 26.16 -10.94 16.07
N ALA D 205 27.39 -10.66 15.63
CA ALA D 205 28.18 -9.63 16.29
C ALA D 205 27.55 -8.25 16.13
N GLN D 206 26.93 -7.99 14.98
CA GLN D 206 26.33 -6.68 14.73
C GLN D 206 25.11 -6.46 15.62
N LEU D 207 24.25 -7.47 15.75
CA LEU D 207 23.08 -7.34 16.62
C LEU D 207 23.49 -7.09 18.06
N TYR D 208 24.50 -7.81 18.55
CA TYR D 208 24.96 -7.61 19.93
C TYR D 208 25.51 -6.20 20.12
N ALA D 209 26.20 -5.67 19.11
CA ALA D 209 26.70 -4.31 19.19
C ALA D 209 25.56 -3.31 19.27
N HIS D 210 24.44 -3.61 18.60
CA HIS D 210 23.26 -2.76 18.69
C HIS D 210 22.65 -2.81 20.08
N LEU D 211 22.56 -4.00 20.68
CA LEU D 211 21.95 -4.09 22.02
C LEU D 211 22.84 -3.46 23.08
N LEU D 212 24.16 -3.40 22.84
CA LEU D 212 25.08 -2.86 23.83
C LEU D 212 25.23 -1.34 23.75
N THR D 213 24.85 -0.73 22.63
CA THR D 213 24.98 0.71 22.46
C THR D 213 23.65 1.42 22.22
N VAL D 214 22.75 0.85 21.42
CA VAL D 214 21.55 1.57 21.01
C VAL D 214 20.39 1.30 21.96
N ASP D 215 20.00 0.02 22.05
CA ASP D 215 18.80 -0.34 22.80
C ASP D 215 19.01 -1.72 23.42
N ALA D 216 18.95 -1.80 24.75
CA ALA D 216 19.17 -3.06 25.44
C ALA D 216 18.05 -4.07 25.18
N ARG D 217 16.86 -3.61 24.82
CA ARG D 217 15.73 -4.51 24.53
C ARG D 217 14.87 -3.89 23.44
N PRO D 218 15.22 -4.11 22.18
CA PRO D 218 14.39 -3.59 21.09
C PRO D 218 13.17 -4.46 20.84
N LYS D 219 12.23 -3.89 20.08
CA LYS D 219 10.94 -4.53 19.89
C LYS D 219 11.01 -5.69 18.90
N TRP D 220 11.85 -5.57 17.87
CA TRP D 220 12.00 -6.63 16.88
C TRP D 220 12.82 -7.82 17.40
N LEU D 221 13.42 -7.71 18.58
CA LEU D 221 14.13 -8.82 19.18
C LEU D 221 13.18 -9.98 19.45
N ALA D 222 13.58 -11.17 19.03
CA ALA D 222 12.74 -12.34 19.20
C ALA D 222 12.62 -12.72 20.67
N GLN D 223 11.42 -13.09 21.10
CA GLN D 223 11.21 -13.45 22.48
C GLN D 223 11.52 -14.92 22.74
N SER D 224 11.30 -15.79 21.75
CA SER D 224 11.59 -17.21 21.88
C SER D 224 12.97 -17.54 21.36
N GLN D 225 13.53 -18.63 21.87
CA GLN D 225 14.83 -19.11 21.41
C GLN D 225 14.67 -20.10 20.27
N ILE D 226 15.78 -20.35 19.58
CA ILE D 226 15.90 -21.45 18.64
C ILE D 226 17.26 -22.08 18.85
N SER D 227 17.33 -23.40 18.71
CA SER D 227 18.60 -24.08 18.90
C SER D 227 19.53 -23.76 17.74
N ILE D 228 20.83 -23.91 17.98
CA ILE D 228 21.82 -23.77 16.93
C ILE D 228 21.56 -24.80 15.83
N GLU D 229 21.11 -25.99 16.20
CA GLU D 229 20.87 -27.04 15.21
C GLU D 229 19.70 -26.69 14.32
N ASP D 230 18.59 -26.24 14.92
CA ASP D 230 17.43 -25.83 14.13
C ASP D 230 17.73 -24.60 13.28
N PHE D 231 18.61 -23.71 13.77
CA PHE D 231 19.04 -22.57 12.98
C PHE D 231 19.87 -23.03 11.77
N ASN D 232 20.77 -23.99 11.99
CA ASN D 232 21.69 -24.41 10.92
C ASN D 232 20.96 -25.17 9.82
N SER D 233 19.84 -25.82 10.16
CA SER D 233 18.99 -26.41 9.13
C SER D 233 18.23 -25.34 8.37
N TRP D 234 17.78 -24.31 9.07
CA TRP D 234 17.19 -23.16 8.39
C TRP D 234 18.23 -22.44 7.55
N ALA D 235 19.47 -22.35 8.03
CA ALA D 235 20.49 -21.56 7.34
C ALA D 235 20.91 -22.19 6.02
N ALA D 236 20.80 -23.51 5.91
CA ALA D 236 21.21 -24.20 4.68
C ALA D 236 20.28 -23.91 3.51
N ASN D 237 19.10 -23.35 3.76
CA ASN D 237 18.17 -22.96 2.70
C ASN D 237 17.89 -21.48 2.67
N ASN D 238 18.56 -20.68 3.50
CA ASN D 238 18.31 -19.25 3.52
C ASN D 238 19.60 -18.45 3.37
N SER D 239 20.57 -19.00 2.64
CA SER D 239 21.79 -18.27 2.27
C SER D 239 22.54 -17.74 3.50
N PHE D 240 22.44 -18.44 4.62
CA PHE D 240 23.23 -18.10 5.81
C PHE D 240 24.25 -19.20 6.08
N ALA D 241 25.47 -18.81 6.43
CA ALA D 241 26.53 -19.77 6.68
C ALA D 241 26.27 -20.55 7.97
N ASN D 242 26.75 -21.80 7.99
CA ASN D 242 26.57 -22.65 9.15
C ASN D 242 27.26 -22.05 10.38
N PHE D 243 26.54 -22.06 11.50
CA PHE D 243 26.98 -21.44 12.74
C PHE D 243 27.56 -22.48 13.69
N PRO D 244 28.72 -22.21 14.30
CA PRO D 244 29.52 -20.99 14.09
C PRO D 244 30.47 -21.12 12.90
N CYS D 245 30.69 -20.00 12.20
CA CYS D 245 31.63 -19.95 11.10
C CYS D 245 33.04 -20.29 11.55
N GLU D 246 33.51 -19.62 12.59
CA GLU D 246 34.80 -19.87 13.21
C GLU D 246 34.57 -20.30 14.64
N GLN D 247 35.13 -21.45 15.01
CA GLN D 247 34.97 -21.93 16.39
C GLN D 247 35.60 -20.97 17.38
N THR D 248 36.60 -20.21 16.96
CA THR D 248 37.26 -19.25 17.85
C THR D 248 36.41 -18.01 18.12
N ASN D 249 35.37 -17.77 17.31
CA ASN D 249 34.45 -16.66 17.55
C ASN D 249 33.49 -16.93 18.70
N MET D 250 33.43 -18.16 19.21
CA MET D 250 32.44 -18.49 20.23
C MET D 250 32.75 -17.82 21.56
N SER D 251 34.04 -17.76 21.95
CA SER D 251 34.36 -17.13 23.22
C SER D 251 34.03 -15.65 23.21
N TYR D 252 34.14 -15.00 22.05
CA TYR D 252 33.68 -13.63 21.91
C TYR D 252 32.15 -13.56 22.03
N ILE D 253 31.44 -14.37 21.24
CA ILE D 253 29.98 -14.29 21.23
C ILE D 253 29.42 -14.66 22.60
N MET D 254 29.99 -15.67 23.25
CA MET D 254 29.53 -16.04 24.58
C MET D 254 29.73 -14.90 25.56
N GLY D 255 30.89 -14.25 25.53
CA GLY D 255 31.11 -13.09 26.38
C GLY D 255 30.19 -11.94 26.04
N LEU D 256 29.89 -11.75 24.76
CA LEU D 256 28.95 -10.71 24.37
C LEU D 256 27.56 -11.00 24.88
N SER D 257 27.14 -12.27 24.88
CA SER D 257 25.80 -12.62 25.30
C SER D 257 25.58 -12.47 26.79
N GLN D 258 26.62 -12.70 27.62
CA GLN D 258 26.46 -12.47 29.05
C GLN D 258 26.55 -10.98 29.37
N THR D 259 27.35 -10.23 28.62
CA THR D 259 27.36 -8.78 28.78
C THR D 259 26.01 -8.19 28.43
N ALA D 260 25.38 -8.69 27.36
CA ALA D 260 24.08 -8.20 26.94
C ALA D 260 22.92 -8.91 27.61
N ARG D 261 23.18 -9.99 28.38
CA ARG D 261 22.13 -10.74 29.04
C ARG D 261 21.09 -11.24 28.04
N VAL D 262 21.55 -11.62 26.86
CA VAL D 262 20.70 -12.18 25.80
C VAL D 262 21.41 -13.38 25.17
N PRO D 263 20.91 -14.59 25.37
CA PRO D 263 21.60 -15.76 24.83
C PRO D 263 21.61 -15.75 23.30
N VAL D 264 22.66 -16.35 22.73
CA VAL D 264 22.82 -16.30 21.29
C VAL D 264 21.68 -17.01 20.58
N GLU D 265 21.00 -17.93 21.28
CA GLU D 265 19.86 -18.61 20.68
C GLU D 265 18.78 -17.61 20.27
N ARG D 266 18.57 -16.56 21.08
CA ARG D 266 17.58 -15.55 20.74
C ARG D 266 18.06 -14.67 19.59
N ILE D 267 19.35 -14.35 19.56
CA ILE D 267 19.89 -13.59 18.44
C ILE D 267 19.72 -14.38 17.14
N LEU D 268 20.03 -15.68 17.18
CA LEU D 268 19.83 -16.52 15.99
C LEU D 268 18.38 -16.54 15.56
N ASN D 269 17.46 -16.68 16.53
CA ASN D 269 16.04 -16.64 16.19
C ASN D 269 15.66 -15.29 15.61
N THR D 270 16.19 -14.21 16.17
CA THR D 270 15.90 -12.88 15.64
C THR D 270 16.37 -12.76 14.19
N ILE D 271 17.51 -13.36 13.85
CA ILE D 271 17.98 -13.36 12.47
C ILE D 271 16.97 -14.01 11.55
N ILE D 272 16.38 -15.12 12.00
CA ILE D 272 15.39 -15.81 11.18
C ILE D 272 14.13 -14.97 11.01
N GLN D 273 13.67 -14.34 12.10
CA GLN D 273 12.50 -13.48 12.06
C GLN D 273 12.75 -12.19 11.29
N LEU D 274 14.00 -11.78 11.13
CA LEU D 274 14.32 -10.58 10.39
C LEU D 274 14.39 -10.80 8.88
N THR D 275 14.21 -12.04 8.42
CA THR D 275 14.17 -12.33 6.98
C THR D 275 12.93 -11.77 6.31
N THR D 276 11.92 -11.40 7.09
CA THR D 276 10.76 -10.71 6.55
C THR D 276 11.18 -9.43 5.82
N ASN D 277 12.18 -8.72 6.34
CA ASN D 277 12.56 -7.39 5.87
C ASN D 277 13.61 -7.43 4.77
N ARG D 278 13.76 -8.55 4.07
CA ARG D 278 14.71 -8.65 2.95
C ARG D 278 14.11 -9.41 1.77
N TYR D 287 24.83 -7.66 -1.85
CA TYR D 287 24.95 -6.43 -1.06
C TYR D 287 23.88 -6.39 0.03
N ASP D 288 24.23 -5.76 1.17
CA ASP D 288 23.36 -5.61 2.33
C ASP D 288 24.13 -4.93 3.46
N PHE D 289 25.44 -5.22 3.54
CA PHE D 289 26.35 -4.68 4.55
C PHE D 289 25.97 -5.11 5.97
N GLU D 290 25.64 -6.39 6.14
CA GLU D 290 25.23 -6.92 7.44
C GLU D 290 26.35 -7.66 8.17
N CYS D 291 27.52 -7.79 7.53
CA CYS D 291 28.66 -8.54 8.08
C CYS D 291 29.93 -7.69 8.18
N ASP D 292 29.82 -6.41 8.55
CA ASP D 292 31.02 -5.61 8.75
C ASP D 292 31.53 -5.65 10.19
N TRP D 293 30.77 -6.24 11.10
CA TRP D 293 31.08 -6.27 12.52
C TRP D 293 31.55 -7.68 12.88
N THR D 294 32.85 -7.82 13.10
CA THR D 294 33.36 -9.12 13.53
C THR D 294 33.19 -9.27 15.05
N PRO D 295 32.97 -10.49 15.51
CA PRO D 295 32.82 -10.69 16.97
C PRO D 295 34.02 -10.19 17.76
N GLU D 296 35.23 -10.32 17.22
CA GLU D 296 36.41 -9.83 17.91
C GLU D 296 36.36 -8.31 18.06
N MET D 297 36.00 -7.61 16.98
CA MET D 297 35.99 -6.16 17.05
C MET D 297 34.91 -5.63 17.97
N VAL D 298 33.77 -6.33 18.07
CA VAL D 298 32.70 -5.88 18.95
C VAL D 298 33.05 -6.18 20.42
N TYR D 299 33.68 -7.31 20.68
CA TYR D 299 33.98 -7.68 22.06
C TYR D 299 35.18 -6.93 22.61
N ASN D 300 36.28 -6.89 21.85
CA ASN D 300 37.49 -6.24 22.33
C ASN D 300 37.31 -4.73 22.43
N GLN D 301 37.11 -4.08 21.29
CA GLN D 301 36.92 -2.62 21.22
C GLN D 301 38.12 -1.87 21.79
N GLY E 2 -6.75 2.76 -2.17
CA GLY E 2 -6.06 2.08 -3.25
C GLY E 2 -6.51 0.64 -3.49
N ILE E 3 -7.11 0.04 -2.47
CA ILE E 3 -7.61 -1.33 -2.53
C ILE E 3 -9.06 -1.28 -2.05
N LYS E 4 -10.00 -1.58 -2.94
CA LYS E 4 -11.42 -1.49 -2.64
C LYS E 4 -12.11 -2.82 -2.93
N ILE E 5 -13.38 -2.89 -2.55
CA ILE E 5 -14.22 -4.06 -2.80
C ILE E 5 -14.69 -3.99 -4.25
N LEU E 6 -14.20 -4.91 -5.08
CA LEU E 6 -14.51 -4.90 -6.50
C LEU E 6 -15.71 -5.80 -6.79
N LEU E 7 -16.71 -5.24 -7.46
CA LEU E 7 -17.91 -5.95 -7.85
C LEU E 7 -17.92 -6.20 -9.35
N HIS E 8 -18.73 -7.18 -9.77
CA HIS E 8 -18.73 -7.44 -11.20
C HIS E 8 -19.89 -6.70 -11.89
N PRO E 9 -19.67 -6.26 -13.13
CA PRO E 9 -20.70 -5.49 -13.83
C PRO E 9 -22.01 -6.26 -13.97
N SER E 10 -23.12 -5.54 -13.90
CA SER E 10 -24.44 -6.15 -13.84
C SER E 10 -25.16 -6.22 -15.18
N GLY E 11 -24.62 -5.58 -16.23
CA GLY E 11 -25.37 -5.46 -17.47
C GLY E 11 -25.76 -6.79 -18.08
N VAL E 12 -24.82 -7.74 -18.11
CA VAL E 12 -25.10 -9.03 -18.74
C VAL E 12 -26.24 -9.75 -18.02
N VAL E 13 -26.30 -9.62 -16.69
CA VAL E 13 -27.37 -10.25 -15.93
C VAL E 13 -28.69 -9.49 -16.12
N GLU E 14 -28.62 -8.16 -16.24
CA GLU E 14 -29.83 -7.35 -16.40
C GLU E 14 -30.62 -7.79 -17.62
N ARG E 15 -29.93 -8.11 -18.71
CA ARG E 15 -30.59 -8.56 -19.93
C ARG E 15 -31.14 -9.97 -19.83
N CYS E 16 -30.99 -10.65 -18.69
CA CYS E 16 -31.44 -12.02 -18.52
C CYS E 16 -32.42 -12.21 -17.37
N MET E 17 -32.66 -11.18 -16.55
CA MET E 17 -33.60 -11.31 -15.45
C MET E 17 -35.03 -11.11 -15.94
N VAL E 18 -35.92 -11.99 -15.47
CA VAL E 18 -37.35 -11.93 -15.83
C VAL E 18 -38.17 -11.98 -14.55
N SER E 19 -39.47 -11.80 -14.71
CA SER E 19 -40.43 -11.90 -13.62
C SER E 19 -41.22 -13.19 -13.76
N VAL E 20 -41.58 -13.78 -12.62
CA VAL E 20 -42.36 -15.02 -12.58
C VAL E 20 -43.50 -14.83 -11.58
N VAL E 21 -44.75 -14.89 -12.05
CA VAL E 21 -45.93 -14.68 -11.21
C VAL E 21 -46.82 -15.91 -11.32
N TYR E 22 -47.18 -16.48 -10.17
CA TYR E 22 -48.01 -17.69 -10.11
C TYR E 22 -48.95 -17.56 -8.93
N ASN E 23 -50.25 -17.45 -9.21
CA ASN E 23 -51.28 -17.38 -8.18
C ASN E 23 -51.03 -16.23 -7.21
N GLY E 24 -50.59 -15.10 -7.75
CA GLY E 24 -50.25 -13.95 -6.94
C GLY E 24 -48.87 -13.98 -6.34
N SER E 25 -48.24 -15.15 -6.24
CA SER E 25 -46.86 -15.23 -5.79
C SER E 25 -45.93 -14.72 -6.88
N ALA E 26 -45.18 -13.67 -6.57
CA ALA E 26 -44.32 -13.02 -7.55
C ALA E 26 -42.88 -13.04 -7.04
N LEU E 27 -41.98 -13.55 -7.88
CA LEU E 27 -40.55 -13.50 -7.62
C LEU E 27 -39.84 -13.26 -8.96
N ASN E 28 -38.51 -13.37 -8.94
CA ASN E 28 -37.68 -13.15 -10.12
C ASN E 28 -37.26 -14.48 -10.72
N GLY E 29 -36.50 -14.39 -11.82
CA GLY E 29 -35.96 -15.54 -12.49
C GLY E 29 -34.99 -15.12 -13.59
N ILE E 30 -34.01 -15.96 -13.89
CA ILE E 30 -33.05 -15.66 -14.95
C ILE E 30 -33.38 -16.55 -16.14
N TRP E 31 -33.20 -16.00 -17.34
CA TRP E 31 -33.60 -16.63 -18.59
C TRP E 31 -32.35 -16.86 -19.43
N LEU E 32 -31.90 -18.11 -19.50
CA LEU E 32 -30.72 -18.50 -20.27
C LEU E 32 -31.12 -19.53 -21.31
N LYS E 33 -30.79 -19.26 -22.57
CA LYS E 33 -31.12 -20.13 -23.70
C LYS E 33 -32.63 -20.25 -23.77
N ASN E 34 -33.21 -21.44 -23.65
CA ASN E 34 -34.64 -21.64 -23.79
C ASN E 34 -35.33 -21.90 -22.45
N VAL E 35 -34.62 -21.72 -21.33
CA VAL E 35 -35.12 -22.12 -20.02
C VAL E 35 -35.04 -20.93 -19.06
N VAL E 36 -36.05 -20.80 -18.21
CA VAL E 36 -36.09 -19.79 -17.15
C VAL E 36 -35.97 -20.51 -15.82
N TYR E 37 -35.04 -20.05 -14.99
CA TYR E 37 -34.74 -20.66 -13.69
C TYR E 37 -35.27 -19.75 -12.59
N CYS E 38 -36.02 -20.34 -11.65
CA CYS E 38 -36.65 -19.58 -10.58
C CYS E 38 -36.82 -20.48 -9.37
N PRO E 39 -36.96 -19.90 -8.18
CA PRO E 39 -37.23 -20.73 -6.99
C PRO E 39 -38.55 -21.48 -7.12
N ARG E 40 -38.59 -22.66 -6.51
CA ARG E 40 -39.74 -23.55 -6.67
C ARG E 40 -40.93 -23.14 -5.79
N HIS E 41 -40.70 -22.36 -4.73
CA HIS E 41 -41.78 -21.97 -3.84
C HIS E 41 -42.71 -20.92 -4.43
N VAL E 42 -42.52 -20.58 -5.72
CA VAL E 42 -43.46 -19.69 -6.39
C VAL E 42 -44.82 -20.36 -6.55
N ILE E 43 -44.84 -21.69 -6.63
CA ILE E 43 -46.08 -22.43 -6.84
C ILE E 43 -46.75 -22.72 -5.49
N GLY E 44 -46.20 -22.16 -4.42
CA GLY E 44 -46.74 -22.38 -3.09
C GLY E 44 -45.68 -22.69 -2.05
N LYS E 45 -46.06 -22.72 -0.79
CA LYS E 45 -45.14 -22.99 0.31
C LYS E 45 -45.37 -24.43 0.78
N PHE E 46 -44.65 -25.35 0.16
CA PHE E 46 -44.75 -26.77 0.49
C PHE E 46 -43.53 -27.21 1.29
N ARG E 47 -43.59 -28.44 1.80
CA ARG E 47 -42.54 -28.97 2.65
C ARG E 47 -42.31 -30.44 2.34
N GLY E 48 -41.10 -30.90 2.64
CA GLY E 48 -40.81 -32.34 2.52
C GLY E 48 -40.77 -32.78 1.08
N ASP E 49 -41.47 -33.88 0.79
CA ASP E 49 -41.52 -34.44 -0.55
C ASP E 49 -42.82 -34.10 -1.29
N GLN E 50 -43.50 -33.03 -0.87
CA GLN E 50 -44.73 -32.61 -1.54
C GLN E 50 -44.46 -31.89 -2.86
N TRP E 51 -43.20 -31.60 -3.18
CA TRP E 51 -42.90 -30.77 -4.33
C TRP E 51 -43.09 -31.54 -5.64
N THR E 52 -42.66 -32.80 -5.68
CA THR E 52 -42.65 -33.54 -6.95
C THR E 52 -44.06 -33.67 -7.53
N HIS E 53 -45.07 -33.81 -6.67
CA HIS E 53 -46.45 -33.95 -7.13
C HIS E 53 -47.13 -32.60 -7.37
N MET E 54 -46.81 -31.60 -6.55
CA MET E 54 -47.39 -30.28 -6.79
C MET E 54 -46.86 -29.65 -8.08
N VAL E 55 -45.59 -29.92 -8.41
CA VAL E 55 -45.06 -29.48 -9.69
C VAL E 55 -45.71 -30.25 -10.83
N SER E 56 -46.07 -31.52 -10.59
CA SER E 56 -46.67 -32.35 -11.64
C SER E 56 -48.03 -31.85 -12.09
N ILE E 57 -48.75 -31.12 -11.24
CA ILE E 57 -50.12 -30.68 -11.54
C ILE E 57 -50.20 -29.18 -11.76
N ALA E 58 -49.07 -28.49 -11.81
CA ALA E 58 -49.06 -27.04 -12.04
C ALA E 58 -49.15 -26.80 -13.55
N ASP E 59 -50.33 -26.39 -14.01
CA ASP E 59 -50.49 -26.01 -15.41
C ASP E 59 -49.69 -24.75 -15.72
N CYS E 60 -48.95 -24.80 -16.83
CA CYS E 60 -48.05 -23.73 -17.25
C CYS E 60 -48.78 -22.47 -17.71
N ARG E 61 -50.08 -22.56 -17.98
CA ARG E 61 -50.86 -21.37 -18.29
C ARG E 61 -50.93 -20.39 -17.12
N ASP E 62 -50.58 -20.83 -15.92
CA ASP E 62 -50.56 -19.98 -14.73
C ASP E 62 -49.20 -19.35 -14.47
N PHE E 63 -48.22 -19.59 -15.34
CA PHE E 63 -46.88 -19.03 -15.19
C PHE E 63 -46.76 -17.81 -16.10
N ILE E 64 -46.88 -16.62 -15.50
CA ILE E 64 -46.84 -15.35 -16.21
C ILE E 64 -45.40 -14.85 -16.13
N VAL E 65 -44.64 -15.04 -17.21
CA VAL E 65 -43.22 -14.71 -17.25
C VAL E 65 -43.02 -13.56 -18.25
N LYS E 66 -42.45 -12.46 -17.78
CA LYS E 66 -42.23 -11.29 -18.61
C LYS E 66 -40.83 -10.75 -18.36
N CYS E 67 -40.11 -10.47 -19.45
CA CYS E 67 -38.79 -9.88 -19.36
C CYS E 67 -38.93 -8.39 -19.63
N PRO E 68 -38.86 -7.53 -18.61
CA PRO E 68 -39.18 -6.12 -18.82
C PRO E 68 -38.11 -5.35 -19.58
N ILE E 69 -36.84 -5.71 -19.45
CA ILE E 69 -35.79 -4.98 -20.15
C ILE E 69 -35.85 -5.21 -21.66
N GLN E 70 -36.44 -6.31 -22.10
CA GLN E 70 -36.62 -6.60 -23.52
C GLN E 70 -38.06 -6.41 -23.98
N GLY E 71 -38.98 -6.05 -23.09
CA GLY E 71 -40.36 -5.78 -23.48
C GLY E 71 -41.10 -6.93 -24.09
N ILE E 72 -40.66 -8.17 -23.82
CA ILE E 72 -41.25 -9.37 -24.40
C ILE E 72 -41.87 -10.20 -23.28
N GLN E 73 -43.06 -10.73 -23.53
CA GLN E 73 -43.72 -11.66 -22.62
C GLN E 73 -43.57 -13.08 -23.16
N LEU E 74 -43.01 -13.96 -22.34
CA LEU E 74 -42.71 -15.33 -22.76
C LEU E 74 -43.81 -16.29 -22.33
N ASN E 75 -43.99 -17.34 -23.13
CA ASN E 75 -44.92 -18.42 -22.82
C ASN E 75 -44.14 -19.69 -22.52
N VAL E 76 -44.50 -20.36 -21.42
CA VAL E 76 -43.78 -21.54 -20.95
C VAL E 76 -44.44 -22.80 -21.50
N GLN E 77 -43.59 -23.73 -21.95
CA GLN E 77 -44.04 -25.01 -22.51
C GLN E 77 -43.94 -26.16 -21.51
N SER E 78 -42.79 -26.33 -20.87
CA SER E 78 -42.56 -27.43 -19.95
C SER E 78 -42.15 -26.91 -18.58
N VAL E 79 -42.48 -27.69 -17.55
CA VAL E 79 -42.09 -27.40 -16.17
C VAL E 79 -41.45 -28.66 -15.59
N LYS E 80 -40.19 -28.53 -15.16
CA LYS E 80 -39.43 -29.64 -14.58
C LYS E 80 -38.65 -29.12 -13.40
N MET E 81 -38.80 -29.76 -12.24
CA MET E 81 -38.10 -29.35 -11.02
C MET E 81 -36.72 -29.99 -10.99
N VAL E 82 -35.70 -29.16 -10.80
CA VAL E 82 -34.31 -29.60 -10.70
C VAL E 82 -33.82 -29.17 -9.33
N GLY E 83 -33.85 -30.09 -8.37
CA GLY E 83 -33.48 -29.76 -7.01
C GLY E 83 -34.57 -28.95 -6.33
N ALA E 84 -34.25 -27.71 -5.96
CA ALA E 84 -35.21 -26.79 -5.36
C ALA E 84 -35.55 -25.64 -6.29
N LEU E 85 -35.26 -25.79 -7.59
CA LEU E 85 -35.54 -24.77 -8.58
C LEU E 85 -36.45 -25.33 -9.66
N LEU E 86 -37.10 -24.43 -10.38
CA LEU E 86 -37.96 -24.80 -11.50
C LEU E 86 -37.30 -24.37 -12.81
N GLN E 87 -37.27 -25.28 -13.78
CA GLN E 87 -36.73 -25.01 -15.11
C GLN E 87 -37.91 -24.82 -16.05
N LEU E 88 -38.23 -23.57 -16.34
CA LEU E 88 -39.36 -23.23 -17.20
C LEU E 88 -38.84 -23.10 -18.63
N THR E 89 -39.14 -24.10 -19.45
CA THR E 89 -38.74 -24.10 -20.85
C THR E 89 -39.73 -23.25 -21.67
N VAL E 90 -39.22 -22.23 -22.33
CA VAL E 90 -40.04 -21.27 -23.05
C VAL E 90 -39.89 -21.49 -24.55
N HIS E 91 -40.73 -20.79 -25.33
CA HIS E 91 -40.70 -20.94 -26.78
C HIS E 91 -39.61 -20.11 -27.42
N THR E 92 -39.30 -18.95 -26.87
CA THR E 92 -38.30 -18.05 -27.43
C THR E 92 -36.95 -18.28 -26.79
N ASN E 93 -35.90 -18.30 -27.61
CA ASN E 93 -34.52 -18.30 -27.12
C ASN E 93 -34.08 -16.86 -26.89
N ASN E 94 -33.34 -16.64 -25.81
CA ASN E 94 -32.87 -15.30 -25.48
C ASN E 94 -31.64 -14.97 -26.30
N THR E 95 -31.75 -13.92 -27.13
CA THR E 95 -30.60 -13.45 -27.90
C THR E 95 -29.44 -13.05 -27.00
N ALA E 96 -29.73 -12.50 -25.81
CA ALA E 96 -28.69 -11.94 -24.94
C ALA E 96 -28.06 -12.96 -24.01
N THR E 97 -28.32 -14.24 -24.21
CA THR E 97 -27.72 -15.27 -23.37
C THR E 97 -26.23 -15.33 -23.63
N PRO E 98 -25.39 -15.08 -22.63
CA PRO E 98 -23.94 -15.17 -22.85
C PRO E 98 -23.44 -16.59 -22.66
N ASP E 99 -22.14 -16.80 -22.84
CA ASP E 99 -21.53 -18.03 -22.39
C ASP E 99 -21.56 -18.06 -20.87
N TYR E 100 -22.20 -19.08 -20.29
CA TYR E 100 -22.37 -19.15 -18.85
C TYR E 100 -21.93 -20.51 -18.33
N LYS E 101 -21.78 -20.58 -17.01
CA LYS E 101 -21.35 -21.80 -16.34
C LYS E 101 -21.94 -21.80 -14.93
N PHE E 102 -22.50 -22.94 -14.52
CA PHE E 102 -23.05 -23.11 -13.18
C PHE E 102 -21.93 -23.61 -12.28
N GLU E 103 -21.30 -22.71 -11.52
CA GLU E 103 -20.21 -23.07 -10.63
C GLU E 103 -20.63 -22.86 -9.20
N ARG E 104 -20.57 -23.93 -8.40
CA ARG E 104 -20.92 -23.84 -6.98
C ARG E 104 -19.77 -23.23 -6.20
N LEU E 105 -20.11 -22.37 -5.24
CA LEU E 105 -19.10 -21.69 -4.46
C LEU E 105 -18.72 -22.49 -3.22
N GLN E 106 -17.47 -22.39 -2.83
CA GLN E 106 -17.01 -22.88 -1.56
C GLN E 106 -17.03 -21.75 -0.52
N PRO E 107 -17.21 -22.07 0.76
CA PRO E 107 -17.23 -21.01 1.78
C PRO E 107 -15.96 -20.15 1.71
N GLY E 108 -16.15 -18.85 1.91
CA GLY E 108 -15.08 -17.88 1.86
C GLY E 108 -14.99 -17.11 0.56
N SER E 109 -15.53 -17.64 -0.53
CA SER E 109 -15.45 -16.98 -1.82
C SER E 109 -16.47 -15.86 -1.92
N SER E 110 -16.19 -14.90 -2.79
CA SER E 110 -17.02 -13.70 -2.95
C SER E 110 -17.84 -13.79 -4.24
N MET E 111 -18.87 -12.95 -4.29
CA MET E 111 -19.74 -12.87 -5.46
C MET E 111 -20.55 -11.58 -5.37
N THR E 112 -20.98 -11.10 -6.54
CA THR E 112 -21.83 -9.91 -6.65
C THR E 112 -23.29 -10.33 -6.71
N ILE E 113 -24.12 -9.71 -5.89
CA ILE E 113 -25.55 -10.01 -5.82
C ILE E 113 -26.29 -8.94 -6.63
N ALA E 114 -27.03 -9.36 -7.65
CA ALA E 114 -27.88 -8.46 -8.42
C ALA E 114 -29.28 -8.55 -7.85
N CYS E 115 -29.52 -7.75 -6.80
CA CYS E 115 -30.81 -7.76 -6.11
C CYS E 115 -31.90 -7.19 -7.01
N ALA E 116 -32.87 -8.02 -7.39
CA ALA E 116 -33.86 -7.67 -8.39
C ALA E 116 -35.26 -7.68 -7.81
N TYR E 117 -36.14 -6.89 -8.42
CA TYR E 117 -37.55 -6.84 -8.04
C TYR E 117 -38.38 -6.69 -9.31
N ASP E 118 -39.41 -7.53 -9.43
CA ASP E 118 -40.33 -7.53 -10.57
C ASP E 118 -39.62 -7.75 -11.91
N GLY E 119 -38.44 -8.36 -11.88
CA GLY E 119 -37.69 -8.60 -13.09
C GLY E 119 -36.66 -7.54 -13.41
N ILE E 120 -36.40 -6.60 -12.50
CA ILE E 120 -35.44 -5.53 -12.72
C ILE E 120 -34.52 -5.43 -11.50
N VAL E 121 -33.21 -5.50 -11.72
CA VAL E 121 -32.27 -5.35 -10.61
C VAL E 121 -32.24 -3.89 -10.17
N ARG E 122 -32.37 -3.67 -8.85
CA ARG E 122 -32.43 -2.32 -8.29
C ARG E 122 -31.10 -1.87 -7.71
N HIS E 123 -30.41 -2.75 -6.99
CA HIS E 123 -29.06 -2.48 -6.49
C HIS E 123 -28.23 -3.74 -6.59
N VAL E 124 -26.91 -3.56 -6.59
CA VAL E 124 -25.96 -4.67 -6.54
C VAL E 124 -24.96 -4.40 -5.43
N TYR E 125 -24.66 -5.43 -4.64
CA TYR E 125 -23.73 -5.32 -3.54
C TYR E 125 -22.88 -6.58 -3.49
N HIS E 126 -21.91 -6.58 -2.58
CA HIS E 126 -20.90 -7.62 -2.50
C HIS E 126 -21.07 -8.41 -1.22
N VAL E 127 -21.10 -9.74 -1.35
CA VAL E 127 -21.16 -10.65 -0.21
C VAL E 127 -20.15 -11.77 -0.44
N VAL E 128 -19.79 -12.44 0.66
CA VAL E 128 -19.03 -13.69 0.62
C VAL E 128 -19.82 -14.75 1.37
N LEU E 129 -19.65 -16.00 0.93
CA LEU E 129 -20.31 -17.13 1.59
C LEU E 129 -19.55 -17.47 2.88
N GLN E 130 -20.26 -17.46 4.00
CA GLN E 130 -19.63 -17.77 5.28
C GLN E 130 -19.48 -19.28 5.46
N LEU E 131 -18.83 -19.66 6.57
CA LEU E 131 -18.62 -21.07 6.83
C LEU E 131 -19.89 -21.79 7.26
N ASN E 132 -20.93 -21.05 7.67
CA ASN E 132 -22.24 -21.62 7.95
C ASN E 132 -23.11 -21.67 6.70
N ASN E 133 -22.52 -21.43 5.52
CA ASN E 133 -23.21 -21.50 4.24
C ASN E 133 -24.38 -20.51 4.17
N LEU E 134 -24.22 -19.36 4.82
CA LEU E 134 -25.18 -18.27 4.77
C LEU E 134 -24.47 -17.02 4.28
N ILE E 135 -25.20 -16.16 3.57
CA ILE E 135 -24.70 -14.86 3.16
C ILE E 135 -25.44 -13.79 3.95
N TYR E 136 -24.71 -12.77 4.39
CA TYR E 136 -25.29 -11.65 5.12
C TYR E 136 -25.59 -10.55 4.12
N ALA E 137 -26.69 -10.72 3.40
CA ALA E 137 -27.09 -9.83 2.34
C ALA E 137 -28.24 -8.94 2.83
N SER E 138 -29.03 -8.40 1.89
CA SER E 138 -30.17 -7.55 2.20
C SER E 138 -31.21 -7.75 1.12
N PHE E 139 -32.34 -8.38 1.48
CA PHE E 139 -33.44 -8.62 0.56
C PHE E 139 -34.75 -8.26 1.23
N LEU E 140 -35.77 -8.00 0.40
CA LEU E 140 -37.15 -7.84 0.84
C LEU E 140 -38.02 -8.77 -0.01
N ASN E 141 -39.34 -8.69 0.19
CA ASN E 141 -40.23 -9.58 -0.53
C ASN E 141 -40.17 -9.30 -2.03
N GLY E 142 -40.29 -10.37 -2.83
CA GLY E 142 -40.17 -10.28 -4.26
C GLY E 142 -38.76 -10.29 -4.81
N ALA E 143 -37.74 -10.36 -3.94
CA ALA E 143 -36.35 -10.37 -4.36
C ALA E 143 -35.81 -11.76 -4.65
N CYS E 144 -36.56 -12.81 -4.32
CA CYS E 144 -36.15 -14.17 -4.65
C CYS E 144 -36.04 -14.34 -6.15
N GLY E 145 -35.08 -15.16 -6.56
CA GLY E 145 -34.69 -15.26 -7.95
C GLY E 145 -33.52 -14.38 -8.32
N SER E 146 -33.20 -13.39 -7.50
CA SER E 146 -31.95 -12.66 -7.68
C SER E 146 -30.78 -13.61 -7.54
N VAL E 147 -29.76 -13.41 -8.36
CA VAL E 147 -28.66 -14.37 -8.48
C VAL E 147 -27.35 -13.71 -8.10
N GLY E 148 -26.48 -14.50 -7.48
CA GLY E 148 -25.11 -14.10 -7.22
C GLY E 148 -24.20 -14.66 -8.30
N TYR E 149 -23.29 -13.82 -8.78
CA TYR E 149 -22.54 -14.16 -9.97
C TYR E 149 -21.13 -13.62 -9.86
N THR E 150 -20.24 -14.14 -10.70
CA THR E 150 -18.92 -13.57 -10.94
C THR E 150 -18.69 -13.58 -12.44
N LEU E 151 -17.60 -12.93 -12.88
CA LEU E 151 -17.30 -12.84 -14.30
C LEU E 151 -15.81 -13.07 -14.51
N LYS E 152 -15.47 -14.00 -15.40
CA LYS E 152 -14.09 -14.21 -15.82
C LYS E 152 -14.05 -14.00 -17.34
N GLY E 153 -13.53 -12.85 -17.75
CA GLY E 153 -13.48 -12.51 -19.15
C GLY E 153 -14.86 -12.26 -19.75
N LYS E 154 -15.30 -13.17 -20.60
CA LYS E 154 -16.57 -13.02 -21.31
C LYS E 154 -17.67 -13.93 -20.79
N THR E 155 -17.34 -14.93 -19.99
CA THR E 155 -18.33 -15.92 -19.55
C THR E 155 -18.89 -15.55 -18.18
N LEU E 156 -20.18 -15.81 -18.00
CA LEU E 156 -20.88 -15.49 -16.76
C LEU E 156 -20.88 -16.70 -15.83
N TYR E 157 -20.35 -16.51 -14.62
CA TYR E 157 -20.32 -17.57 -13.61
C TYR E 157 -21.44 -17.30 -12.61
N LEU E 158 -22.46 -18.16 -12.61
CA LEU E 158 -23.58 -18.03 -11.70
C LEU E 158 -23.39 -18.97 -10.51
N HIS E 159 -23.50 -18.42 -9.31
CA HIS E 159 -23.23 -19.18 -8.09
C HIS E 159 -24.41 -19.32 -7.15
N TYR E 160 -25.38 -18.42 -7.20
CA TYR E 160 -26.37 -18.33 -6.13
C TYR E 160 -27.71 -17.91 -6.69
N MET E 161 -28.78 -18.31 -5.98
CA MET E 161 -30.12 -17.81 -6.25
C MET E 161 -30.89 -17.79 -4.93
N HIS E 162 -31.43 -16.63 -4.57
CA HIS E 162 -31.93 -16.43 -3.22
C HIS E 162 -33.29 -17.10 -3.02
N HIS E 163 -33.55 -17.47 -1.76
CA HIS E 163 -34.76 -18.23 -1.44
C HIS E 163 -35.43 -17.77 -0.16
N ILE E 164 -34.67 -17.62 0.92
CA ILE E 164 -35.24 -17.47 2.25
C ILE E 164 -34.33 -16.59 3.10
N GLU E 165 -34.94 -15.82 3.99
CA GLU E 165 -34.23 -14.98 4.97
C GLU E 165 -34.59 -15.46 6.37
N PHE E 166 -33.58 -15.61 7.22
CA PHE E 166 -33.78 -16.12 8.58
C PHE E 166 -33.93 -14.97 9.58
N ASN E 167 -34.03 -15.34 10.86
CA ASN E 167 -34.31 -14.35 11.89
C ASN E 167 -33.14 -13.39 12.08
N ASN E 168 -31.92 -13.91 12.13
CA ASN E 168 -30.73 -13.10 12.39
C ASN E 168 -30.18 -12.40 11.14
N LYS E 169 -31.06 -11.96 10.24
CA LYS E 169 -30.67 -11.21 9.04
C LYS E 169 -29.70 -12.00 8.15
N THR E 170 -29.78 -13.33 8.20
CA THR E 170 -29.00 -14.19 7.31
C THR E 170 -29.86 -14.65 6.14
N HIS E 171 -29.19 -15.00 5.05
CA HIS E 171 -29.87 -15.39 3.82
C HIS E 171 -29.25 -16.66 3.26
N SER E 172 -30.10 -17.57 2.78
CA SER E 172 -29.65 -18.82 2.18
C SER E 172 -30.40 -19.09 0.89
N GLY E 173 -29.74 -19.78 -0.02
CA GLY E 173 -30.35 -20.15 -1.27
C GLY E 173 -29.68 -21.34 -1.91
N THR E 174 -29.93 -21.51 -3.20
CA THR E 174 -29.38 -22.62 -3.97
C THR E 174 -28.28 -22.13 -4.89
N ASP E 175 -27.57 -23.08 -5.48
CA ASP E 175 -26.79 -22.80 -6.66
C ASP E 175 -27.70 -22.89 -7.88
N LEU E 176 -27.14 -22.62 -9.06
CA LEU E 176 -27.98 -22.68 -10.25
C LEU E 176 -28.26 -24.11 -10.71
N GLU E 177 -27.77 -25.12 -9.97
CA GLU E 177 -28.13 -26.50 -10.24
C GLU E 177 -29.24 -27.00 -9.33
N GLY E 178 -29.61 -26.23 -8.31
CA GLY E 178 -30.78 -26.52 -7.51
C GLY E 178 -30.53 -27.02 -6.10
N ASN E 179 -29.29 -27.02 -5.64
CA ASN E 179 -28.97 -27.55 -4.32
C ASN E 179 -28.60 -26.42 -3.37
N PHE E 180 -29.14 -26.49 -2.16
CA PHE E 180 -28.91 -25.44 -1.19
C PHE E 180 -27.46 -25.44 -0.73
N TYR E 181 -27.04 -24.29 -0.21
CA TYR E 181 -25.77 -24.16 0.49
C TYR E 181 -26.04 -24.47 1.96
N GLY E 182 -25.65 -25.65 2.42
CA GLY E 182 -25.84 -26.01 3.80
C GLY E 182 -27.10 -26.82 4.01
N PRO E 183 -27.49 -27.01 5.27
CA PRO E 183 -28.63 -27.89 5.57
C PRO E 183 -29.96 -27.15 5.54
N TYR E 184 -30.00 -26.02 4.86
CA TYR E 184 -31.18 -25.15 4.87
C TYR E 184 -32.12 -25.50 3.71
N VAL E 185 -33.41 -25.30 3.96
CA VAL E 185 -34.46 -25.63 3.00
C VAL E 185 -35.39 -24.43 2.86
N ASP E 186 -36.20 -24.46 1.81
CA ASP E 186 -37.17 -23.39 1.56
C ASP E 186 -38.49 -23.66 2.29
N GLU E 187 -38.39 -23.73 3.61
CA GLU E 187 -39.55 -23.96 4.48
C GLU E 187 -39.54 -22.93 5.60
N GLU E 188 -40.71 -22.42 5.95
CA GLU E 188 -40.84 -21.34 6.93
C GLU E 188 -40.96 -21.92 8.35
N VAL E 189 -39.90 -22.60 8.76
CA VAL E 189 -39.77 -23.15 10.10
C VAL E 189 -38.38 -22.81 10.62
N ILE E 190 -38.21 -22.95 11.93
CA ILE E 190 -36.91 -22.68 12.54
C ILE E 190 -35.95 -23.81 12.16
N GLN E 191 -34.76 -23.42 11.68
CA GLN E 191 -33.76 -24.37 11.20
C GLN E 191 -32.46 -24.10 11.94
N GLN E 192 -31.91 -25.14 12.58
CA GLN E 192 -30.68 -24.97 13.34
C GLN E 192 -29.56 -24.53 12.43
N GLN E 193 -28.82 -23.50 12.85
CA GLN E 193 -27.74 -22.93 12.08
C GLN E 193 -26.40 -23.31 12.68
N THR E 194 -25.41 -23.48 11.82
CA THR E 194 -24.05 -23.73 12.27
C THR E 194 -23.56 -22.56 13.11
N ALA E 195 -22.80 -22.86 14.16
CA ALA E 195 -22.16 -21.80 14.94
C ALA E 195 -21.19 -21.04 14.03
N PHE E 196 -21.20 -19.71 14.18
CA PHE E 196 -20.41 -18.88 13.28
C PHE E 196 -18.93 -19.15 13.45
N GLN E 197 -18.21 -19.17 12.34
CA GLN E 197 -16.76 -19.37 12.35
C GLN E 197 -16.13 -18.40 11.37
N TYR E 198 -15.08 -17.70 11.80
CA TYR E 198 -14.42 -16.72 10.95
C TYR E 198 -13.58 -17.42 9.89
N TYR E 199 -13.73 -16.99 8.64
CA TYR E 199 -12.88 -17.46 7.54
C TYR E 199 -11.52 -16.80 7.68
N THR E 200 -10.57 -17.52 8.27
CA THR E 200 -9.29 -16.92 8.66
C THR E 200 -8.55 -16.29 7.47
N ASP E 201 -8.60 -16.93 6.29
CA ASP E 201 -7.88 -16.39 5.15
C ASP E 201 -8.39 -15.01 4.78
N ASN E 202 -9.69 -14.77 4.97
CA ASN E 202 -10.27 -13.48 4.63
C ASN E 202 -9.96 -12.43 5.70
N VAL E 203 -9.98 -12.83 6.98
CA VAL E 203 -9.65 -11.88 8.05
C VAL E 203 -8.21 -11.43 7.92
N VAL E 204 -7.32 -12.32 7.47
CA VAL E 204 -5.94 -11.93 7.23
C VAL E 204 -5.86 -10.96 6.05
N ALA E 205 -6.64 -11.23 5.00
CA ALA E 205 -6.61 -10.35 3.82
C ALA E 205 -7.06 -8.94 4.18
N GLN E 206 -8.04 -8.82 5.07
CA GLN E 206 -8.53 -7.51 5.47
C GLN E 206 -7.48 -6.73 6.25
N LEU E 207 -6.78 -7.39 7.17
CA LEU E 207 -5.72 -6.72 7.91
C LEU E 207 -4.58 -6.31 7.00
N TYR E 208 -4.24 -7.16 6.02
CA TYR E 208 -3.25 -6.77 5.03
C TYR E 208 -3.75 -5.61 4.17
N ALA E 209 -5.05 -5.55 3.90
CA ALA E 209 -5.59 -4.44 3.14
C ALA E 209 -5.42 -3.13 3.90
N HIS E 210 -5.77 -3.13 5.19
CA HIS E 210 -5.64 -1.92 6.00
C HIS E 210 -4.22 -1.38 5.96
N LEU E 211 -3.23 -2.26 6.11
CA LEU E 211 -1.84 -1.79 6.16
C LEU E 211 -1.36 -1.27 4.81
N LEU E 212 -1.91 -1.77 3.71
CA LEU E 212 -1.51 -1.31 2.39
C LEU E 212 -2.24 -0.06 1.93
N THR E 213 -3.28 0.39 2.66
CA THR E 213 -4.00 1.61 2.28
C THR E 213 -3.83 2.77 3.26
N VAL E 214 -3.60 2.51 4.54
CA VAL E 214 -3.62 3.60 5.51
C VAL E 214 -2.25 4.25 5.67
N ASP E 215 -1.16 3.53 5.39
CA ASP E 215 0.19 4.09 5.36
C ASP E 215 0.56 4.73 6.71
N ALA E 216 0.43 3.92 7.76
CA ALA E 216 0.80 4.29 9.14
C ALA E 216 0.45 3.13 10.06
N ARG E 217 1.43 2.30 10.40
CA ARG E 217 1.14 1.08 11.13
C ARG E 217 0.58 1.39 12.52
N PRO E 218 -0.56 0.83 12.89
CA PRO E 218 -1.21 1.22 14.14
C PRO E 218 -0.57 0.55 15.35
N LYS E 219 -0.96 1.04 16.52
CA LYS E 219 -0.44 0.52 17.78
C LYS E 219 -1.03 -0.85 18.14
N TRP E 220 -2.11 -1.26 17.50
CA TRP E 220 -2.70 -2.57 17.78
C TRP E 220 -2.14 -3.68 16.90
N LEU E 221 -1.22 -3.37 16.00
CA LEU E 221 -0.50 -4.41 15.28
C LEU E 221 0.49 -5.08 16.23
N ALA E 222 0.43 -6.41 16.31
CA ALA E 222 1.29 -7.14 17.23
C ALA E 222 2.74 -7.03 16.79
N GLN E 223 3.63 -6.74 17.75
CA GLN E 223 5.04 -6.61 17.42
C GLN E 223 5.71 -7.98 17.34
N SER E 224 5.32 -8.91 18.20
CA SER E 224 5.90 -10.25 18.23
C SER E 224 5.06 -11.22 17.41
N GLN E 225 5.71 -12.30 16.98
CA GLN E 225 5.07 -13.29 16.12
C GLN E 225 4.39 -14.39 16.94
N ILE E 226 3.47 -15.09 16.27
CA ILE E 226 3.00 -16.40 16.69
C ILE E 226 3.02 -17.29 15.46
N SER E 227 3.33 -18.56 15.67
CA SER E 227 3.44 -19.49 14.56
C SER E 227 2.07 -19.94 14.10
N ILE E 228 2.00 -20.37 12.84
CA ILE E 228 0.78 -20.94 12.28
C ILE E 228 0.30 -22.10 13.14
N GLU E 229 1.24 -22.91 13.64
CA GLU E 229 0.86 -24.06 14.46
C GLU E 229 0.21 -23.60 15.76
N ASP E 230 0.83 -22.64 16.45
CA ASP E 230 0.29 -22.17 17.72
C ASP E 230 -1.03 -21.43 17.53
N PHE E 231 -1.19 -20.76 16.38
CA PHE E 231 -2.44 -20.06 16.10
C PHE E 231 -3.58 -21.06 15.90
N ASN E 232 -3.33 -22.16 15.17
CA ASN E 232 -4.41 -23.09 14.85
C ASN E 232 -4.93 -23.80 16.10
N SER E 233 -4.08 -24.01 17.09
CA SER E 233 -4.55 -24.51 18.38
C SER E 233 -5.38 -23.47 19.12
N TRP E 234 -5.04 -22.19 18.96
CA TRP E 234 -5.89 -21.13 19.52
C TRP E 234 -7.18 -21.01 18.73
N ALA E 235 -7.11 -21.15 17.40
CA ALA E 235 -8.28 -20.99 16.55
C ALA E 235 -9.33 -22.05 16.82
N ALA E 236 -8.93 -23.25 17.24
CA ALA E 236 -9.86 -24.34 17.48
C ALA E 236 -10.79 -24.06 18.65
N ASN E 237 -10.42 -23.13 19.54
CA ASN E 237 -11.23 -22.79 20.70
C ASN E 237 -11.77 -21.37 20.65
N ASN E 238 -11.53 -20.63 19.56
CA ASN E 238 -11.99 -19.25 19.46
C ASN E 238 -12.76 -19.00 18.17
N SER E 239 -13.35 -20.04 17.59
CA SER E 239 -14.26 -19.93 16.44
C SER E 239 -13.57 -19.33 15.21
N PHE E 240 -12.30 -19.69 15.03
CA PHE E 240 -11.55 -19.32 13.84
C PHE E 240 -11.17 -20.59 13.08
N ALA E 241 -11.35 -20.56 11.77
CA ALA E 241 -11.04 -21.71 10.94
C ALA E 241 -9.54 -21.98 10.92
N ASN E 242 -9.19 -23.22 10.59
CA ASN E 242 -7.79 -23.61 10.55
C ASN E 242 -7.08 -22.93 9.39
N PHE E 243 -5.98 -22.22 9.68
CA PHE E 243 -5.23 -21.48 8.67
C PHE E 243 -4.18 -22.38 8.03
N PRO E 244 -4.08 -22.43 6.69
CA PRO E 244 -4.93 -21.68 5.77
C PRO E 244 -6.21 -22.39 5.36
N CYS E 245 -7.27 -21.60 5.14
CA CYS E 245 -8.53 -22.14 4.67
C CYS E 245 -8.37 -22.80 3.31
N GLU E 246 -7.65 -22.11 2.41
CA GLU E 246 -7.34 -22.61 1.08
C GLU E 246 -5.85 -22.49 0.86
N GLN E 247 -5.22 -23.58 0.44
CA GLN E 247 -3.79 -23.54 0.17
C GLN E 247 -3.47 -22.60 -0.98
N THR E 248 -4.43 -22.39 -1.88
CA THR E 248 -4.23 -21.46 -2.99
C THR E 248 -4.19 -20.01 -2.54
N ASN E 249 -4.73 -19.70 -1.35
CA ASN E 249 -4.62 -18.36 -0.81
C ASN E 249 -3.23 -18.04 -0.27
N MET E 250 -2.41 -19.06 0.01
CA MET E 250 -1.09 -18.79 0.53
C MET E 250 -0.25 -17.99 -0.46
N SER E 251 -0.48 -18.21 -1.76
CA SER E 251 0.27 -17.47 -2.77
C SER E 251 0.00 -15.98 -2.67
N TYR E 252 -1.25 -15.59 -2.43
CA TYR E 252 -1.60 -14.18 -2.27
C TYR E 252 -1.16 -13.64 -0.93
N ILE E 253 -1.32 -14.42 0.14
CA ILE E 253 -0.97 -13.93 1.47
C ILE E 253 0.54 -13.75 1.59
N MET E 254 1.32 -14.66 1.00
CA MET E 254 2.76 -14.44 0.94
C MET E 254 3.10 -13.22 0.09
N GLY E 255 2.32 -12.96 -0.96
CA GLY E 255 2.52 -11.76 -1.75
C GLY E 255 2.24 -10.49 -0.94
N LEU E 256 1.11 -10.47 -0.23
CA LEU E 256 0.81 -9.34 0.64
C LEU E 256 1.79 -9.24 1.78
N SER E 257 2.46 -10.33 2.15
CA SER E 257 3.45 -10.25 3.21
C SER E 257 4.66 -9.43 2.77
N GLN E 258 5.14 -9.65 1.54
CA GLN E 258 6.35 -8.98 1.09
C GLN E 258 6.12 -7.49 0.86
N THR E 259 5.02 -7.14 0.18
CA THR E 259 4.78 -5.73 -0.14
C THR E 259 4.49 -4.92 1.12
N ALA E 260 3.76 -5.49 2.08
CA ALA E 260 3.53 -4.79 3.33
C ALA E 260 4.68 -4.94 4.31
N ARG E 261 5.69 -5.78 3.98
CA ARG E 261 6.84 -6.03 4.85
C ARG E 261 6.38 -6.46 6.25
N VAL E 262 5.29 -7.22 6.30
CA VAL E 262 4.77 -7.78 7.54
C VAL E 262 4.52 -9.27 7.28
N PRO E 263 5.18 -10.17 8.03
CA PRO E 263 4.91 -11.60 7.82
C PRO E 263 3.53 -11.99 8.29
N VAL E 264 3.05 -13.13 7.79
CA VAL E 264 1.72 -13.60 8.18
C VAL E 264 1.68 -13.98 9.66
N GLU E 265 2.84 -14.26 10.27
CA GLU E 265 2.89 -14.63 11.67
C GLU E 265 2.41 -13.49 12.57
N ARG E 266 2.79 -12.26 12.25
CA ARG E 266 2.37 -11.11 13.04
C ARG E 266 0.92 -10.73 12.77
N ILE E 267 0.44 -10.97 11.55
CA ILE E 267 -0.97 -10.73 11.24
C ILE E 267 -1.85 -11.66 12.07
N LEU E 268 -1.45 -12.93 12.20
CA LEU E 268 -2.24 -13.88 12.97
C LEU E 268 -2.23 -13.51 14.45
N ASN E 269 -1.05 -13.22 15.00
CA ASN E 269 -0.97 -12.83 16.40
C ASN E 269 -1.78 -11.56 16.67
N THR E 270 -1.87 -10.67 15.69
CA THR E 270 -2.75 -9.51 15.81
C THR E 270 -4.20 -9.94 15.95
N ILE E 271 -4.63 -10.94 15.17
CA ILE E 271 -6.01 -11.43 15.26
C ILE E 271 -6.30 -11.92 16.68
N ILE E 272 -5.34 -12.60 17.30
CA ILE E 272 -5.55 -13.12 18.65
C ILE E 272 -5.68 -11.96 19.64
N GLN E 273 -4.76 -11.00 19.58
CA GLN E 273 -4.79 -9.87 20.50
C GLN E 273 -6.01 -8.97 20.24
N LEU E 274 -6.48 -8.91 19.00
CA LEU E 274 -7.66 -8.09 18.71
C LEU E 274 -8.92 -8.64 19.37
N THR E 275 -8.93 -9.92 19.72
CA THR E 275 -10.11 -10.50 20.34
C THR E 275 -10.28 -10.10 21.80
N THR E 276 -9.32 -9.38 22.38
CA THR E 276 -9.46 -8.92 23.76
C THR E 276 -8.90 -7.50 23.91
N PHE E 289 -15.50 -8.60 13.46
CA PHE E 289 -14.63 -8.73 12.28
C PHE E 289 -15.42 -9.08 11.03
N GLU E 290 -14.77 -8.96 9.88
CA GLU E 290 -15.40 -9.25 8.60
C GLU E 290 -14.54 -10.20 7.79
N CYS E 291 -15.19 -10.89 6.85
CA CYS E 291 -14.55 -11.81 5.92
C CYS E 291 -14.85 -11.45 4.48
N ASP E 292 -15.23 -10.19 4.20
CA ASP E 292 -15.58 -9.79 2.85
C ASP E 292 -14.37 -9.55 1.96
N TRP E 293 -13.17 -9.44 2.55
CA TRP E 293 -11.95 -9.18 1.80
C TRP E 293 -11.26 -10.52 1.53
N THR E 294 -11.21 -10.93 0.23
CA THR E 294 -10.50 -12.16 -0.07
C THR E 294 -9.05 -11.87 -0.41
N PRO E 295 -8.15 -12.81 -0.11
CA PRO E 295 -6.74 -12.60 -0.47
C PRO E 295 -6.52 -12.35 -1.95
N GLU E 296 -7.30 -13.02 -2.81
CA GLU E 296 -7.16 -12.78 -4.24
C GLU E 296 -7.53 -11.35 -4.59
N MET E 297 -8.67 -10.87 -4.07
CA MET E 297 -9.11 -9.52 -4.40
C MET E 297 -8.14 -8.47 -3.88
N VAL E 298 -7.60 -8.69 -2.68
CA VAL E 298 -6.69 -7.70 -2.10
C VAL E 298 -5.39 -7.66 -2.89
N TYR E 299 -4.91 -8.80 -3.37
CA TYR E 299 -3.61 -8.86 -4.01
C TYR E 299 -3.63 -8.32 -5.44
N ASN E 300 -4.70 -8.60 -6.19
CA ASN E 300 -4.75 -8.21 -7.59
C ASN E 300 -5.25 -6.78 -7.73
N GLN E 301 -4.56 -5.84 -7.07
CA GLN E 301 -4.92 -4.43 -7.11
C GLN E 301 -3.68 -3.55 -6.89
N ILE F 3 -15.77 46.86 -22.36
CA ILE F 3 -15.84 45.80 -21.37
C ILE F 3 -16.29 46.37 -20.03
N LYS F 4 -17.42 45.88 -19.54
CA LYS F 4 -18.04 46.39 -18.32
C LYS F 4 -18.29 45.24 -17.36
N ILE F 5 -18.91 45.57 -16.24
CA ILE F 5 -19.40 44.58 -15.28
C ILE F 5 -20.88 44.38 -15.56
N LEU F 6 -21.23 43.22 -16.11
CA LEU F 6 -22.58 43.00 -16.63
C LEU F 6 -23.43 42.26 -15.61
N LEU F 7 -24.60 42.81 -15.31
CA LEU F 7 -25.54 42.24 -14.36
C LEU F 7 -26.80 41.77 -15.08
N HIS F 8 -27.48 40.82 -14.48
CA HIS F 8 -28.67 40.34 -15.15
C HIS F 8 -29.90 41.13 -14.71
N PRO F 9 -30.84 41.35 -15.62
CA PRO F 9 -32.04 42.12 -15.29
C PRO F 9 -32.81 41.51 -14.13
N SER F 10 -33.18 42.34 -13.16
CA SER F 10 -33.76 41.90 -11.91
C SER F 10 -35.28 41.83 -11.94
N GLY F 11 -35.91 42.17 -13.06
CA GLY F 11 -37.36 42.20 -13.10
C GLY F 11 -38.00 40.87 -12.77
N VAL F 12 -37.40 39.78 -13.26
CA VAL F 12 -37.96 38.45 -13.01
C VAL F 12 -37.97 38.14 -11.51
N VAL F 13 -36.95 38.61 -10.79
CA VAL F 13 -36.82 38.25 -9.38
C VAL F 13 -37.74 39.09 -8.50
N GLU F 14 -37.79 40.42 -8.72
CA GLU F 14 -38.55 41.28 -7.84
C GLU F 14 -40.06 41.08 -7.98
N ARG F 15 -40.50 40.40 -9.03
CA ARG F 15 -41.90 39.99 -9.15
C ARG F 15 -42.19 38.74 -8.30
N CYS F 16 -41.17 38.14 -7.68
CA CYS F 16 -41.34 36.99 -6.81
C CYS F 16 -40.79 37.19 -5.40
N MET F 17 -40.22 38.35 -5.08
CA MET F 17 -39.67 38.56 -3.75
C MET F 17 -40.78 38.89 -2.76
N VAL F 18 -40.55 38.53 -1.50
CA VAL F 18 -41.62 38.46 -0.51
C VAL F 18 -41.09 38.88 0.87
N SER F 19 -41.97 39.54 1.63
CA SER F 19 -41.71 39.83 3.04
C SER F 19 -42.14 38.66 3.92
N VAL F 20 -41.28 38.28 4.87
CA VAL F 20 -41.61 37.28 5.86
C VAL F 20 -41.21 37.83 7.23
N VAL F 21 -42.19 37.99 8.12
CA VAL F 21 -41.97 38.48 9.48
C VAL F 21 -42.51 37.45 10.47
N TYR F 22 -41.73 37.17 11.51
CA TYR F 22 -42.12 36.19 12.54
C TYR F 22 -41.79 36.77 13.90
N ASN F 23 -42.82 37.30 14.57
CA ASN F 23 -42.71 37.79 15.94
C ASN F 23 -41.54 38.77 16.11
N GLY F 24 -41.57 39.83 15.31
CA GLY F 24 -40.56 40.86 15.42
C GLY F 24 -39.46 40.81 14.39
N SER F 25 -38.91 39.62 14.14
CA SER F 25 -37.82 39.47 13.18
C SER F 25 -38.38 39.51 11.75
N ALA F 26 -37.80 40.39 10.92
CA ALA F 26 -38.24 40.60 9.55
C ALA F 26 -37.11 40.29 8.57
N LEU F 27 -37.44 39.57 7.49
CA LEU F 27 -36.48 39.20 6.47
C LEU F 27 -37.22 39.05 5.14
N ASN F 28 -36.46 38.74 4.09
CA ASN F 28 -37.00 38.61 2.74
C ASN F 28 -37.09 37.13 2.34
N GLY F 29 -37.80 36.88 1.25
CA GLY F 29 -37.94 35.53 0.74
C GLY F 29 -38.44 35.56 -0.69
N ILE F 30 -38.21 34.46 -1.39
CA ILE F 30 -38.61 34.34 -2.79
C ILE F 30 -39.78 33.37 -2.87
N TRP F 31 -40.70 33.66 -3.80
CA TRP F 31 -41.98 32.97 -3.91
C TRP F 31 -42.01 32.23 -5.25
N LEU F 32 -41.79 30.92 -5.21
CA LEU F 32 -41.77 30.09 -6.42
C LEU F 32 -42.87 29.05 -6.30
N LYS F 33 -43.82 29.07 -7.26
CA LYS F 33 -44.91 28.10 -7.34
C LYS F 33 -45.74 28.21 -6.07
N ASN F 34 -45.85 27.15 -5.26
CA ASN F 34 -46.67 27.13 -4.06
C ASN F 34 -45.88 27.41 -2.78
N VAL F 35 -44.57 27.58 -2.88
CA VAL F 35 -43.72 27.64 -1.70
C VAL F 35 -42.96 28.97 -1.67
N VAL F 36 -42.72 29.45 -0.46
CA VAL F 36 -41.86 30.60 -0.21
C VAL F 36 -40.58 30.10 0.45
N TYR F 37 -39.44 30.59 0.00
CA TYR F 37 -38.14 30.18 0.51
C TYR F 37 -37.54 31.33 1.32
N CYS F 38 -37.25 31.07 2.58
CA CYS F 38 -36.71 32.09 3.46
C CYS F 38 -35.67 31.47 4.36
N PRO F 39 -34.74 32.27 4.91
CA PRO F 39 -33.79 31.74 5.89
C PRO F 39 -34.50 31.28 7.16
N ARG F 40 -33.95 30.24 7.79
CA ARG F 40 -34.63 29.60 8.91
C ARG F 40 -34.56 30.44 10.19
N HIS F 41 -33.57 31.32 10.32
CA HIS F 41 -33.40 32.10 11.56
C HIS F 41 -34.44 33.22 11.71
N VAL F 42 -35.50 33.21 10.89
CA VAL F 42 -36.59 34.15 11.11
C VAL F 42 -37.45 33.73 12.29
N ILE F 43 -37.42 32.45 12.68
CA ILE F 43 -38.20 31.97 13.83
C ILE F 43 -37.41 32.01 15.12
N GLY F 44 -36.18 32.54 15.11
CA GLY F 44 -35.34 32.59 16.29
C GLY F 44 -33.88 32.37 15.96
N LYS F 45 -32.99 32.72 16.89
CA LYS F 45 -31.55 32.58 16.70
C LYS F 45 -31.08 31.39 17.55
N PHE F 46 -31.19 30.20 16.99
CA PHE F 46 -30.77 28.97 17.65
C PHE F 46 -29.50 28.45 17.00
N ARG F 47 -28.90 27.44 17.63
CA ARG F 47 -27.65 26.85 17.16
C ARG F 47 -27.77 25.33 17.20
N GLY F 48 -26.84 24.67 16.51
CA GLY F 48 -26.79 23.21 16.48
C GLY F 48 -28.01 22.53 15.90
N ASP F 49 -28.65 21.68 16.70
CA ASP F 49 -29.79 20.88 16.25
C ASP F 49 -31.08 21.24 16.98
N GLN F 50 -31.17 22.44 17.54
CA GLN F 50 -32.46 22.91 18.05
C GLN F 50 -33.43 23.26 16.94
N TRP F 51 -32.97 23.27 15.68
CA TRP F 51 -33.74 23.88 14.60
C TRP F 51 -35.00 23.08 14.29
N THR F 52 -34.85 21.79 14.00
CA THR F 52 -35.98 20.97 13.59
C THR F 52 -37.06 20.86 14.66
N HIS F 53 -36.71 21.08 15.93
CA HIS F 53 -37.71 21.11 16.98
C HIS F 53 -38.32 22.50 17.16
N MET F 54 -37.58 23.56 16.85
CA MET F 54 -38.16 24.89 16.93
C MET F 54 -39.10 25.16 15.76
N VAL F 55 -38.83 24.55 14.60
CA VAL F 55 -39.80 24.52 13.52
C VAL F 55 -40.90 23.50 13.80
N SER F 56 -40.63 22.49 14.62
CA SER F 56 -41.67 21.54 15.00
C SER F 56 -42.85 22.24 15.66
N ILE F 57 -42.61 23.32 16.39
CA ILE F 57 -43.64 23.98 17.19
C ILE F 57 -44.09 25.31 16.62
N ALA F 58 -43.48 25.77 15.52
CA ALA F 58 -43.80 27.07 14.95
C ALA F 58 -45.18 27.03 14.31
N ASP F 59 -46.14 27.73 14.90
CA ASP F 59 -47.47 27.83 14.32
C ASP F 59 -47.41 28.72 13.08
N CYS F 60 -48.04 28.25 11.99
CA CYS F 60 -47.98 28.96 10.72
C CYS F 60 -48.76 30.27 10.74
N ARG F 61 -49.78 30.38 11.59
CA ARG F 61 -50.53 31.62 11.69
C ARG F 61 -49.66 32.79 12.15
N ASP F 62 -48.44 32.53 12.61
CA ASP F 62 -47.50 33.59 13.02
C ASP F 62 -46.64 34.08 11.87
N PHE F 63 -46.71 33.45 10.69
CA PHE F 63 -45.93 33.86 9.53
C PHE F 63 -46.73 34.90 8.76
N ILE F 64 -46.32 36.16 8.87
CA ILE F 64 -46.91 37.24 8.08
C ILE F 64 -46.11 37.32 6.78
N VAL F 65 -46.74 36.92 5.67
CA VAL F 65 -46.08 36.74 4.38
C VAL F 65 -46.72 37.73 3.40
N LYS F 66 -45.96 38.73 2.99
CA LYS F 66 -46.46 39.80 2.12
C LYS F 66 -45.61 39.89 0.87
N CYS F 67 -46.26 40.03 -0.28
CA CYS F 67 -45.59 40.23 -1.57
C CYS F 67 -46.03 41.59 -2.09
N PRO F 68 -45.28 42.65 -1.80
CA PRO F 68 -45.79 44.00 -2.11
C PRO F 68 -45.85 44.31 -3.59
N ILE F 69 -45.02 43.67 -4.42
CA ILE F 69 -45.03 43.96 -5.85
C ILE F 69 -46.36 43.56 -6.50
N GLN F 70 -47.12 42.68 -5.86
CA GLN F 70 -48.42 42.25 -6.39
C GLN F 70 -49.58 42.59 -5.47
N GLY F 71 -49.32 43.21 -4.32
CA GLY F 71 -50.40 43.61 -3.42
C GLY F 71 -51.17 42.46 -2.82
N ILE F 72 -50.53 41.31 -2.63
CA ILE F 72 -51.16 40.11 -2.09
C ILE F 72 -50.49 39.76 -0.78
N GLN F 73 -51.31 39.40 0.21
CA GLN F 73 -50.82 38.86 1.47
C GLN F 73 -51.09 37.36 1.48
N LEU F 74 -50.03 36.57 1.56
CA LEU F 74 -50.17 35.13 1.50
C LEU F 74 -50.37 34.55 2.90
N ASN F 75 -51.08 33.42 2.96
CA ASN F 75 -51.29 32.67 4.20
C ASN F 75 -50.64 31.30 4.04
N VAL F 76 -49.73 30.97 4.95
CA VAL F 76 -48.96 29.72 4.84
C VAL F 76 -49.77 28.57 5.44
N GLN F 77 -49.73 27.43 4.74
CA GLN F 77 -50.35 26.19 5.21
C GLN F 77 -49.35 25.29 5.93
N SER F 78 -48.35 24.80 5.21
CA SER F 78 -47.35 23.90 5.77
C SER F 78 -46.00 24.59 5.83
N VAL F 79 -45.20 24.23 6.83
CA VAL F 79 -43.84 24.74 6.98
C VAL F 79 -42.91 23.55 7.13
N LYS F 80 -41.86 23.51 6.33
CA LYS F 80 -40.88 22.43 6.37
C LYS F 80 -39.49 23.03 6.23
N MET F 81 -38.55 22.50 7.00
CA MET F 81 -37.16 22.94 6.94
C MET F 81 -36.38 22.05 5.99
N VAL F 82 -35.80 22.66 4.96
CA VAL F 82 -34.92 21.96 4.02
C VAL F 82 -33.56 22.62 4.15
N GLY F 83 -32.65 21.97 4.87
CA GLY F 83 -31.35 22.58 5.11
C GLY F 83 -31.49 23.75 6.06
N ALA F 84 -30.89 24.88 5.69
CA ALA F 84 -31.00 26.10 6.49
C ALA F 84 -32.08 27.02 5.98
N LEU F 85 -32.97 26.53 5.13
CA LEU F 85 -34.08 27.30 4.61
C LEU F 85 -35.40 26.70 5.07
N LEU F 86 -36.42 27.54 5.14
CA LEU F 86 -37.78 27.13 5.43
C LEU F 86 -38.59 27.15 4.13
N GLN F 87 -39.35 26.09 3.90
CA GLN F 87 -40.21 26.00 2.70
C GLN F 87 -41.65 26.21 3.15
N LEU F 88 -42.09 27.47 3.14
CA LEU F 88 -43.44 27.83 3.54
C LEU F 88 -44.37 27.64 2.35
N THR F 89 -45.19 26.59 2.39
CA THR F 89 -46.15 26.34 1.32
C THR F 89 -47.38 27.21 1.53
N VAL F 90 -47.74 27.98 0.51
CA VAL F 90 -48.86 28.90 0.58
C VAL F 90 -50.03 28.34 -0.21
N HIS F 91 -51.19 28.98 -0.08
CA HIS F 91 -52.37 28.46 -0.75
C HIS F 91 -52.37 28.81 -2.24
N THR F 92 -51.89 30.00 -2.58
CA THR F 92 -51.93 30.48 -3.95
C THR F 92 -50.58 30.26 -4.63
N ASN F 93 -50.64 29.96 -5.93
CA ASN F 93 -49.45 29.80 -6.75
C ASN F 93 -49.08 31.13 -7.42
N ASN F 94 -47.79 31.42 -7.48
CA ASN F 94 -47.32 32.65 -8.09
C ASN F 94 -47.47 32.60 -9.61
N THR F 95 -48.29 33.48 -10.14
CA THR F 95 -48.46 33.55 -11.59
C THR F 95 -47.21 34.05 -12.30
N ALA F 96 -46.25 34.61 -11.57
CA ALA F 96 -45.06 35.18 -12.16
C ALA F 96 -43.84 34.28 -11.98
N THR F 97 -44.04 33.04 -11.56
CA THR F 97 -42.92 32.12 -11.43
C THR F 97 -42.38 31.75 -12.81
N PRO F 98 -41.11 31.94 -13.06
CA PRO F 98 -40.56 31.56 -14.37
C PRO F 98 -40.11 30.12 -14.36
N ASP F 99 -39.62 29.63 -15.49
CA ASP F 99 -38.85 28.40 -15.49
C ASP F 99 -37.55 28.66 -14.74
N TYR F 100 -37.31 27.90 -13.68
CA TYR F 100 -36.15 28.13 -12.82
C TYR F 100 -35.43 26.83 -12.56
N LYS F 101 -34.28 26.94 -11.91
CA LYS F 101 -33.42 25.81 -11.60
C LYS F 101 -32.50 26.21 -10.46
N PHE F 102 -32.38 25.35 -9.44
CA PHE F 102 -31.51 25.60 -8.31
C PHE F 102 -30.11 25.07 -8.65
N GLU F 103 -29.18 25.97 -8.93
CA GLU F 103 -27.83 25.62 -9.36
C GLU F 103 -26.82 26.14 -8.35
N ARG F 104 -25.99 25.25 -7.84
CA ARG F 104 -24.97 25.64 -6.88
C ARG F 104 -23.74 26.18 -7.62
N LEU F 105 -23.22 27.29 -7.11
CA LEU F 105 -22.09 27.96 -7.74
C LEU F 105 -20.77 27.35 -7.30
N GLN F 106 -19.83 27.29 -8.23
CA GLN F 106 -18.46 26.95 -7.85
C GLN F 106 -17.66 28.23 -7.63
N PRO F 107 -16.66 28.20 -6.74
CA PRO F 107 -15.85 29.41 -6.52
C PRO F 107 -15.23 29.90 -7.81
N GLY F 108 -15.20 31.22 -7.97
CA GLY F 108 -14.63 31.87 -9.13
C GLY F 108 -15.65 32.41 -10.11
N SER F 109 -16.84 31.82 -10.13
CA SER F 109 -17.90 32.29 -11.01
C SER F 109 -18.71 33.40 -10.34
N SER F 110 -19.44 34.16 -11.14
CA SER F 110 -20.13 35.36 -10.68
C SER F 110 -21.64 35.12 -10.59
N MET F 111 -22.32 36.10 -10.00
CA MET F 111 -23.78 36.11 -9.91
C MET F 111 -24.23 37.53 -9.64
N THR F 112 -25.52 37.77 -9.86
CA THR F 112 -26.13 39.07 -9.63
C THR F 112 -26.94 39.01 -8.34
N ILE F 113 -26.67 39.94 -7.43
CA ILE F 113 -27.33 39.97 -6.12
C ILE F 113 -28.46 40.98 -6.15
N ALA F 114 -29.66 40.53 -5.80
CA ALA F 114 -30.82 41.41 -5.71
C ALA F 114 -31.10 41.63 -4.23
N CYS F 115 -30.42 42.62 -3.67
CA CYS F 115 -30.55 42.93 -2.26
C CYS F 115 -31.90 43.59 -1.98
N ALA F 116 -32.69 42.97 -1.14
CA ALA F 116 -34.07 43.41 -0.89
C ALA F 116 -34.27 43.72 0.58
N TYR F 117 -35.17 44.68 0.84
CA TYR F 117 -35.62 45.02 2.17
C TYR F 117 -37.14 45.12 2.13
N ASP F 118 -37.79 44.53 3.13
CA ASP F 118 -39.26 44.55 3.22
C ASP F 118 -39.91 44.04 1.94
N GLY F 119 -39.33 42.99 1.36
CA GLY F 119 -39.89 42.39 0.16
C GLY F 119 -39.78 43.21 -1.09
N ILE F 120 -38.89 44.20 -1.12
CA ILE F 120 -38.64 45.04 -2.29
C ILE F 120 -37.14 45.14 -2.48
N VAL F 121 -36.66 44.87 -3.70
CA VAL F 121 -35.24 44.98 -3.98
C VAL F 121 -34.87 46.46 -4.08
N ARG F 122 -33.86 46.88 -3.33
CA ARG F 122 -33.41 48.26 -3.30
C ARG F 122 -32.19 48.50 -4.16
N HIS F 123 -31.25 47.56 -4.19
CA HIS F 123 -30.07 47.69 -5.03
C HIS F 123 -29.78 46.35 -5.69
N VAL F 124 -29.01 46.42 -6.77
CA VAL F 124 -28.58 45.23 -7.52
C VAL F 124 -27.11 45.42 -7.87
N TYR F 125 -26.26 44.54 -7.35
CA TYR F 125 -24.82 44.63 -7.60
C TYR F 125 -24.28 43.25 -7.98
N HIS F 126 -22.98 43.19 -8.24
CA HIS F 126 -22.33 42.02 -8.80
C HIS F 126 -21.19 41.55 -7.91
N VAL F 127 -21.20 40.26 -7.57
CA VAL F 127 -20.17 39.68 -6.71
C VAL F 127 -19.73 38.34 -7.27
N VAL F 128 -18.57 37.88 -6.82
CA VAL F 128 -18.00 36.60 -7.21
C VAL F 128 -17.76 35.78 -5.95
N LEU F 129 -18.18 34.52 -5.97
CA LEU F 129 -17.92 33.62 -4.85
C LEU F 129 -16.43 33.32 -4.76
N GLN F 130 -15.81 33.72 -3.67
CA GLN F 130 -14.38 33.53 -3.48
C GLN F 130 -14.06 32.11 -3.03
N LEU F 131 -12.78 31.78 -3.02
CA LEU F 131 -12.34 30.43 -2.70
C LEU F 131 -12.52 30.08 -1.22
N ASN F 132 -12.78 31.06 -0.36
CA ASN F 132 -13.16 30.81 1.01
C ASN F 132 -14.66 30.61 1.16
N ASN F 133 -15.37 30.51 0.03
CA ASN F 133 -16.83 30.31 0.02
C ASN F 133 -17.59 31.51 0.61
N LEU F 134 -16.94 32.67 0.63
CA LEU F 134 -17.58 33.92 1.06
C LEU F 134 -17.74 34.85 -0.15
N ILE F 135 -18.66 35.81 0.00
CA ILE F 135 -18.83 36.88 -0.97
C ILE F 135 -18.60 38.20 -0.26
N TYR F 136 -17.97 39.14 -0.97
CA TYR F 136 -17.74 40.49 -0.46
C TYR F 136 -18.91 41.35 -0.97
N ALA F 137 -19.99 41.39 -0.20
CA ALA F 137 -21.23 42.04 -0.60
C ALA F 137 -21.49 43.28 0.27
N SER F 138 -22.76 43.66 0.37
CA SER F 138 -23.16 44.83 1.15
C SER F 138 -24.61 44.63 1.58
N PHE F 139 -24.81 44.32 2.86
CA PHE F 139 -26.14 44.07 3.40
C PHE F 139 -26.30 44.77 4.75
N LEU F 140 -27.49 45.27 5.00
CA LEU F 140 -27.90 45.81 6.29
C LEU F 140 -28.95 44.89 6.90
N ASN F 141 -29.39 45.21 8.12
CA ASN F 141 -30.37 44.37 8.78
C ASN F 141 -31.69 44.39 8.01
N GLY F 142 -32.31 43.23 7.90
CA GLY F 142 -33.53 43.06 7.12
C GLY F 142 -33.31 42.56 5.71
N ALA F 143 -32.05 42.43 5.27
CA ALA F 143 -31.75 42.02 3.91
C ALA F 143 -31.67 40.51 3.74
N CYS F 144 -31.68 39.74 4.84
CA CYS F 144 -31.58 38.30 4.73
C CYS F 144 -32.76 37.75 3.93
N GLY F 145 -32.44 36.82 3.04
CA GLY F 145 -33.39 36.34 2.06
C GLY F 145 -33.16 36.86 0.66
N SER F 146 -32.35 37.91 0.51
CA SER F 146 -32.00 38.39 -0.81
C SER F 146 -31.23 37.30 -1.56
N VAL F 147 -31.46 37.21 -2.85
CA VAL F 147 -30.99 36.08 -3.65
C VAL F 147 -29.90 36.55 -4.61
N GLY F 148 -28.97 35.63 -4.89
CA GLY F 148 -28.04 35.78 -6.00
C GLY F 148 -28.48 34.89 -7.13
N TYR F 149 -28.35 35.40 -8.36
CA TYR F 149 -28.97 34.74 -9.50
C TYR F 149 -28.21 35.09 -10.77
N THR F 150 -28.36 34.22 -11.77
CA THR F 150 -27.97 34.49 -13.15
C THR F 150 -29.14 34.12 -14.05
N LEU F 151 -29.02 34.47 -15.33
CA LEU F 151 -30.08 34.20 -16.30
C LEU F 151 -29.46 33.71 -17.60
N LYS F 152 -29.97 32.59 -18.11
CA LYS F 152 -29.60 32.08 -19.43
C LYS F 152 -30.88 32.03 -20.26
N GLY F 153 -31.09 33.03 -21.10
CA GLY F 153 -32.30 33.07 -21.91
C GLY F 153 -33.54 33.32 -21.07
N LYS F 154 -34.38 32.29 -20.92
CA LYS F 154 -35.64 32.45 -20.19
C LYS F 154 -35.60 31.86 -18.80
N THR F 155 -34.61 31.02 -18.50
CA THR F 155 -34.54 30.34 -17.22
C THR F 155 -33.89 31.22 -16.16
N LEU F 156 -34.45 31.18 -14.95
CA LEU F 156 -33.90 31.87 -13.80
C LEU F 156 -33.04 30.91 -13.00
N TYR F 157 -31.74 31.16 -12.95
CA TYR F 157 -30.80 30.32 -12.22
C TYR F 157 -30.51 30.95 -10.86
N LEU F 158 -31.02 30.34 -9.80
CA LEU F 158 -30.84 30.83 -8.43
C LEU F 158 -29.67 30.11 -7.77
N HIS F 159 -28.76 30.88 -7.18
CA HIS F 159 -27.51 30.35 -6.62
C HIS F 159 -27.28 30.66 -5.16
N TYR F 160 -27.99 31.62 -4.58
CA TYR F 160 -27.60 32.10 -3.26
C TYR F 160 -28.80 32.74 -2.57
N MET F 161 -28.79 32.67 -1.24
CA MET F 161 -29.74 33.39 -0.39
C MET F 161 -28.99 33.82 0.88
N HIS F 162 -29.05 35.11 1.19
CA HIS F 162 -28.18 35.68 2.22
C HIS F 162 -28.61 35.24 3.62
N HIS F 163 -27.62 35.12 4.51
CA HIS F 163 -27.85 34.63 5.86
C HIS F 163 -27.11 35.46 6.92
N ILE F 164 -25.80 35.63 6.75
CA ILE F 164 -24.95 36.10 7.83
C ILE F 164 -23.84 37.01 7.29
N GLU F 165 -23.40 37.94 8.13
CA GLU F 165 -22.29 38.83 7.83
C GLU F 165 -21.24 38.71 8.92
N PHE F 166 -19.97 38.63 8.52
CA PHE F 166 -18.87 38.45 9.47
C PHE F 166 -18.19 39.80 9.73
N ASN F 167 -17.20 39.78 10.62
CA ASN F 167 -16.60 41.03 11.09
C ASN F 167 -15.68 41.68 10.07
N ASN F 168 -15.29 40.97 9.01
CA ASN F 168 -14.43 41.53 7.98
C ASN F 168 -15.20 41.91 6.71
N LYS F 169 -16.43 42.38 6.87
CA LYS F 169 -17.31 42.75 5.76
C LYS F 169 -17.48 41.59 4.76
N THR F 170 -17.49 40.36 5.25
CA THR F 170 -17.74 39.19 4.43
C THR F 170 -19.14 38.65 4.70
N HIS F 171 -19.71 38.00 3.70
CA HIS F 171 -21.07 37.48 3.78
C HIS F 171 -21.08 36.03 3.33
N SER F 172 -22.00 35.25 3.92
CA SER F 172 -22.14 33.84 3.58
C SER F 172 -23.59 33.43 3.69
N GLY F 173 -23.98 32.42 2.93
CA GLY F 173 -25.36 32.00 2.94
C GLY F 173 -25.54 30.61 2.38
N THR F 174 -26.77 30.31 1.98
CA THR F 174 -27.13 29.00 1.49
C THR F 174 -27.21 29.02 -0.03
N ASP F 175 -27.31 27.82 -0.58
CA ASP F 175 -27.92 27.75 -1.90
C ASP F 175 -29.42 27.54 -1.72
N LEU F 176 -30.15 27.61 -2.83
CA LEU F 176 -31.60 27.52 -2.74
C LEU F 176 -32.08 26.13 -2.33
N GLU F 177 -31.19 25.13 -2.33
CA GLU F 177 -31.49 23.82 -1.79
C GLU F 177 -31.24 23.71 -0.30
N GLY F 178 -30.66 24.75 0.31
CA GLY F 178 -30.58 24.87 1.76
C GLY F 178 -29.20 24.64 2.35
N ASN F 179 -28.18 24.38 1.55
CA ASN F 179 -26.86 24.06 2.07
C ASN F 179 -25.92 25.24 1.96
N PHE F 180 -25.21 25.53 3.04
CA PHE F 180 -24.32 26.67 3.07
C PHE F 180 -23.19 26.51 2.06
N TYR F 181 -22.57 27.64 1.74
CA TYR F 181 -21.31 27.67 0.99
C TYR F 181 -20.18 27.73 2.00
N GLY F 182 -19.45 26.63 2.15
CA GLY F 182 -18.34 26.58 3.09
C GLY F 182 -18.76 26.10 4.46
N PRO F 183 -17.85 26.17 5.41
CA PRO F 183 -18.11 25.58 6.73
C PRO F 183 -18.88 26.49 7.66
N TYR F 184 -19.52 27.51 7.09
CA TYR F 184 -20.18 28.53 7.89
C TYR F 184 -21.63 28.14 8.17
N VAL F 185 -22.15 28.61 9.31
CA VAL F 185 -23.51 28.32 9.73
C VAL F 185 -24.14 29.61 10.24
N ASP F 186 -25.46 29.57 10.42
CA ASP F 186 -26.24 30.74 10.81
C ASP F 186 -26.29 30.89 12.34
N GLU F 187 -25.10 30.96 12.93
CA GLU F 187 -24.93 31.19 14.36
C GLU F 187 -24.03 32.41 14.57
N GLU F 188 -24.47 33.33 15.42
CA GLU F 188 -23.68 34.54 15.69
C GLU F 188 -22.49 34.18 16.58
N VAL F 189 -21.59 33.40 16.01
CA VAL F 189 -20.42 32.86 16.69
C VAL F 189 -19.19 33.17 15.85
N ILE F 190 -18.05 33.40 16.52
CA ILE F 190 -16.79 33.58 15.81
C ILE F 190 -16.45 32.27 15.10
N GLN F 191 -16.46 32.28 13.78
CA GLN F 191 -16.21 31.08 12.97
C GLN F 191 -14.95 31.27 12.16
N GLN F 192 -14.06 30.28 12.19
CA GLN F 192 -12.80 30.39 11.48
C GLN F 192 -13.04 30.41 9.97
N GLN F 193 -12.28 31.26 9.28
CA GLN F 193 -12.35 31.38 7.83
C GLN F 193 -11.06 30.88 7.21
N THR F 194 -11.18 30.24 6.04
CA THR F 194 -10.02 29.87 5.27
C THR F 194 -9.23 31.12 4.88
N ALA F 195 -7.92 30.97 4.80
CA ALA F 195 -7.07 32.07 4.35
C ALA F 195 -7.42 32.44 2.90
N PHE F 196 -7.52 33.75 2.65
CA PHE F 196 -7.93 34.21 1.33
C PHE F 196 -6.95 33.76 0.26
N GLN F 197 -7.49 33.44 -0.92
CA GLN F 197 -6.69 33.02 -2.05
C GLN F 197 -7.27 33.63 -3.32
N TYR F 198 -6.41 34.30 -4.10
CA TYR F 198 -6.85 34.92 -5.34
C TYR F 198 -7.23 33.86 -6.37
N TYR F 199 -8.44 33.99 -6.91
CA TYR F 199 -8.86 33.16 -8.04
C TYR F 199 -8.10 33.60 -9.27
N THR F 200 -7.01 32.90 -9.59
CA THR F 200 -6.06 33.39 -10.59
C THR F 200 -6.70 33.59 -11.96
N ASP F 201 -7.65 32.73 -12.34
CA ASP F 201 -8.30 32.87 -13.64
C ASP F 201 -9.01 34.22 -13.76
N ASN F 202 -9.67 34.66 -12.68
CA ASN F 202 -10.34 35.95 -12.73
C ASN F 202 -9.35 37.09 -12.70
N VAL F 203 -8.20 36.91 -12.05
CA VAL F 203 -7.17 37.94 -12.07
C VAL F 203 -6.55 38.03 -13.46
N VAL F 204 -6.36 36.90 -14.13
CA VAL F 204 -5.84 36.92 -15.50
C VAL F 204 -6.82 37.64 -16.42
N ALA F 205 -8.12 37.41 -16.21
CA ALA F 205 -9.13 38.06 -17.05
C ALA F 205 -9.17 39.57 -16.82
N GLN F 206 -8.98 40.00 -15.57
CA GLN F 206 -9.06 41.42 -15.26
C GLN F 206 -7.95 42.20 -15.95
N LEU F 207 -6.74 41.64 -15.99
CA LEU F 207 -5.63 42.33 -16.65
C LEU F 207 -5.80 42.33 -18.16
N TYR F 208 -6.46 41.31 -18.72
CA TYR F 208 -6.79 41.32 -20.14
C TYR F 208 -7.86 42.37 -20.44
N ALA F 209 -8.80 42.56 -19.50
CA ALA F 209 -9.85 43.56 -19.66
C ALA F 209 -9.26 44.97 -19.68
N HIS F 210 -8.16 45.19 -18.96
CA HIS F 210 -7.52 46.49 -19.02
C HIS F 210 -6.84 46.70 -20.36
N LEU F 211 -6.20 45.66 -20.89
CA LEU F 211 -5.44 45.80 -22.13
C LEU F 211 -6.33 45.92 -23.37
N LEU F 212 -7.60 45.53 -23.27
CA LEU F 212 -8.51 45.60 -24.40
C LEU F 212 -9.43 46.80 -24.36
N THR F 213 -9.36 47.62 -23.30
CA THR F 213 -10.22 48.80 -23.20
C THR F 213 -9.41 50.05 -22.88
N VAL F 214 -8.55 49.96 -21.87
CA VAL F 214 -7.85 51.14 -21.37
C VAL F 214 -6.55 51.36 -22.14
N ASP F 215 -5.56 50.50 -21.91
CA ASP F 215 -4.23 50.67 -22.47
C ASP F 215 -3.72 49.36 -23.01
N ALA F 216 -3.44 49.31 -24.32
CA ALA F 216 -2.94 48.08 -24.93
C ALA F 216 -1.53 47.75 -24.48
N ARG F 217 -0.68 48.77 -24.35
CA ARG F 217 0.72 48.59 -23.95
C ARG F 217 1.01 49.48 -22.74
N PRO F 218 0.57 49.09 -21.56
CA PRO F 218 0.88 49.87 -20.35
C PRO F 218 2.32 49.65 -19.91
N LYS F 219 2.75 50.48 -18.95
CA LYS F 219 4.13 50.44 -18.49
C LYS F 219 4.39 49.32 -17.49
N TRP F 220 3.38 48.86 -16.77
CA TRP F 220 3.54 47.86 -15.72
C TRP F 220 3.49 46.42 -16.24
N LEU F 221 3.10 46.22 -17.50
CA LEU F 221 3.07 44.88 -18.04
C LEU F 221 4.49 44.35 -18.24
N ALA F 222 4.70 43.09 -17.86
CA ALA F 222 6.04 42.50 -17.90
C ALA F 222 6.55 42.39 -19.33
N GLN F 223 7.86 42.60 -19.50
CA GLN F 223 8.48 42.45 -20.82
C GLN F 223 8.75 40.98 -21.15
N SER F 224 9.20 40.20 -20.16
CA SER F 224 9.49 38.79 -20.36
C SER F 224 8.35 37.93 -19.80
N GLN F 225 8.35 36.67 -20.18
CA GLN F 225 7.31 35.72 -19.79
C GLN F 225 7.77 34.83 -18.65
N ILE F 226 6.82 34.20 -18.00
CA ILE F 226 7.09 33.12 -17.07
C ILE F 226 6.19 31.95 -17.42
N SER F 227 6.71 30.74 -17.25
CA SER F 227 5.95 29.54 -17.60
C SER F 227 4.76 29.37 -16.66
N ILE F 228 3.73 28.68 -17.16
CA ILE F 228 2.62 28.29 -16.29
C ILE F 228 3.12 27.38 -15.18
N GLU F 229 4.10 26.52 -15.50
CA GLU F 229 4.70 25.66 -14.50
C GLU F 229 5.41 26.47 -13.42
N ASP F 230 6.24 27.44 -13.83
CA ASP F 230 6.98 28.26 -12.87
C ASP F 230 6.04 29.14 -12.06
N PHE F 231 4.97 29.64 -12.68
CA PHE F 231 4.03 30.48 -11.94
C PHE F 231 3.33 29.69 -10.85
N ASN F 232 2.85 28.48 -11.17
CA ASN F 232 2.12 27.69 -10.19
C ASN F 232 2.99 27.31 -9.00
N SER F 233 4.31 27.23 -9.21
CA SER F 233 5.22 27.04 -8.09
C SER F 233 5.36 28.32 -7.28
N TRP F 234 5.24 29.47 -7.93
CA TRP F 234 5.20 30.75 -7.21
C TRP F 234 3.85 30.97 -6.56
N ALA F 235 2.78 30.43 -7.14
CA ALA F 235 1.44 30.65 -6.62
C ALA F 235 1.17 29.88 -5.33
N ALA F 236 1.92 28.80 -5.09
CA ALA F 236 1.73 28.02 -3.88
C ALA F 236 2.17 28.77 -2.62
N ASN F 237 2.97 29.83 -2.76
CA ASN F 237 3.47 30.58 -1.61
C ASN F 237 3.13 32.07 -1.72
N ASN F 238 2.13 32.43 -2.51
CA ASN F 238 1.73 33.82 -2.67
C ASN F 238 0.21 33.93 -2.73
N SER F 239 -0.50 32.94 -2.19
CA SER F 239 -1.96 32.97 -2.04
C SER F 239 -2.65 33.18 -3.39
N PHE F 240 -2.18 32.46 -4.40
CA PHE F 240 -2.82 32.41 -5.71
C PHE F 240 -3.17 30.97 -6.02
N ALA F 241 -4.38 30.76 -6.53
CA ALA F 241 -4.82 29.41 -6.86
C ALA F 241 -4.02 28.86 -8.04
N ASN F 242 -4.03 27.54 -8.18
CA ASN F 242 -3.30 26.91 -9.27
C ASN F 242 -3.97 27.22 -10.60
N PHE F 243 -3.16 27.64 -11.58
CA PHE F 243 -3.65 28.05 -12.89
C PHE F 243 -3.56 26.89 -13.87
N PRO F 244 -4.64 26.60 -14.62
CA PRO F 244 -5.92 27.31 -14.54
C PRO F 244 -6.89 26.71 -13.52
N CYS F 245 -7.62 27.56 -12.81
CA CYS F 245 -8.59 27.07 -11.84
C CYS F 245 -9.68 26.24 -12.51
N GLU F 246 -10.15 26.68 -13.67
CA GLU F 246 -11.11 25.91 -14.47
C GLU F 246 -10.57 25.66 -15.85
N GLN F 247 -10.57 24.40 -16.29
CA GLN F 247 -10.00 24.07 -17.59
C GLN F 247 -10.81 24.69 -18.71
N THR F 248 -12.11 24.92 -18.50
CA THR F 248 -12.95 25.55 -19.50
C THR F 248 -12.71 27.05 -19.61
N ASN F 249 -11.97 27.64 -18.68
CA ASN F 249 -11.61 29.05 -18.79
C ASN F 249 -10.48 29.28 -19.77
N MET F 250 -9.71 28.24 -20.10
CA MET F 250 -8.59 28.39 -21.03
C MET F 250 -9.07 28.77 -22.42
N SER F 251 -10.25 28.28 -22.84
CA SER F 251 -10.77 28.66 -24.15
C SER F 251 -11.03 30.15 -24.22
N TYR F 252 -11.48 30.77 -23.13
CA TYR F 252 -11.69 32.21 -23.12
C TYR F 252 -10.36 32.95 -23.02
N ILE F 253 -9.45 32.47 -22.18
CA ILE F 253 -8.17 33.15 -22.00
C ILE F 253 -7.34 33.07 -23.28
N MET F 254 -7.31 31.91 -23.92
CA MET F 254 -6.65 31.79 -25.23
C MET F 254 -7.35 32.62 -26.28
N GLY F 255 -8.65 32.89 -26.12
CA GLY F 255 -9.33 33.81 -27.01
C GLY F 255 -8.84 35.24 -26.83
N LEU F 256 -8.78 35.69 -25.57
CA LEU F 256 -8.24 37.02 -25.28
C LEU F 256 -6.74 37.10 -25.51
N SER F 257 -6.06 35.95 -25.51
CA SER F 257 -4.64 35.95 -25.86
C SER F 257 -4.42 36.49 -27.27
N GLN F 258 -5.28 36.12 -28.21
CA GLN F 258 -5.04 36.50 -29.60
C GLN F 258 -5.58 37.90 -29.91
N THR F 259 -6.69 38.31 -29.29
CA THR F 259 -7.23 39.64 -29.57
C THR F 259 -6.35 40.73 -28.98
N ALA F 260 -5.70 40.46 -27.85
CA ALA F 260 -4.77 41.42 -27.24
C ALA F 260 -3.34 41.23 -27.71
N ARG F 261 -3.04 40.13 -28.40
CA ARG F 261 -1.71 39.81 -28.91
C ARG F 261 -0.67 39.66 -27.80
N VAL F 262 -1.11 39.37 -26.58
CA VAL F 262 -0.24 39.20 -25.43
C VAL F 262 -0.45 37.79 -24.89
N PRO F 263 0.54 36.90 -24.93
CA PRO F 263 0.33 35.54 -24.42
C PRO F 263 0.17 35.54 -22.90
N VAL F 264 -0.61 34.55 -22.42
CA VAL F 264 -0.98 34.49 -21.01
C VAL F 264 0.26 34.44 -20.12
N GLU F 265 1.37 33.90 -20.63
CA GLU F 265 2.59 33.81 -19.83
C GLU F 265 3.13 35.18 -19.45
N ARG F 266 2.92 36.19 -20.30
CA ARG F 266 3.38 37.54 -19.96
C ARG F 266 2.51 38.17 -18.88
N ILE F 267 1.23 37.79 -18.82
CA ILE F 267 0.34 38.34 -17.79
C ILE F 267 0.53 37.61 -16.47
N LEU F 268 0.81 36.31 -16.50
CA LEU F 268 1.16 35.62 -15.27
C LEU F 268 2.42 36.22 -14.65
N ASN F 269 3.44 36.49 -15.48
CA ASN F 269 4.62 37.19 -15.00
C ASN F 269 4.28 38.61 -14.54
N THR F 270 3.33 39.26 -15.21
CA THR F 270 2.88 40.58 -14.78
C THR F 270 2.24 40.50 -13.40
N ILE F 271 1.49 39.44 -13.12
CA ILE F 271 0.89 39.25 -11.81
C ILE F 271 1.97 39.19 -10.74
N ILE F 272 3.03 38.41 -10.99
CA ILE F 272 4.10 38.23 -10.01
C ILE F 272 4.79 39.56 -9.71
N GLN F 273 5.22 40.26 -10.76
CA GLN F 273 6.00 41.48 -10.55
C GLN F 273 5.19 42.57 -9.86
N LEU F 274 3.88 42.62 -10.10
CA LEU F 274 3.07 43.65 -9.46
C LEU F 274 2.85 43.39 -7.98
N THR F 275 2.98 42.14 -7.53
CA THR F 275 2.90 41.89 -6.09
C THR F 275 4.16 42.36 -5.38
N THR F 276 5.30 42.35 -6.08
CA THR F 276 6.54 42.86 -5.53
C THR F 276 6.47 44.38 -5.48
N ASN F 277 6.60 45.03 -6.63
CA ASN F 277 6.43 46.46 -6.75
C ASN F 277 5.19 46.71 -7.58
N ARG F 278 4.17 47.33 -6.98
CA ARG F 278 2.88 47.44 -7.63
C ARG F 278 2.86 48.60 -8.61
N ASP F 279 4.03 48.98 -9.13
CA ASP F 279 4.19 50.17 -9.96
C ASP F 279 3.52 51.36 -9.29
N GLY F 280 3.86 51.53 -8.01
CA GLY F 280 3.10 52.42 -7.16
C GLY F 280 1.77 51.75 -6.85
N ALA F 281 0.75 52.07 -7.65
CA ALA F 281 -0.56 51.45 -7.55
C ALA F 281 -1.22 51.57 -8.93
N CYS F 282 -0.77 50.72 -9.86
CA CYS F 282 -1.29 50.74 -11.22
C CYS F 282 -2.79 50.43 -11.23
N ILE F 283 -3.56 51.26 -11.93
CA ILE F 283 -5.01 51.12 -11.97
C ILE F 283 -5.38 50.29 -13.19
N MET F 284 -5.77 49.04 -12.96
CA MET F 284 -6.25 48.15 -14.01
C MET F 284 -7.77 48.16 -14.10
N GLY F 285 -8.35 49.35 -14.02
CA GLY F 285 -9.77 49.55 -13.83
C GLY F 285 -10.12 49.71 -12.37
N SER F 286 -9.46 48.93 -11.51
CA SER F 286 -9.54 49.04 -10.06
C SER F 286 -8.14 49.34 -9.51
N TYR F 287 -8.00 49.23 -8.19
CA TYR F 287 -6.76 49.60 -7.51
C TYR F 287 -5.88 48.42 -7.13
N ASP F 288 -6.37 47.18 -7.28
CA ASP F 288 -5.61 46.01 -6.86
C ASP F 288 -5.99 44.77 -7.67
N PHE F 289 -5.91 43.60 -7.05
CA PHE F 289 -6.25 42.34 -7.69
C PHE F 289 -7.68 41.97 -7.31
N GLU F 290 -8.60 42.08 -8.27
CA GLU F 290 -9.99 41.75 -8.07
C GLU F 290 -10.31 40.45 -8.80
N CYS F 291 -11.17 39.64 -8.19
CA CYS F 291 -11.64 38.41 -8.82
C CYS F 291 -13.05 38.58 -9.38
N ASP F 292 -13.48 39.83 -9.62
CA ASP F 292 -14.82 40.09 -10.11
C ASP F 292 -14.95 39.92 -11.60
N TRP F 293 -13.84 39.90 -12.34
CA TRP F 293 -13.87 39.80 -13.79
C TRP F 293 -13.61 38.35 -14.18
N THR F 294 -14.65 37.66 -14.65
CA THR F 294 -14.52 36.28 -15.11
C THR F 294 -14.04 36.25 -16.56
N PRO F 295 -13.26 35.22 -16.92
CA PRO F 295 -12.80 35.13 -18.32
C PRO F 295 -13.92 35.02 -19.33
N GLU F 296 -15.08 34.48 -18.94
CA GLU F 296 -16.17 34.39 -19.89
C GLU F 296 -16.93 35.70 -20.03
N MET F 297 -17.00 36.50 -18.96
CA MET F 297 -17.66 37.79 -19.08
C MET F 297 -16.81 38.76 -19.88
N VAL F 298 -15.48 38.64 -19.77
CA VAL F 298 -14.59 39.52 -20.53
C VAL F 298 -14.57 39.13 -22.01
N TYR F 299 -14.62 37.83 -22.30
CA TYR F 299 -14.55 37.36 -23.69
C TYR F 299 -15.87 37.57 -24.42
N ASN F 300 -16.96 36.99 -23.89
CA ASN F 300 -18.25 37.10 -24.55
C ASN F 300 -18.76 38.53 -24.51
N GLN F 301 -18.92 39.07 -23.31
CA GLN F 301 -19.33 40.46 -23.10
C GLN F 301 -20.65 40.76 -23.80
#